data_4PZ5
# 
_entry.id   4PZ5 
# 
_audit_conform.dict_name       mmcif_pdbx.dic 
_audit_conform.dict_version    5.397 
_audit_conform.dict_location   http://mmcif.pdb.org/dictionaries/ascii/mmcif_pdbx.dic 
# 
loop_
_database_2.database_id 
_database_2.database_code 
_database_2.pdbx_database_accession 
_database_2.pdbx_DOI 
PDB   4PZ5         pdb_00004pz5 10.2210/pdb4pz5/pdb 
RCSB  RCSB085401   ?            ?                   
WWPDB D_1000085401 ?            ?                   
# 
loop_
_pdbx_audit_revision_history.ordinal 
_pdbx_audit_revision_history.data_content_type 
_pdbx_audit_revision_history.major_revision 
_pdbx_audit_revision_history.minor_revision 
_pdbx_audit_revision_history.revision_date 
1 'Structure model' 1 0 2014-07-02 
2 'Structure model' 1 1 2014-07-23 
3 'Structure model' 1 2 2014-08-27 
4 'Structure model' 1 3 2019-07-17 
5 'Structure model' 1 4 2020-01-29 
6 'Structure model' 1 5 2023-09-20 
7 'Structure model' 1 6 2024-10-16 
# 
_pdbx_audit_revision_details.ordinal             1 
_pdbx_audit_revision_details.revision_ordinal    1 
_pdbx_audit_revision_details.data_content_type   'Structure model' 
_pdbx_audit_revision_details.provider            repository 
_pdbx_audit_revision_details.type                'Initial release' 
_pdbx_audit_revision_details.description         ? 
_pdbx_audit_revision_details.details             ? 
# 
loop_
_pdbx_audit_revision_group.ordinal 
_pdbx_audit_revision_group.revision_ordinal 
_pdbx_audit_revision_group.data_content_type 
_pdbx_audit_revision_group.group 
1  2 'Structure model' 'Database references'    
2  3 'Structure model' 'Database references'    
3  4 'Structure model' 'Data collection'        
4  4 'Structure model' 'Derived calculations'   
5  4 'Structure model' 'Refinement description' 
6  5 'Structure model' 'Data collection'        
7  5 'Structure model' 'Database references'    
8  6 'Structure model' 'Data collection'        
9  6 'Structure model' 'Database references'    
10 6 'Structure model' 'Refinement description' 
11 7 'Structure model' 'Structure summary'      
# 
loop_
_pdbx_audit_revision_category.ordinal 
_pdbx_audit_revision_category.revision_ordinal 
_pdbx_audit_revision_category.data_content_type 
_pdbx_audit_revision_category.category 
1  4 'Structure model' software                      
2  4 'Structure model' struct_conn                   
3  5 'Structure model' reflns                        
4  5 'Structure model' reflns_shell                  
5  5 'Structure model' struct_ref_seq_dif            
6  6 'Structure model' chem_comp_atom                
7  6 'Structure model' chem_comp_bond                
8  6 'Structure model' database_2                    
9  6 'Structure model' pdbx_initial_refinement_model 
10 7 'Structure model' pdbx_entry_details            
11 7 'Structure model' pdbx_modification_feature     
# 
loop_
_pdbx_audit_revision_item.ordinal 
_pdbx_audit_revision_item.revision_ordinal 
_pdbx_audit_revision_item.data_content_type 
_pdbx_audit_revision_item.item 
1 4 'Structure model' '_software.classification'            
2 4 'Structure model' '_software.name'                      
3 4 'Structure model' '_software.version'                   
4 4 'Structure model' '_struct_conn.pdbx_leaving_atom_flag' 
5 5 'Structure model' '_reflns.pdbx_Rmerge_I_obs'           
6 5 'Structure model' '_reflns_shell.Rmerge_I_obs'          
7 5 'Structure model' '_struct_ref_seq_dif.details'         
8 6 'Structure model' '_database_2.pdbx_DOI'                
9 6 'Structure model' '_database_2.pdbx_database_accession' 
# 
_pdbx_database_status.status_code                     REL 
_pdbx_database_status.entry_id                        4PZ5 
_pdbx_database_status.recvd_initial_deposition_date   2014-03-28 
_pdbx_database_status.deposit_site                    RCSB 
_pdbx_database_status.process_site                    RCSB 
_pdbx_database_status.status_code_sf                  REL 
_pdbx_database_status.status_code_mr                  ? 
_pdbx_database_status.SG_entry                        ? 
_pdbx_database_status.status_code_cs                  ? 
_pdbx_database_status.methods_development_category    ? 
_pdbx_database_status.pdb_format_compatible           Y 
_pdbx_database_status.status_code_nmr_data            ? 
# 
loop_
_audit_author.name 
_audit_author.pdbx_ordinal 
'Harris, G.'  1 
'Potts, J.R.' 2 
# 
_citation.id                        primary 
_citation.title                     
;Borrelia burgdorferi Protein BBK32 Binds to Soluble Fibronectin via the N-terminal 70-kDa Region, Causing Fibronectin to Undergo Conformational Extension.
;
_citation.journal_abbrev            J.Biol.Chem. 
_citation.journal_volume            289 
_citation.page_first                22490 
_citation.page_last                 22499 
_citation.year                      2014 
_citation.journal_id_ASTM           JBCHA3 
_citation.country                   US 
_citation.journal_id_ISSN           0021-9258 
_citation.journal_id_CSD            0071 
_citation.book_publisher            ? 
_citation.pdbx_database_id_PubMed   24962582 
_citation.pdbx_database_id_DOI      10.1074/jbc.M114.578419 
# 
loop_
_citation_author.citation_id 
_citation_author.name 
_citation_author.ordinal 
_citation_author.identifier_ORCID 
primary 'Harris, G.'   1 ? 
primary 'Ma, W.'       2 ? 
primary 'Maurer, L.M.' 3 ? 
primary 'Potts, J.R.'  4 ? 
primary 'Mosher, D.F.' 5 ? 
# 
loop_
_entity.id 
_entity.type 
_entity.src_method 
_entity.pdbx_description 
_entity.formula_weight 
_entity.pdbx_number_of_molecules 
_entity.pdbx_ec 
_entity.pdbx_mutation 
_entity.pdbx_fragment 
_entity.details 
1 polymer man Fibronectin                         10120.389 1   ? ? '2FN1-3FN1, UNP RESIDUES 93-182' ? 
2 polymer syn 'Fibronectin-binding protein BBK32' 1861.823  1   ? ? 'BBK32TwL, UNP RESIDUES 175-189' ? 
3 water   nat water                               18.015    129 ? ? ?                                ? 
# 
_entity_name_com.entity_id   1 
_entity_name_com.name        'FN, Cold-insoluble globulin, CIG, Anastellin, Ugl-Y1, Ugl-Y2, Ugl-Y3' 
# 
loop_
_entity_poly.entity_id 
_entity_poly.type 
_entity_poly.nstd_linkage 
_entity_poly.nstd_monomer 
_entity_poly.pdbx_seq_one_letter_code 
_entity_poly.pdbx_seq_one_letter_code_can 
_entity_poly.pdbx_strand_id 
_entity_poly.pdbx_target_identifier 
1 'polypeptide(L)' no no  
;AEETCFDKYTGNTYRVGDTYERPKDSMIWDCTCIGAGRGRISCTIANRCHEGGQSYKIGDTWRRPHETGGYMLECVCLGN
GKGEWTCKPI
;
;AEETCFDKYTGNTYRVGDTYERPKDSMIWDCTCIGAGRGRISCTIANRCHEGGQSYKIGDTWRRPHETGGYMLECVCLGN
GKGEWTCKPI
;
A ? 
2 'polypeptide(L)' no yes '(ACE)SISYTDEIEEEDYDQ'                                                                        
XSISYTDEIEEEDYDQ                                                                              B ? 
# 
_pdbx_entity_nonpoly.entity_id   3 
_pdbx_entity_nonpoly.name        water 
_pdbx_entity_nonpoly.comp_id     HOH 
# 
loop_
_entity_poly_seq.entity_id 
_entity_poly_seq.num 
_entity_poly_seq.mon_id 
_entity_poly_seq.hetero 
1 1  ALA n 
1 2  GLU n 
1 3  GLU n 
1 4  THR n 
1 5  CYS n 
1 6  PHE n 
1 7  ASP n 
1 8  LYS n 
1 9  TYR n 
1 10 THR n 
1 11 GLY n 
1 12 ASN n 
1 13 THR n 
1 14 TYR n 
1 15 ARG n 
1 16 VAL n 
1 17 GLY n 
1 18 ASP n 
1 19 THR n 
1 20 TYR n 
1 21 GLU n 
1 22 ARG n 
1 23 PRO n 
1 24 LYS n 
1 25 ASP n 
1 26 SER n 
1 27 MET n 
1 28 ILE n 
1 29 TRP n 
1 30 ASP n 
1 31 CYS n 
1 32 THR n 
1 33 CYS n 
1 34 ILE n 
1 35 GLY n 
1 36 ALA n 
1 37 GLY n 
1 38 ARG n 
1 39 GLY n 
1 40 ARG n 
1 41 ILE n 
1 42 SER n 
1 43 CYS n 
1 44 THR n 
1 45 ILE n 
1 46 ALA n 
1 47 ASN n 
1 48 ARG n 
1 49 CYS n 
1 50 HIS n 
1 51 GLU n 
1 52 GLY n 
1 53 GLY n 
1 54 GLN n 
1 55 SER n 
1 56 TYR n 
1 57 LYS n 
1 58 ILE n 
1 59 GLY n 
1 60 ASP n 
1 61 THR n 
1 62 TRP n 
1 63 ARG n 
1 64 ARG n 
1 65 PRO n 
1 66 HIS n 
1 67 GLU n 
1 68 THR n 
1 69 GLY n 
1 70 GLY n 
1 71 TYR n 
1 72 MET n 
1 73 LEU n 
1 74 GLU n 
1 75 CYS n 
1 76 VAL n 
1 77 CYS n 
1 78 LEU n 
1 79 GLY n 
1 80 ASN n 
1 81 GLY n 
1 82 LYS n 
1 83 GLY n 
1 84 GLU n 
1 85 TRP n 
1 86 THR n 
1 87 CYS n 
1 88 LYS n 
1 89 PRO n 
1 90 ILE n 
2 1  ACE n 
2 2  SER n 
2 3  ILE n 
2 4  SER n 
2 5  TYR n 
2 6  THR n 
2 7  ASP n 
2 8  GLU n 
2 9  ILE n 
2 10 GLU n 
2 11 GLU n 
2 12 GLU n 
2 13 ASP n 
2 14 TYR n 
2 15 ASP n 
2 16 GLN n 
# 
_entity_src_gen.entity_id                          1 
_entity_src_gen.pdbx_src_id                        1 
_entity_src_gen.pdbx_alt_source_flag               sample 
_entity_src_gen.pdbx_seq_type                      ? 
_entity_src_gen.pdbx_beg_seq_num                   ? 
_entity_src_gen.pdbx_end_seq_num                   ? 
_entity_src_gen.gene_src_common_name               human 
_entity_src_gen.gene_src_genus                     ? 
_entity_src_gen.pdbx_gene_src_gene                 'FN1, FN' 
_entity_src_gen.gene_src_species                   ? 
_entity_src_gen.gene_src_strain                    ? 
_entity_src_gen.gene_src_tissue                    ? 
_entity_src_gen.gene_src_tissue_fraction           ? 
_entity_src_gen.gene_src_details                   ? 
_entity_src_gen.pdbx_gene_src_fragment             ? 
_entity_src_gen.pdbx_gene_src_scientific_name      'Homo sapiens' 
_entity_src_gen.pdbx_gene_src_ncbi_taxonomy_id     9606 
_entity_src_gen.pdbx_gene_src_variant              ? 
_entity_src_gen.pdbx_gene_src_cell_line            ? 
_entity_src_gen.pdbx_gene_src_atcc                 ? 
_entity_src_gen.pdbx_gene_src_organ                ? 
_entity_src_gen.pdbx_gene_src_organelle            ? 
_entity_src_gen.pdbx_gene_src_cell                 ? 
_entity_src_gen.pdbx_gene_src_cellular_location    ? 
_entity_src_gen.host_org_common_name               ? 
_entity_src_gen.pdbx_host_org_scientific_name      'Pichia pastoris' 
_entity_src_gen.pdbx_host_org_ncbi_taxonomy_id     4922 
_entity_src_gen.host_org_genus                     ? 
_entity_src_gen.pdbx_host_org_gene                 ? 
_entity_src_gen.pdbx_host_org_organ                ? 
_entity_src_gen.host_org_species                   ? 
_entity_src_gen.pdbx_host_org_tissue               ? 
_entity_src_gen.pdbx_host_org_tissue_fraction      ? 
_entity_src_gen.pdbx_host_org_strain               ? 
_entity_src_gen.pdbx_host_org_variant              ? 
_entity_src_gen.pdbx_host_org_cell_line            ? 
_entity_src_gen.pdbx_host_org_atcc                 ? 
_entity_src_gen.pdbx_host_org_culture_collection   ? 
_entity_src_gen.pdbx_host_org_cell                 ? 
_entity_src_gen.pdbx_host_org_organelle            ? 
_entity_src_gen.pdbx_host_org_cellular_location    ? 
_entity_src_gen.pdbx_host_org_vector_type          ? 
_entity_src_gen.pdbx_host_org_vector               ? 
_entity_src_gen.host_org_details                   ? 
_entity_src_gen.expression_system_id               ? 
_entity_src_gen.plasmid_name                       ? 
_entity_src_gen.plasmid_details                    ? 
_entity_src_gen.pdbx_description                   ? 
# 
_pdbx_entity_src_syn.entity_id              2 
_pdbx_entity_src_syn.pdbx_src_id            1 
_pdbx_entity_src_syn.pdbx_alt_source_flag   sample 
_pdbx_entity_src_syn.pdbx_beg_seq_num       ? 
_pdbx_entity_src_syn.pdbx_end_seq_num       ? 
_pdbx_entity_src_syn.organism_scientific    'Borrelia burgdorferi' 
_pdbx_entity_src_syn.organism_common_name   ? 
_pdbx_entity_src_syn.ncbi_taxonomy_id       224326 
_pdbx_entity_src_syn.details                ? 
# 
loop_
_chem_comp.id 
_chem_comp.type 
_chem_comp.mon_nstd_flag 
_chem_comp.name 
_chem_comp.pdbx_synonyms 
_chem_comp.formula 
_chem_comp.formula_weight 
ACE non-polymer         . 'ACETYL GROUP'  ? 'C2 H4 O'        44.053  
ALA 'L-peptide linking' y ALANINE         ? 'C3 H7 N O2'     89.093  
ARG 'L-peptide linking' y ARGININE        ? 'C6 H15 N4 O2 1' 175.209 
ASN 'L-peptide linking' y ASPARAGINE      ? 'C4 H8 N2 O3'    132.118 
ASP 'L-peptide linking' y 'ASPARTIC ACID' ? 'C4 H7 N O4'     133.103 
CYS 'L-peptide linking' y CYSTEINE        ? 'C3 H7 N O2 S'   121.158 
GLN 'L-peptide linking' y GLUTAMINE       ? 'C5 H10 N2 O3'   146.144 
GLU 'L-peptide linking' y 'GLUTAMIC ACID' ? 'C5 H9 N O4'     147.129 
GLY 'peptide linking'   y GLYCINE         ? 'C2 H5 N O2'     75.067  
HIS 'L-peptide linking' y HISTIDINE       ? 'C6 H10 N3 O2 1' 156.162 
HOH non-polymer         . WATER           ? 'H2 O'           18.015  
ILE 'L-peptide linking' y ISOLEUCINE      ? 'C6 H13 N O2'    131.173 
LEU 'L-peptide linking' y LEUCINE         ? 'C6 H13 N O2'    131.173 
LYS 'L-peptide linking' y LYSINE          ? 'C6 H15 N2 O2 1' 147.195 
MET 'L-peptide linking' y METHIONINE      ? 'C5 H11 N O2 S'  149.211 
PHE 'L-peptide linking' y PHENYLALANINE   ? 'C9 H11 N O2'    165.189 
PRO 'L-peptide linking' y PROLINE         ? 'C5 H9 N O2'     115.130 
SER 'L-peptide linking' y SERINE          ? 'C3 H7 N O3'     105.093 
THR 'L-peptide linking' y THREONINE       ? 'C4 H9 N O3'     119.119 
TRP 'L-peptide linking' y TRYPTOPHAN      ? 'C11 H12 N2 O2'  204.225 
TYR 'L-peptide linking' y TYROSINE        ? 'C9 H11 N O3'    181.189 
VAL 'L-peptide linking' y VALINE          ? 'C5 H11 N O2'    117.146 
# 
loop_
_pdbx_poly_seq_scheme.asym_id 
_pdbx_poly_seq_scheme.entity_id 
_pdbx_poly_seq_scheme.seq_id 
_pdbx_poly_seq_scheme.mon_id 
_pdbx_poly_seq_scheme.ndb_seq_num 
_pdbx_poly_seq_scheme.pdb_seq_num 
_pdbx_poly_seq_scheme.auth_seq_num 
_pdbx_poly_seq_scheme.pdb_mon_id 
_pdbx_poly_seq_scheme.auth_mon_id 
_pdbx_poly_seq_scheme.pdb_strand_id 
_pdbx_poly_seq_scheme.pdb_ins_code 
_pdbx_poly_seq_scheme.hetero 
A 1 1  ALA 1  62  ?   ?   ?   A . n 
A 1 2  GLU 2  63  63  GLU GLU A . n 
A 1 3  GLU 3  64  64  GLU GLU A . n 
A 1 4  THR 4  65  65  THR THR A . n 
A 1 5  CYS 5  66  66  CYS CYS A . n 
A 1 6  PHE 6  67  67  PHE PHE A . n 
A 1 7  ASP 7  68  68  ASP ASP A . n 
A 1 8  LYS 8  69  69  LYS LYS A . n 
A 1 9  TYR 9  70  70  TYR TYR A . n 
A 1 10 THR 10 71  71  THR THR A . n 
A 1 11 GLY 11 72  72  GLY GLY A . n 
A 1 12 ASN 12 73  73  ASN ASN A . n 
A 1 13 THR 13 74  74  THR THR A . n 
A 1 14 TYR 14 75  75  TYR TYR A . n 
A 1 15 ARG 15 76  76  ARG ARG A . n 
A 1 16 VAL 16 77  77  VAL VAL A . n 
A 1 17 GLY 17 78  78  GLY GLY A . n 
A 1 18 ASP 18 79  79  ASP ASP A . n 
A 1 19 THR 19 80  80  THR THR A . n 
A 1 20 TYR 20 81  81  TYR TYR A . n 
A 1 21 GLU 21 82  82  GLU GLU A . n 
A 1 22 ARG 22 83  83  ARG ARG A . n 
A 1 23 PRO 23 84  84  PRO PRO A . n 
A 1 24 LYS 24 85  85  LYS LYS A . n 
A 1 25 ASP 25 86  86  ASP ASP A . n 
A 1 26 SER 26 87  87  SER SER A . n 
A 1 27 MET 27 88  88  MET MET A . n 
A 1 28 ILE 28 89  89  ILE ILE A . n 
A 1 29 TRP 29 90  90  TRP TRP A . n 
A 1 30 ASP 30 91  91  ASP ASP A . n 
A 1 31 CYS 31 92  92  CYS CYS A . n 
A 1 32 THR 32 93  93  THR THR A . n 
A 1 33 CYS 33 94  94  CYS CYS A . n 
A 1 34 ILE 34 95  95  ILE ILE A . n 
A 1 35 GLY 35 96  96  GLY GLY A . n 
A 1 36 ALA 36 97  97  ALA ALA A . n 
A 1 37 GLY 37 98  98  GLY GLY A . n 
A 1 38 ARG 38 99  99  ARG ARG A . n 
A 1 39 GLY 39 100 100 GLY GLY A . n 
A 1 40 ARG 40 101 101 ARG ARG A . n 
A 1 41 ILE 41 102 102 ILE ILE A . n 
A 1 42 SER 42 103 103 SER SER A . n 
A 1 43 CYS 43 104 104 CYS CYS A . n 
A 1 44 THR 44 105 105 THR THR A . n 
A 1 45 ILE 45 106 106 ILE ILE A . n 
A 1 46 ALA 46 107 107 ALA ALA A . n 
A 1 47 ASN 47 108 108 ASN ASN A . n 
A 1 48 ARG 48 109 109 ARG ARG A . n 
A 1 49 CYS 49 110 110 CYS CYS A . n 
A 1 50 HIS 50 111 111 HIS HIS A . n 
A 1 51 GLU 51 112 112 GLU GLU A . n 
A 1 52 GLY 52 113 113 GLY GLY A . n 
A 1 53 GLY 53 114 114 GLY GLY A . n 
A 1 54 GLN 54 115 115 GLN GLN A . n 
A 1 55 SER 55 116 116 SER SER A . n 
A 1 56 TYR 56 117 117 TYR TYR A . n 
A 1 57 LYS 57 118 118 LYS LYS A . n 
A 1 58 ILE 58 119 119 ILE ILE A . n 
A 1 59 GLY 59 120 120 GLY GLY A . n 
A 1 60 ASP 60 121 121 ASP ASP A . n 
A 1 61 THR 61 122 122 THR THR A . n 
A 1 62 TRP 62 123 123 TRP TRP A . n 
A 1 63 ARG 63 124 124 ARG ARG A . n 
A 1 64 ARG 64 125 125 ARG ARG A . n 
A 1 65 PRO 65 126 126 PRO PRO A . n 
A 1 66 HIS 66 127 127 HIS HIS A . n 
A 1 67 GLU 67 128 128 GLU GLU A . n 
A 1 68 THR 68 129 129 THR THR A . n 
A 1 69 GLY 69 130 130 GLY GLY A . n 
A 1 70 GLY 70 131 131 GLY GLY A . n 
A 1 71 TYR 71 132 132 TYR TYR A . n 
A 1 72 MET 72 133 133 MET MET A . n 
A 1 73 LEU 73 134 134 LEU LEU A . n 
A 1 74 GLU 74 135 135 GLU GLU A . n 
A 1 75 CYS 75 136 136 CYS CYS A . n 
A 1 76 VAL 76 137 137 VAL VAL A . n 
A 1 77 CYS 77 138 138 CYS CYS A . n 
A 1 78 LEU 78 139 139 LEU LEU A . n 
A 1 79 GLY 79 140 140 GLY GLY A . n 
A 1 80 ASN 80 141 141 ASN ASN A . n 
A 1 81 GLY 81 142 142 GLY GLY A . n 
A 1 82 LYS 82 143 143 LYS LYS A . n 
A 1 83 GLY 83 144 144 GLY GLY A . n 
A 1 84 GLU 84 145 145 GLU GLU A . n 
A 1 85 TRP 85 146 146 TRP TRP A . n 
A 1 86 THR 86 147 147 THR THR A . n 
A 1 87 CYS 87 148 148 CYS CYS A . n 
A 1 88 LYS 88 149 149 LYS LYS A . n 
A 1 89 PRO 89 150 150 PRO PRO A . n 
A 1 90 ILE 90 151 151 ILE ILE A . n 
B 2 1  ACE 1  174 174 ACE ACE B . n 
B 2 2  SER 2  175 175 SER SER B . n 
B 2 3  ILE 3  176 176 ILE ILE B . n 
B 2 4  SER 4  177 177 SER SER B . n 
B 2 5  TYR 5  178 178 TYR TYR B . n 
B 2 6  THR 6  179 179 THR THR B . n 
B 2 7  ASP 7  180 180 ASP ASP B . n 
B 2 8  GLU 8  181 181 GLU GLU B . n 
B 2 9  ILE 9  182 182 ILE ILE B . n 
B 2 10 GLU 10 183 183 GLU GLU B . n 
B 2 11 GLU 11 184 184 GLU GLU B . n 
B 2 12 GLU 12 185 185 GLU GLU B . n 
B 2 13 ASP 13 186 186 ASP ASP B . n 
B 2 14 TYR 14 187 187 TYR TYR B . n 
B 2 15 ASP 15 188 188 ASP ASP B . n 
B 2 16 GLN 16 189 ?   ?   ?   B . n 
# 
loop_
_pdbx_nonpoly_scheme.asym_id 
_pdbx_nonpoly_scheme.entity_id 
_pdbx_nonpoly_scheme.mon_id 
_pdbx_nonpoly_scheme.ndb_seq_num 
_pdbx_nonpoly_scheme.pdb_seq_num 
_pdbx_nonpoly_scheme.auth_seq_num 
_pdbx_nonpoly_scheme.pdb_mon_id 
_pdbx_nonpoly_scheme.auth_mon_id 
_pdbx_nonpoly_scheme.pdb_strand_id 
_pdbx_nonpoly_scheme.pdb_ins_code 
C 3 HOH 1  201 1   HOH HOH A . 
C 3 HOH 2  202 3   HOH HOH A . 
C 3 HOH 3  203 4   HOH HOH A . 
C 3 HOH 4  204 5   HOH HOH A . 
C 3 HOH 5  205 6   HOH HOH A . 
C 3 HOH 6  206 7   HOH HOH A . 
C 3 HOH 7  207 8   HOH HOH A . 
C 3 HOH 8  208 9   HOH HOH A . 
C 3 HOH 9  209 10  HOH HOH A . 
C 3 HOH 10 210 11  HOH HOH A . 
C 3 HOH 11 211 12  HOH HOH A . 
C 3 HOH 12 212 13  HOH HOH A . 
C 3 HOH 13 213 14  HOH HOH A . 
C 3 HOH 14 214 15  HOH HOH A . 
C 3 HOH 15 215 16  HOH HOH A . 
C 3 HOH 16 216 17  HOH HOH A . 
C 3 HOH 17 217 18  HOH HOH A . 
C 3 HOH 18 218 19  HOH HOH A . 
C 3 HOH 19 219 20  HOH HOH A . 
C 3 HOH 20 220 21  HOH HOH A . 
C 3 HOH 21 221 22  HOH HOH A . 
C 3 HOH 22 222 23  HOH HOH A . 
C 3 HOH 23 223 24  HOH HOH A . 
C 3 HOH 24 224 25  HOH HOH A . 
C 3 HOH 25 225 26  HOH HOH A . 
C 3 HOH 26 226 27  HOH HOH A . 
C 3 HOH 27 227 28  HOH HOH A . 
C 3 HOH 28 228 29  HOH HOH A . 
C 3 HOH 29 229 30  HOH HOH A . 
C 3 HOH 30 230 31  HOH HOH A . 
C 3 HOH 31 231 34  HOH HOH A . 
C 3 HOH 32 232 35  HOH HOH A . 
C 3 HOH 33 233 37  HOH HOH A . 
C 3 HOH 34 234 38  HOH HOH A . 
C 3 HOH 35 235 40  HOH HOH A . 
C 3 HOH 36 236 42  HOH HOH A . 
C 3 HOH 37 237 45  HOH HOH A . 
C 3 HOH 38 238 46  HOH HOH A . 
C 3 HOH 39 239 48  HOH HOH A . 
C 3 HOH 40 240 49  HOH HOH A . 
C 3 HOH 41 241 53  HOH HOH A . 
C 3 HOH 42 242 54  HOH HOH A . 
C 3 HOH 43 243 55  HOH HOH A . 
C 3 HOH 44 244 57  HOH HOH A . 
C 3 HOH 45 245 59  HOH HOH A . 
C 3 HOH 46 246 60  HOH HOH A . 
C 3 HOH 47 247 61  HOH HOH A . 
C 3 HOH 48 248 64  HOH HOH A . 
C 3 HOH 49 249 65  HOH HOH A . 
C 3 HOH 50 250 66  HOH HOH A . 
C 3 HOH 51 251 67  HOH HOH A . 
C 3 HOH 52 252 68  HOH HOH A . 
C 3 HOH 53 253 70  HOH HOH A . 
C 3 HOH 54 254 71  HOH HOH A . 
C 3 HOH 55 255 72  HOH HOH A . 
C 3 HOH 56 256 73  HOH HOH A . 
C 3 HOH 57 257 74  HOH HOH A . 
C 3 HOH 58 258 75  HOH HOH A . 
C 3 HOH 59 259 76  HOH HOH A . 
C 3 HOH 60 260 77  HOH HOH A . 
C 3 HOH 61 261 78  HOH HOH A . 
C 3 HOH 62 262 80  HOH HOH A . 
C 3 HOH 63 263 81  HOH HOH A . 
C 3 HOH 64 264 83  HOH HOH A . 
C 3 HOH 65 265 84  HOH HOH A . 
C 3 HOH 66 266 85  HOH HOH A . 
C 3 HOH 67 267 86  HOH HOH A . 
C 3 HOH 68 268 87  HOH HOH A . 
C 3 HOH 69 269 88  HOH HOH A . 
C 3 HOH 70 270 89  HOH HOH A . 
C 3 HOH 71 271 95  HOH HOH A . 
C 3 HOH 72 272 97  HOH HOH A . 
C 3 HOH 73 273 98  HOH HOH A . 
C 3 HOH 74 274 100 HOH HOH A . 
C 3 HOH 75 275 101 HOH HOH A . 
C 3 HOH 76 276 103 HOH HOH A . 
C 3 HOH 77 277 104 HOH HOH A . 
C 3 HOH 78 278 106 HOH HOH A . 
C 3 HOH 79 279 107 HOH HOH A . 
C 3 HOH 80 280 108 HOH HOH A . 
C 3 HOH 81 281 110 HOH HOH A . 
C 3 HOH 82 282 111 HOH HOH A . 
C 3 HOH 83 283 113 HOH HOH A . 
C 3 HOH 84 284 114 HOH HOH A . 
C 3 HOH 85 285 115 HOH HOH A . 
C 3 HOH 86 286 117 HOH HOH A . 
C 3 HOH 87 287 119 HOH HOH A . 
C 3 HOH 88 288 120 HOH HOH A . 
C 3 HOH 89 289 121 HOH HOH A . 
C 3 HOH 90 290 125 HOH HOH A . 
C 3 HOH 91 291 126 HOH HOH A . 
C 3 HOH 92 292 127 HOH HOH A . 
C 3 HOH 93 293 128 HOH HOH A . 
D 3 HOH 1  201 2   HOH HOH B . 
D 3 HOH 2  202 32  HOH HOH B . 
D 3 HOH 3  203 33  HOH HOH B . 
D 3 HOH 4  204 36  HOH HOH B . 
D 3 HOH 5  205 39  HOH HOH B . 
D 3 HOH 6  206 41  HOH HOH B . 
D 3 HOH 7  207 43  HOH HOH B . 
D 3 HOH 8  208 44  HOH HOH B . 
D 3 HOH 9  209 47  HOH HOH B . 
D 3 HOH 10 210 50  HOH HOH B . 
D 3 HOH 11 211 51  HOH HOH B . 
D 3 HOH 12 212 52  HOH HOH B . 
D 3 HOH 13 213 56  HOH HOH B . 
D 3 HOH 14 214 58  HOH HOH B . 
D 3 HOH 15 215 62  HOH HOH B . 
D 3 HOH 16 216 63  HOH HOH B . 
D 3 HOH 17 217 69  HOH HOH B . 
D 3 HOH 18 218 79  HOH HOH B . 
D 3 HOH 19 219 82  HOH HOH B . 
D 3 HOH 20 220 90  HOH HOH B . 
D 3 HOH 21 221 91  HOH HOH B . 
D 3 HOH 22 222 92  HOH HOH B . 
D 3 HOH 23 223 93  HOH HOH B . 
D 3 HOH 24 224 94  HOH HOH B . 
D 3 HOH 25 225 96  HOH HOH B . 
D 3 HOH 26 226 99  HOH HOH B . 
D 3 HOH 27 227 102 HOH HOH B . 
D 3 HOH 28 228 105 HOH HOH B . 
D 3 HOH 29 229 109 HOH HOH B . 
D 3 HOH 30 230 112 HOH HOH B . 
D 3 HOH 31 231 116 HOH HOH B . 
D 3 HOH 32 232 118 HOH HOH B . 
D 3 HOH 33 233 122 HOH HOH B . 
D 3 HOH 34 234 123 HOH HOH B . 
D 3 HOH 35 235 124 HOH HOH B . 
D 3 HOH 36 236 129 HOH HOH B . 
# 
loop_
_software.name 
_software.classification 
_software.version 
_software.citation_id 
_software.pdbx_ordinal 
PHENIX refinement        '(phenix.refine: 1.8.4_1496)' ? 1 
REFMAC refinement        .                             ? 2 
ADSC   'data collection' Quantum                       ? 3 
MOSFLM 'data reduction'  .                             ? 4 
SCALA  'data scaling'    .                             ? 5 
REFMAC phasing           .                             ? 6 
# 
_cell.entry_id           4PZ5 
_cell.length_a           86.580 
_cell.length_b           86.580 
_cell.length_c           63.570 
_cell.angle_alpha        90.00 
_cell.angle_beta         90.00 
_cell.angle_gamma        120.00 
_cell.Z_PDB              12 
_cell.pdbx_unique_axis   ? 
_cell.length_a_esd       ? 
_cell.length_b_esd       ? 
_cell.length_c_esd       ? 
_cell.angle_alpha_esd    ? 
_cell.angle_beta_esd     ? 
_cell.angle_gamma_esd    ? 
# 
_symmetry.entry_id                         4PZ5 
_symmetry.space_group_name_H-M             'P 65 2 2' 
_symmetry.pdbx_full_space_group_name_H-M   ? 
_symmetry.cell_setting                     ? 
_symmetry.Int_Tables_number                179 
_symmetry.space_group_name_Hall            ? 
# 
_exptl.entry_id          4PZ5 
_exptl.method            'X-RAY DIFFRACTION' 
_exptl.crystals_number   1 
# 
_exptl_crystal.id                    1 
_exptl_crystal.density_meas          ? 
_exptl_crystal.density_Matthews      2.87 
_exptl_crystal.density_percent_sol   57.14 
_exptl_crystal.description           ? 
_exptl_crystal.F_000                 ? 
_exptl_crystal.preparation           ? 
# 
_exptl_crystal_grow.crystal_id      1 
_exptl_crystal_grow.method          'VAPOR DIFFUSION, SITTING DROP' 
_exptl_crystal_grow.temp            291 
_exptl_crystal_grow.temp_details    ? 
_exptl_crystal_grow.pH              6.9 
_exptl_crystal_grow.pdbx_details    '1.4 M Na/K phosphate, pH 6.9, VAPOR DIFFUSION, SITTING DROP, temperature 291K' 
_exptl_crystal_grow.pdbx_pH_range   ? 
# 
_diffrn.id                     1 
_diffrn.ambient_temp           100 
_diffrn.ambient_temp_details   ? 
_diffrn.crystal_id             1 
# 
_diffrn_detector.diffrn_id              1 
_diffrn_detector.detector               CCD 
_diffrn_detector.type                   'ADSC QUANTUM 315r' 
_diffrn_detector.pdbx_collection_date   2007-02-23 
_diffrn_detector.details                ? 
# 
_diffrn_radiation.diffrn_id                        1 
_diffrn_radiation.wavelength_id                    1 
_diffrn_radiation.pdbx_monochromatic_or_laue_m_l   M 
_diffrn_radiation.monochromator                    'Si 111 Channel' 
_diffrn_radiation.pdbx_diffrn_protocol             'SINGLE WAVELENGTH' 
_diffrn_radiation.pdbx_scattering_type             x-ray 
# 
_diffrn_radiation_wavelength.id           1 
_diffrn_radiation_wavelength.wavelength   1.0039 
_diffrn_radiation_wavelength.wt           1.0 
# 
_diffrn_source.diffrn_id                   1 
_diffrn_source.source                      SYNCHROTRON 
_diffrn_source.type                        'ESRF BEAMLINE ID23-1' 
_diffrn_source.pdbx_synchrotron_site       ESRF 
_diffrn_source.pdbx_synchrotron_beamline   ID23-1 
_diffrn_source.pdbx_wavelength             ? 
_diffrn_source.pdbx_wavelength_list        1.0039 
# 
_reflns.entry_id                     4PZ5 
_reflns.observed_criterion_sigma_I   2.0 
_reflns.observed_criterion_sigma_F   0.0 
_reflns.d_resolution_low             48.49 
_reflns.d_resolution_high            1.96 
_reflns.number_obs                   10524 
_reflns.number_all                   10551 
_reflns.percent_possible_obs         99.8 
_reflns.pdbx_Rmerge_I_obs            0.104 
_reflns.pdbx_Rsym_value              ? 
_reflns.pdbx_netI_over_sigmaI        12.9 
_reflns.B_iso_Wilson_estimate        16.6 
_reflns.pdbx_redundancy              7.2 
_reflns.R_free_details               ? 
_reflns.limit_h_max                  ? 
_reflns.limit_h_min                  ? 
_reflns.limit_k_max                  ? 
_reflns.limit_k_min                  ? 
_reflns.limit_l_max                  ? 
_reflns.limit_l_min                  ? 
_reflns.observed_criterion_F_max     ? 
_reflns.observed_criterion_F_min     ? 
_reflns.pdbx_chi_squared             ? 
_reflns.pdbx_scaling_rejects         ? 
_reflns.pdbx_ordinal                 1 
_reflns.pdbx_diffrn_id               1 
_reflns.pdbx_CC_half                 ? 
_reflns.pdbx_Rpim_I_all              ? 
_reflns.pdbx_Rrim_I_all              ? 
# 
_reflns_shell.d_res_high             1.96 
_reflns_shell.d_res_low              2.03 
_reflns_shell.percent_possible_all   100.0 
_reflns_shell.Rmerge_I_obs           0.590 
_reflns_shell.pdbx_Rsym_value        ? 
_reflns_shell.meanI_over_sigI_obs    4.3 
_reflns_shell.pdbx_redundancy        7.0 
_reflns_shell.percent_possible_obs   ? 
_reflns_shell.number_unique_all      1033 
_reflns_shell.number_measured_all    ? 
_reflns_shell.number_measured_obs    ? 
_reflns_shell.number_unique_obs      ? 
_reflns_shell.pdbx_chi_squared       ? 
_reflns_shell.pdbx_ordinal           1 
_reflns_shell.pdbx_diffrn_id         1 
_reflns_shell.pdbx_CC_half           ? 
_reflns_shell.pdbx_Rpim_I_all        ? 
_reflns_shell.pdbx_Rrim_I_all        ? 
# 
_refine.entry_id                                 4PZ5 
_refine.ls_number_reflns_obs                     10524 
_refine.ls_number_reflns_all                     10551 
_refine.pdbx_ls_sigma_I                          2.0 
_refine.pdbx_ls_sigma_F                          1.34 
_refine.pdbx_data_cutoff_high_absF               ? 
_refine.pdbx_data_cutoff_low_absF                ? 
_refine.pdbx_data_cutoff_high_rms_absF           ? 
_refine.ls_d_res_low                             48.49 
_refine.ls_d_res_high                            1.96 
_refine.ls_percent_reflns_obs                    99.8 
_refine.ls_R_factor_obs                          0.1630 
_refine.ls_R_factor_all                          ? 
_refine.ls_R_factor_R_work                       0.1612 
_refine.ls_R_factor_R_free                       0.1990 
_refine.ls_R_factor_R_free_error                 ? 
_refine.ls_R_factor_R_free_error_details         ? 
_refine.ls_percent_reflns_R_free                 4.87 
_refine.ls_number_reflns_R_free                  512 
_refine.ls_number_parameters                     ? 
_refine.ls_number_restraints                     ? 
_refine.occupancy_min                            ? 
_refine.occupancy_max                            ? 
_refine.correlation_coeff_Fo_to_Fc               ? 
_refine.correlation_coeff_Fo_to_Fc_free          ? 
_refine.B_iso_mean                               25.9 
_refine.aniso_B[1][1]                            ? 
_refine.aniso_B[2][2]                            ? 
_refine.aniso_B[3][3]                            ? 
_refine.aniso_B[1][2]                            ? 
_refine.aniso_B[1][3]                            ? 
_refine.aniso_B[2][3]                            ? 
_refine.solvent_model_details                    'FLAT BULK SOLVENT MODEL' 
_refine.solvent_model_param_ksol                 ? 
_refine.solvent_model_param_bsol                 ? 
_refine.pdbx_solvent_vdw_probe_radii             1.11 
_refine.pdbx_solvent_ion_probe_radii             ? 
_refine.pdbx_solvent_shrinkage_radii             0.90 
_refine.pdbx_ls_cross_valid_method               ? 
_refine.details                                  ? 
_refine.pdbx_starting_model                      'PDB ENTRY 2CG7' 
_refine.pdbx_method_to_determine_struct          'MOLECULAR REPLACEMENT' 
_refine.pdbx_isotropic_thermal_model             Isotropic 
_refine.pdbx_stereochemistry_target_values       ML 
_refine.pdbx_stereochem_target_val_spec_case     ? 
_refine.pdbx_R_Free_selection_details            Random 
_refine.pdbx_overall_ESU_R                       ? 
_refine.pdbx_overall_ESU_R_Free                  ? 
_refine.overall_SU_ML                            0.11 
_refine.pdbx_overall_phase_error                 18.61 
_refine.overall_SU_B                             ? 
_refine.overall_SU_R_Cruickshank_DPI             ? 
_refine.ls_redundancy_reflns_obs                 ? 
_refine.B_iso_min                                ? 
_refine.B_iso_max                                ? 
_refine.overall_SU_R_free                        ? 
_refine.ls_wR_factor_R_free                      ? 
_refine.ls_wR_factor_R_work                      ? 
_refine.overall_FOM_free_R_set                   ? 
_refine.overall_FOM_work_R_set                   ? 
_refine.pdbx_diffrn_id                           1 
_refine.pdbx_refine_id                           'X-RAY DIFFRACTION' 
_refine.pdbx_TLS_residual_ADP_flag               ? 
_refine.pdbx_overall_SU_R_free_Cruickshank_DPI   ? 
_refine.pdbx_overall_SU_R_Blow_DPI               ? 
_refine.pdbx_overall_SU_R_free_Blow_DPI          ? 
# 
_refine_hist.pdbx_refine_id                   'X-RAY DIFFRACTION' 
_refine_hist.cycle_id                         LAST 
_refine_hist.pdbx_number_atoms_protein        820 
_refine_hist.pdbx_number_atoms_nucleic_acid   0 
_refine_hist.pdbx_number_atoms_ligand         0 
_refine_hist.number_atoms_solvent             129 
_refine_hist.number_atoms_total               949 
_refine_hist.d_res_high                       1.96 
_refine_hist.d_res_low                        48.49 
# 
loop_
_refine_ls_restr.type 
_refine_ls_restr.dev_ideal 
_refine_ls_restr.dev_ideal_target 
_refine_ls_restr.weight 
_refine_ls_restr.number 
_refine_ls_restr.pdbx_restraint_function 
_refine_ls_restr.pdbx_refine_id 
f_bond_d           0.007  ? ? 852  ? 'X-RAY DIFFRACTION' 
f_angle_d          0.969  ? ? 1147 ? 'X-RAY DIFFRACTION' 
f_dihedral_angle_d 11.621 ? ? 317  ? 'X-RAY DIFFRACTION' 
f_chiral_restr     0.041  ? ? 116  ? 'X-RAY DIFFRACTION' 
f_plane_restr      0.003  ? ? 150  ? 'X-RAY DIFFRACTION' 
# 
loop_
_refine_ls_shell.pdbx_total_number_of_bins_used 
_refine_ls_shell.d_res_high 
_refine_ls_shell.d_res_low 
_refine_ls_shell.number_reflns_R_work 
_refine_ls_shell.R_factor_R_work 
_refine_ls_shell.percent_reflns_obs 
_refine_ls_shell.R_factor_R_free 
_refine_ls_shell.R_factor_R_free_error 
_refine_ls_shell.percent_reflns_R_free 
_refine_ls_shell.number_reflns_R_free 
_refine_ls_shell.number_reflns_all 
_refine_ls_shell.R_factor_all 
_refine_ls_shell.number_reflns_obs 
_refine_ls_shell.redundancy_reflns_obs 
_refine_ls_shell.pdbx_refine_id 
_refine_ls_shell.R_factor_obs 
. 1.9613 2.1586  2454 0.1882 100.00 0.2021 . . 104 . . . . 'X-RAY DIFFRACTION' . 
. 2.1586 2.4710  2440 0.1771 100.00 0.1991 . . 145 . . . . 'X-RAY DIFFRACTION' . 
. 2.4710 3.1131  2489 0.1755 100.00 0.2495 . . 126 . . . . 'X-RAY DIFFRACTION' . 
. 3.1131 48.5034 2610 0.1419 99.00  0.1744 . . 137 . . . . 'X-RAY DIFFRACTION' . 
# 
_struct.entry_id                  4PZ5 
_struct.title                     
'Crystal structure of the second and third fibronectin F1 modules in complex with a fragment of BBK32 from Borrelia burgdorferi' 
_struct.pdbx_model_details        ? 
_struct.pdbx_CASP_flag            ? 
_struct.pdbx_model_type_details   ? 
# 
_struct_keywords.entry_id        4PZ5 
_struct_keywords.pdbx_keywords   'CELL ADHESION' 
_struct_keywords.text            
'Fibronectin type one, Cell adhesion, Bacterial adhesion, Fibronectin binding, Extracellular matrix, Plasma' 
# 
loop_
_struct_asym.id 
_struct_asym.pdbx_blank_PDB_chainid_flag 
_struct_asym.pdbx_modified 
_struct_asym.entity_id 
_struct_asym.details 
A N N 1 ? 
B N N 2 ? 
C N N 3 ? 
D N N 3 ? 
# 
loop_
_struct_ref.id 
_struct_ref.db_name 
_struct_ref.db_code 
_struct_ref.pdbx_db_accession 
_struct_ref.entity_id 
_struct_ref.pdbx_seq_one_letter_code 
_struct_ref.pdbx_align_begin 
_struct_ref.pdbx_db_isoform 
1 UNP FINC_HUMAN   P02751 1 
;AEETCFDKYTGNTYRVGDTYERPKDSMIWDCTCIGAGRGRISCTIANRCHEGGQSYKIGDTWRRPHETGGYMLECVCLGN
GKGEWTCKPI
;
93  ? 
2 UNP O50835_BORBU O50835 2 SISYTDEIEEEDYDQ                                                                               175 ? 
# 
loop_
_struct_ref_seq.align_id 
_struct_ref_seq.ref_id 
_struct_ref_seq.pdbx_PDB_id_code 
_struct_ref_seq.pdbx_strand_id 
_struct_ref_seq.seq_align_beg 
_struct_ref_seq.pdbx_seq_align_beg_ins_code 
_struct_ref_seq.seq_align_end 
_struct_ref_seq.pdbx_seq_align_end_ins_code 
_struct_ref_seq.pdbx_db_accession 
_struct_ref_seq.db_align_beg 
_struct_ref_seq.pdbx_db_align_beg_ins_code 
_struct_ref_seq.db_align_end 
_struct_ref_seq.pdbx_db_align_end_ins_code 
_struct_ref_seq.pdbx_auth_seq_align_beg 
_struct_ref_seq.pdbx_auth_seq_align_end 
1 1 4PZ5 A 1 ? 90 ? P02751 93  ? 182 ? 62  151 
2 2 4PZ5 B 2 ? 16 ? O50835 175 ? 189 ? 175 189 
# 
_struct_ref_seq_dif.align_id                     2 
_struct_ref_seq_dif.pdbx_pdb_id_code             4PZ5 
_struct_ref_seq_dif.mon_id                       ACE 
_struct_ref_seq_dif.pdbx_pdb_strand_id           B 
_struct_ref_seq_dif.seq_num                      1 
_struct_ref_seq_dif.pdbx_pdb_ins_code            ? 
_struct_ref_seq_dif.pdbx_seq_db_name             UNP 
_struct_ref_seq_dif.pdbx_seq_db_accession_code   O50835 
_struct_ref_seq_dif.db_mon_id                    ? 
_struct_ref_seq_dif.pdbx_seq_db_seq_num          ? 
_struct_ref_seq_dif.details                      acetylation 
_struct_ref_seq_dif.pdbx_auth_seq_num            174 
_struct_ref_seq_dif.pdbx_ordinal                 1 
# 
_pdbx_struct_assembly.id                   1 
_pdbx_struct_assembly.details              author_and_software_defined_assembly 
_pdbx_struct_assembly.method_details       PISA 
_pdbx_struct_assembly.oligomeric_details   dimeric 
_pdbx_struct_assembly.oligomeric_count     2 
# 
loop_
_pdbx_struct_assembly_prop.biol_id 
_pdbx_struct_assembly_prop.type 
_pdbx_struct_assembly_prop.value 
_pdbx_struct_assembly_prop.details 
1 'ABSA (A^2)' 1160 ? 
1 MORE         -3   ? 
1 'SSA (A^2)'  6880 ? 
# 
_pdbx_struct_assembly_gen.assembly_id       1 
_pdbx_struct_assembly_gen.oper_expression   1 
_pdbx_struct_assembly_gen.asym_id_list      A,B,C,D 
# 
_pdbx_struct_oper_list.id                   1 
_pdbx_struct_oper_list.type                 'identity operation' 
_pdbx_struct_oper_list.name                 1_555 
_pdbx_struct_oper_list.symmetry_operation   x,y,z 
_pdbx_struct_oper_list.matrix[1][1]         1.0000000000 
_pdbx_struct_oper_list.matrix[1][2]         0.0000000000 
_pdbx_struct_oper_list.matrix[1][3]         0.0000000000 
_pdbx_struct_oper_list.vector[1]            0.0000000000 
_pdbx_struct_oper_list.matrix[2][1]         0.0000000000 
_pdbx_struct_oper_list.matrix[2][2]         1.0000000000 
_pdbx_struct_oper_list.matrix[2][3]         0.0000000000 
_pdbx_struct_oper_list.vector[2]            0.0000000000 
_pdbx_struct_oper_list.matrix[3][1]         0.0000000000 
_pdbx_struct_oper_list.matrix[3][2]         0.0000000000 
_pdbx_struct_oper_list.matrix[3][3]         1.0000000000 
_pdbx_struct_oper_list.vector[3]            0.0000000000 
# 
loop_
_struct_conn.id 
_struct_conn.conn_type_id 
_struct_conn.pdbx_leaving_atom_flag 
_struct_conn.pdbx_PDB_id 
_struct_conn.ptnr1_label_asym_id 
_struct_conn.ptnr1_label_comp_id 
_struct_conn.ptnr1_label_seq_id 
_struct_conn.ptnr1_label_atom_id 
_struct_conn.pdbx_ptnr1_label_alt_id 
_struct_conn.pdbx_ptnr1_PDB_ins_code 
_struct_conn.pdbx_ptnr1_standard_comp_id 
_struct_conn.ptnr1_symmetry 
_struct_conn.ptnr2_label_asym_id 
_struct_conn.ptnr2_label_comp_id 
_struct_conn.ptnr2_label_seq_id 
_struct_conn.ptnr2_label_atom_id 
_struct_conn.pdbx_ptnr2_label_alt_id 
_struct_conn.pdbx_ptnr2_PDB_ins_code 
_struct_conn.ptnr1_auth_asym_id 
_struct_conn.ptnr1_auth_comp_id 
_struct_conn.ptnr1_auth_seq_id 
_struct_conn.ptnr2_auth_asym_id 
_struct_conn.ptnr2_auth_comp_id 
_struct_conn.ptnr2_auth_seq_id 
_struct_conn.ptnr2_symmetry 
_struct_conn.pdbx_ptnr3_label_atom_id 
_struct_conn.pdbx_ptnr3_label_seq_id 
_struct_conn.pdbx_ptnr3_label_comp_id 
_struct_conn.pdbx_ptnr3_label_asym_id 
_struct_conn.pdbx_ptnr3_label_alt_id 
_struct_conn.pdbx_ptnr3_PDB_ins_code 
_struct_conn.details 
_struct_conn.pdbx_dist_value 
_struct_conn.pdbx_value_order 
_struct_conn.pdbx_role 
disulf1 disulf ?    ? A CYS 5  SG ? ? ? 1_555 A CYS 33 SG ? ? A CYS 66  A CYS 94  1_555 ? ? ? ? ? ? ? 2.052 ? ? 
disulf2 disulf ?    ? A CYS 31 SG ? ? ? 1_555 A CYS 43 SG ? ? A CYS 92  A CYS 104 1_555 ? ? ? ? ? ? ? 2.056 ? ? 
disulf3 disulf ?    ? A CYS 49 SG ? ? ? 1_555 A CYS 77 SG ? ? A CYS 110 A CYS 138 1_555 ? ? ? ? ? ? ? 2.037 ? ? 
disulf4 disulf ?    ? A CYS 75 SG ? ? ? 1_555 A CYS 87 SG ? ? A CYS 136 A CYS 148 1_555 ? ? ? ? ? ? ? 2.048 ? ? 
covale1 covale both ? B ACE 1  C  ? ? ? 1_555 B SER 2  N  ? ? B ACE 174 B SER 175 1_555 ? ? ? ? ? ? ? 1.326 ? ? 
# 
loop_
_struct_conn_type.id 
_struct_conn_type.criteria 
_struct_conn_type.reference 
disulf ? ? 
covale ? ? 
# 
loop_
_pdbx_modification_feature.ordinal 
_pdbx_modification_feature.label_comp_id 
_pdbx_modification_feature.label_asym_id 
_pdbx_modification_feature.label_seq_id 
_pdbx_modification_feature.label_alt_id 
_pdbx_modification_feature.modified_residue_label_comp_id 
_pdbx_modification_feature.modified_residue_label_asym_id 
_pdbx_modification_feature.modified_residue_label_seq_id 
_pdbx_modification_feature.modified_residue_label_alt_id 
_pdbx_modification_feature.auth_comp_id 
_pdbx_modification_feature.auth_asym_id 
_pdbx_modification_feature.auth_seq_id 
_pdbx_modification_feature.PDB_ins_code 
_pdbx_modification_feature.symmetry 
_pdbx_modification_feature.modified_residue_auth_comp_id 
_pdbx_modification_feature.modified_residue_auth_asym_id 
_pdbx_modification_feature.modified_residue_auth_seq_id 
_pdbx_modification_feature.modified_residue_PDB_ins_code 
_pdbx_modification_feature.modified_residue_symmetry 
_pdbx_modification_feature.comp_id_linking_atom 
_pdbx_modification_feature.modified_residue_id_linking_atom 
_pdbx_modification_feature.modified_residue_id 
_pdbx_modification_feature.ref_pcm_id 
_pdbx_modification_feature.ref_comp_id 
_pdbx_modification_feature.type 
_pdbx_modification_feature.category 
1 ACE B 1  ? SER B 2  ? ACE B 174 ? 1_555 SER B 175 ? 1_555 .  .  SER 6 ACE None 'Terminal acetylation' 
2 CYS A 5  ? CYS A 33 ? CYS A 66  ? 1_555 CYS A 94  ? 1_555 SG SG .   . .   None 'Disulfide bridge'     
3 CYS A 31 ? CYS A 43 ? CYS A 92  ? 1_555 CYS A 104 ? 1_555 SG SG .   . .   None 'Disulfide bridge'     
4 CYS A 49 ? CYS A 77 ? CYS A 110 ? 1_555 CYS A 138 ? 1_555 SG SG .   . .   None 'Disulfide bridge'     
5 CYS A 75 ? CYS A 87 ? CYS A 136 ? 1_555 CYS A 148 ? 1_555 SG SG .   . .   None 'Disulfide bridge'     
# 
loop_
_struct_sheet.id 
_struct_sheet.type 
_struct_sheet.number_strands 
_struct_sheet.details 
A ? 2 ? 
B ? 4 ? 
C ? 2 ? 
D ? 3 ? 
# 
loop_
_struct_sheet_order.sheet_id 
_struct_sheet_order.range_id_1 
_struct_sheet_order.range_id_2 
_struct_sheet_order.offset 
_struct_sheet_order.sense 
A 1 2 ? anti-parallel 
B 1 2 ? anti-parallel 
B 2 3 ? anti-parallel 
B 3 4 ? anti-parallel 
C 1 2 ? anti-parallel 
D 1 2 ? anti-parallel 
D 2 3 ? anti-parallel 
# 
loop_
_struct_sheet_range.sheet_id 
_struct_sheet_range.id 
_struct_sheet_range.beg_label_comp_id 
_struct_sheet_range.beg_label_asym_id 
_struct_sheet_range.beg_label_seq_id 
_struct_sheet_range.pdbx_beg_PDB_ins_code 
_struct_sheet_range.end_label_comp_id 
_struct_sheet_range.end_label_asym_id 
_struct_sheet_range.end_label_seq_id 
_struct_sheet_range.pdbx_end_PDB_ins_code 
_struct_sheet_range.beg_auth_comp_id 
_struct_sheet_range.beg_auth_asym_id 
_struct_sheet_range.beg_auth_seq_id 
_struct_sheet_range.end_auth_comp_id 
_struct_sheet_range.end_auth_asym_id 
_struct_sheet_range.end_auth_seq_id 
A 1 THR A 4  ? ASP A 7  ? THR A 65  ASP A 68  
A 2 ASN A 12 ? ARG A 15 ? ASN A 73  ARG A 76  
B 1 THR A 19 ? LYS A 24 ? THR A 80  LYS A 85  
B 2 MET A 27 ? GLY A 35 ? MET A 88  GLY A 96  
B 3 ARG A 40 ? THR A 44 ? ARG A 101 THR A 105 
B 4 ASP B 7  ? GLU B 10 ? ASP B 180 GLU B 183 
C 1 ARG A 48 ? CYS A 49 ? ARG A 109 CYS A 110 
C 2 TYR A 56 ? LYS A 57 ? TYR A 117 LYS A 118 
D 1 THR A 61 ? PRO A 65 ? THR A 122 PRO A 126 
D 2 MET A 72 ? GLY A 79 ? MET A 133 GLY A 140 
D 3 GLU A 84 ? PRO A 89 ? GLU A 145 PRO A 150 
# 
loop_
_pdbx_struct_sheet_hbond.sheet_id 
_pdbx_struct_sheet_hbond.range_id_1 
_pdbx_struct_sheet_hbond.range_id_2 
_pdbx_struct_sheet_hbond.range_1_label_atom_id 
_pdbx_struct_sheet_hbond.range_1_label_comp_id 
_pdbx_struct_sheet_hbond.range_1_label_asym_id 
_pdbx_struct_sheet_hbond.range_1_label_seq_id 
_pdbx_struct_sheet_hbond.range_1_PDB_ins_code 
_pdbx_struct_sheet_hbond.range_1_auth_atom_id 
_pdbx_struct_sheet_hbond.range_1_auth_comp_id 
_pdbx_struct_sheet_hbond.range_1_auth_asym_id 
_pdbx_struct_sheet_hbond.range_1_auth_seq_id 
_pdbx_struct_sheet_hbond.range_2_label_atom_id 
_pdbx_struct_sheet_hbond.range_2_label_comp_id 
_pdbx_struct_sheet_hbond.range_2_label_asym_id 
_pdbx_struct_sheet_hbond.range_2_label_seq_id 
_pdbx_struct_sheet_hbond.range_2_PDB_ins_code 
_pdbx_struct_sheet_hbond.range_2_auth_atom_id 
_pdbx_struct_sheet_hbond.range_2_auth_comp_id 
_pdbx_struct_sheet_hbond.range_2_auth_asym_id 
_pdbx_struct_sheet_hbond.range_2_auth_seq_id 
A 1 2 N CYS A 5  ? N CYS A 66  O TYR A 14 ? O TYR A 75  
B 1 2 N TYR A 20 ? N TYR A 81  O CYS A 31 ? O CYS A 92  
B 2 3 N ILE A 34 ? N ILE A 95  O ARG A 40 ? O ARG A 101 
B 3 4 N ILE A 41 ? N ILE A 102 O GLU B 10 ? O GLU B 183 
C 1 2 N CYS A 49 ? N CYS A 110 O TYR A 56 ? O TYR A 117 
D 1 2 N ARG A 64 ? N ARG A 125 O LEU A 73 ? O LEU A 134 
D 2 3 N GLU A 74 ? N GLU A 135 O LYS A 88 ? O LYS A 149 
# 
_pdbx_entry_details.entry_id                   4PZ5 
_pdbx_entry_details.compound_details           ? 
_pdbx_entry_details.source_details             ? 
_pdbx_entry_details.nonpolymer_details         ? 
_pdbx_entry_details.sequence_details           ? 
_pdbx_entry_details.has_ligand_of_interest     ? 
_pdbx_entry_details.has_protein_modification   Y 
# 
_pdbx_validate_torsion.id              1 
_pdbx_validate_torsion.PDB_model_num   1 
_pdbx_validate_torsion.auth_comp_id    ARG 
_pdbx_validate_torsion.auth_asym_id    A 
_pdbx_validate_torsion.auth_seq_id     99 
_pdbx_validate_torsion.PDB_ins_code    ? 
_pdbx_validate_torsion.label_alt_id    ? 
_pdbx_validate_torsion.phi             -146.86 
_pdbx_validate_torsion.psi             22.79 
# 
_pdbx_struct_special_symmetry.id              1 
_pdbx_struct_special_symmetry.PDB_model_num   1 
_pdbx_struct_special_symmetry.auth_asym_id    A 
_pdbx_struct_special_symmetry.auth_comp_id    HOH 
_pdbx_struct_special_symmetry.auth_seq_id     282 
_pdbx_struct_special_symmetry.PDB_ins_code    ? 
_pdbx_struct_special_symmetry.label_asym_id   C 
_pdbx_struct_special_symmetry.label_comp_id   HOH 
_pdbx_struct_special_symmetry.label_seq_id    . 
# 
loop_
_pdbx_refine_tls.pdbx_refine_id 
_pdbx_refine_tls.id 
_pdbx_refine_tls.details 
_pdbx_refine_tls.method 
_pdbx_refine_tls.origin_x 
_pdbx_refine_tls.origin_y 
_pdbx_refine_tls.origin_z 
_pdbx_refine_tls.T[1][1] 
_pdbx_refine_tls.T[2][2] 
_pdbx_refine_tls.T[3][3] 
_pdbx_refine_tls.T[1][2] 
_pdbx_refine_tls.T[1][3] 
_pdbx_refine_tls.T[2][3] 
_pdbx_refine_tls.L[1][1] 
_pdbx_refine_tls.L[2][2] 
_pdbx_refine_tls.L[3][3] 
_pdbx_refine_tls.L[1][2] 
_pdbx_refine_tls.L[1][3] 
_pdbx_refine_tls.L[2][3] 
_pdbx_refine_tls.S[1][1] 
_pdbx_refine_tls.S[1][2] 
_pdbx_refine_tls.S[1][3] 
_pdbx_refine_tls.S[2][1] 
_pdbx_refine_tls.S[2][2] 
_pdbx_refine_tls.S[2][3] 
_pdbx_refine_tls.S[3][1] 
_pdbx_refine_tls.S[3][2] 
_pdbx_refine_tls.S[3][3] 
'X-RAY DIFFRACTION' 1 ? refined -3.8317 -11.7746 -11.4890 0.1974 0.2584 0.2094 -0.0127 0.0443  -0.0708 5.9449 9.6185 0.8260 3.7027  1.1974  -1.2477 -0.0657 -0.0092 -0.6771 -0.4519 0.1404  -0.0941 0.3760  0.1099  -0.0820 
'X-RAY DIFFRACTION' 2 ? refined -6.7299 -14.7907 -6.2855  0.2672 0.1975 0.3307 0.0028  0.0279  0.0240  7.1773 4.7221 1.6234 -2.5154 0.3504  -0.7520 -0.2138 -0.4357 -1.5933 0.2770  0.0569  -0.0136 0.6910  0.1423  0.1894  
'X-RAY DIFFRACTION' 3 ? refined -1.0738 -4.1688  -4.3463  0.1316 0.1823 0.1636 0.0342  0.0211  -0.0234 6.6613 5.9580 0.7231 5.5766  0.5121  0.7504  -0.1329 -0.0655 -0.2856 -0.1363 0.0520  -0.3684 0.0486  0.0045  0.0595  
'X-RAY DIFFRACTION' 4 ? refined -2.5063 -0.3916  -2.8089  0.1054 0.1539 0.1259 0.0396  0.0125  -0.0220 1.1355 3.6095 4.4606 1.9489  0.6012  1.9019  -0.0327 -0.0241 0.1729  -0.0463 -0.0145 0.0665  0.0878  0.1303  -0.0062 
'X-RAY DIFFRACTION' 5 ? refined 7.0934  2.6042   11.5745  0.1640 0.1404 0.1712 0.0102  0.0517  -0.0388 8.1467 2.8675 0.5705 1.5900  1.2600  -0.4556 -0.1037 0.0962  -0.3470 0.0033  0.1451  -0.2793 0.1135  0.3437  -0.0305 
'X-RAY DIFFRACTION' 6 ? refined 17.5216 15.3145  14.7153  0.1895 0.3713 0.4087 -0.0823 0.0292  0.0631  2.2883 7.7167 1.0837 2.2956  0.8736  2.8864  -0.3941 1.0044  0.4829  -0.5669 -0.2076 -1.1371 -0.5021 0.8272  0.5494  
'X-RAY DIFFRACTION' 7 ? refined 3.9070  8.8465   13.1059  0.1028 0.1108 0.1262 0.0003  0.0302  -0.0237 9.7140 1.3343 0.3841 3.3374  1.8971  0.7407  0.1178  -0.4909 0.0084  0.0881  -0.1807 0.0554  0.1049  -0.2665 0.0619  
'X-RAY DIFFRACTION' 8 ? refined -5.9523 1.6949   -13.0146 0.2678 0.2143 0.1998 -0.0212 -0.0387 -0.0055 0.2124 3.9157 2.3838 -0.9267 -0.7152 2.9829  0.0587  0.0234  -0.0731 0.2243  -0.2034 0.0231  0.3910  -0.2202 0.1329  
# 
loop_
_pdbx_refine_tls_group.pdbx_refine_id 
_pdbx_refine_tls_group.id 
_pdbx_refine_tls_group.refine_tls_id 
_pdbx_refine_tls_group.beg_auth_asym_id 
_pdbx_refine_tls_group.beg_auth_seq_id 
_pdbx_refine_tls_group.beg_label_asym_id 
_pdbx_refine_tls_group.beg_label_seq_id 
_pdbx_refine_tls_group.end_auth_asym_id 
_pdbx_refine_tls_group.end_auth_seq_id 
_pdbx_refine_tls_group.end_label_asym_id 
_pdbx_refine_tls_group.end_label_seq_id 
_pdbx_refine_tls_group.selection 
_pdbx_refine_tls_group.selection_details 
'X-RAY DIFFRACTION' 1 1 ? ? ? ? ? ? ? ? ? 
;chain 'A' and (resid 63 through 72 )
;
'X-RAY DIFFRACTION' 2 2 ? ? ? ? ? ? ? ? ? 
;chain 'A' and (resid 73 through 79 )
;
'X-RAY DIFFRACTION' 3 3 ? ? ? ? ? ? ? ? ? 
;chain 'A' and (resid 80 through 96 )
;
'X-RAY DIFFRACTION' 4 4 ? ? ? ? ? ? ? ? ? 
;chain 'A' and (resid 97 through 115 )
;
'X-RAY DIFFRACTION' 5 5 ? ? ? ? ? ? ? ? ? 
;chain 'A' and (resid 116 through 126 )
;
'X-RAY DIFFRACTION' 6 6 ? ? ? ? ? ? ? ? ? 
;chain 'A' and (resid 127 through 132 )
;
'X-RAY DIFFRACTION' 7 7 ? ? ? ? ? ? ? ? ? 
;chain 'A' and (resid 133 through 151 )
;
'X-RAY DIFFRACTION' 8 8 ? ? ? ? ? ? ? ? ? 
;chain 'B' and (resid 175 through 188 )
;
# 
loop_
_pdbx_unobs_or_zero_occ_residues.id 
_pdbx_unobs_or_zero_occ_residues.PDB_model_num 
_pdbx_unobs_or_zero_occ_residues.polymer_flag 
_pdbx_unobs_or_zero_occ_residues.occupancy_flag 
_pdbx_unobs_or_zero_occ_residues.auth_asym_id 
_pdbx_unobs_or_zero_occ_residues.auth_comp_id 
_pdbx_unobs_or_zero_occ_residues.auth_seq_id 
_pdbx_unobs_or_zero_occ_residues.PDB_ins_code 
_pdbx_unobs_or_zero_occ_residues.label_asym_id 
_pdbx_unobs_or_zero_occ_residues.label_comp_id 
_pdbx_unobs_or_zero_occ_residues.label_seq_id 
1 1 Y 1 A ALA 62  ? A ALA 1  
2 1 Y 1 B GLN 189 ? B GLN 16 
# 
loop_
_chem_comp_atom.comp_id 
_chem_comp_atom.atom_id 
_chem_comp_atom.type_symbol 
_chem_comp_atom.pdbx_aromatic_flag 
_chem_comp_atom.pdbx_stereo_config 
_chem_comp_atom.pdbx_ordinal 
ACE C    C N N 1   
ACE O    O N N 2   
ACE CH3  C N N 3   
ACE H    H N N 4   
ACE H1   H N N 5   
ACE H2   H N N 6   
ACE H3   H N N 7   
ALA N    N N N 8   
ALA CA   C N S 9   
ALA C    C N N 10  
ALA O    O N N 11  
ALA CB   C N N 12  
ALA OXT  O N N 13  
ALA H    H N N 14  
ALA H2   H N N 15  
ALA HA   H N N 16  
ALA HB1  H N N 17  
ALA HB2  H N N 18  
ALA HB3  H N N 19  
ALA HXT  H N N 20  
ARG N    N N N 21  
ARG CA   C N S 22  
ARG C    C N N 23  
ARG O    O N N 24  
ARG CB   C N N 25  
ARG CG   C N N 26  
ARG CD   C N N 27  
ARG NE   N N N 28  
ARG CZ   C N N 29  
ARG NH1  N N N 30  
ARG NH2  N N N 31  
ARG OXT  O N N 32  
ARG H    H N N 33  
ARG H2   H N N 34  
ARG HA   H N N 35  
ARG HB2  H N N 36  
ARG HB3  H N N 37  
ARG HG2  H N N 38  
ARG HG3  H N N 39  
ARG HD2  H N N 40  
ARG HD3  H N N 41  
ARG HE   H N N 42  
ARG HH11 H N N 43  
ARG HH12 H N N 44  
ARG HH21 H N N 45  
ARG HH22 H N N 46  
ARG HXT  H N N 47  
ASN N    N N N 48  
ASN CA   C N S 49  
ASN C    C N N 50  
ASN O    O N N 51  
ASN CB   C N N 52  
ASN CG   C N N 53  
ASN OD1  O N N 54  
ASN ND2  N N N 55  
ASN OXT  O N N 56  
ASN H    H N N 57  
ASN H2   H N N 58  
ASN HA   H N N 59  
ASN HB2  H N N 60  
ASN HB3  H N N 61  
ASN HD21 H N N 62  
ASN HD22 H N N 63  
ASN HXT  H N N 64  
ASP N    N N N 65  
ASP CA   C N S 66  
ASP C    C N N 67  
ASP O    O N N 68  
ASP CB   C N N 69  
ASP CG   C N N 70  
ASP OD1  O N N 71  
ASP OD2  O N N 72  
ASP OXT  O N N 73  
ASP H    H N N 74  
ASP H2   H N N 75  
ASP HA   H N N 76  
ASP HB2  H N N 77  
ASP HB3  H N N 78  
ASP HD2  H N N 79  
ASP HXT  H N N 80  
CYS N    N N N 81  
CYS CA   C N R 82  
CYS C    C N N 83  
CYS O    O N N 84  
CYS CB   C N N 85  
CYS SG   S N N 86  
CYS OXT  O N N 87  
CYS H    H N N 88  
CYS H2   H N N 89  
CYS HA   H N N 90  
CYS HB2  H N N 91  
CYS HB3  H N N 92  
CYS HG   H N N 93  
CYS HXT  H N N 94  
GLN N    N N N 95  
GLN CA   C N S 96  
GLN C    C N N 97  
GLN O    O N N 98  
GLN CB   C N N 99  
GLN CG   C N N 100 
GLN CD   C N N 101 
GLN OE1  O N N 102 
GLN NE2  N N N 103 
GLN OXT  O N N 104 
GLN H    H N N 105 
GLN H2   H N N 106 
GLN HA   H N N 107 
GLN HB2  H N N 108 
GLN HB3  H N N 109 
GLN HG2  H N N 110 
GLN HG3  H N N 111 
GLN HE21 H N N 112 
GLN HE22 H N N 113 
GLN HXT  H N N 114 
GLU N    N N N 115 
GLU CA   C N S 116 
GLU C    C N N 117 
GLU O    O N N 118 
GLU CB   C N N 119 
GLU CG   C N N 120 
GLU CD   C N N 121 
GLU OE1  O N N 122 
GLU OE2  O N N 123 
GLU OXT  O N N 124 
GLU H    H N N 125 
GLU H2   H N N 126 
GLU HA   H N N 127 
GLU HB2  H N N 128 
GLU HB3  H N N 129 
GLU HG2  H N N 130 
GLU HG3  H N N 131 
GLU HE2  H N N 132 
GLU HXT  H N N 133 
GLY N    N N N 134 
GLY CA   C N N 135 
GLY C    C N N 136 
GLY O    O N N 137 
GLY OXT  O N N 138 
GLY H    H N N 139 
GLY H2   H N N 140 
GLY HA2  H N N 141 
GLY HA3  H N N 142 
GLY HXT  H N N 143 
HIS N    N N N 144 
HIS CA   C N S 145 
HIS C    C N N 146 
HIS O    O N N 147 
HIS CB   C N N 148 
HIS CG   C Y N 149 
HIS ND1  N Y N 150 
HIS CD2  C Y N 151 
HIS CE1  C Y N 152 
HIS NE2  N Y N 153 
HIS OXT  O N N 154 
HIS H    H N N 155 
HIS H2   H N N 156 
HIS HA   H N N 157 
HIS HB2  H N N 158 
HIS HB3  H N N 159 
HIS HD1  H N N 160 
HIS HD2  H N N 161 
HIS HE1  H N N 162 
HIS HE2  H N N 163 
HIS HXT  H N N 164 
HOH O    O N N 165 
HOH H1   H N N 166 
HOH H2   H N N 167 
ILE N    N N N 168 
ILE CA   C N S 169 
ILE C    C N N 170 
ILE O    O N N 171 
ILE CB   C N S 172 
ILE CG1  C N N 173 
ILE CG2  C N N 174 
ILE CD1  C N N 175 
ILE OXT  O N N 176 
ILE H    H N N 177 
ILE H2   H N N 178 
ILE HA   H N N 179 
ILE HB   H N N 180 
ILE HG12 H N N 181 
ILE HG13 H N N 182 
ILE HG21 H N N 183 
ILE HG22 H N N 184 
ILE HG23 H N N 185 
ILE HD11 H N N 186 
ILE HD12 H N N 187 
ILE HD13 H N N 188 
ILE HXT  H N N 189 
LEU N    N N N 190 
LEU CA   C N S 191 
LEU C    C N N 192 
LEU O    O N N 193 
LEU CB   C N N 194 
LEU CG   C N N 195 
LEU CD1  C N N 196 
LEU CD2  C N N 197 
LEU OXT  O N N 198 
LEU H    H N N 199 
LEU H2   H N N 200 
LEU HA   H N N 201 
LEU HB2  H N N 202 
LEU HB3  H N N 203 
LEU HG   H N N 204 
LEU HD11 H N N 205 
LEU HD12 H N N 206 
LEU HD13 H N N 207 
LEU HD21 H N N 208 
LEU HD22 H N N 209 
LEU HD23 H N N 210 
LEU HXT  H N N 211 
LYS N    N N N 212 
LYS CA   C N S 213 
LYS C    C N N 214 
LYS O    O N N 215 
LYS CB   C N N 216 
LYS CG   C N N 217 
LYS CD   C N N 218 
LYS CE   C N N 219 
LYS NZ   N N N 220 
LYS OXT  O N N 221 
LYS H    H N N 222 
LYS H2   H N N 223 
LYS HA   H N N 224 
LYS HB2  H N N 225 
LYS HB3  H N N 226 
LYS HG2  H N N 227 
LYS HG3  H N N 228 
LYS HD2  H N N 229 
LYS HD3  H N N 230 
LYS HE2  H N N 231 
LYS HE3  H N N 232 
LYS HZ1  H N N 233 
LYS HZ2  H N N 234 
LYS HZ3  H N N 235 
LYS HXT  H N N 236 
MET N    N N N 237 
MET CA   C N S 238 
MET C    C N N 239 
MET O    O N N 240 
MET CB   C N N 241 
MET CG   C N N 242 
MET SD   S N N 243 
MET CE   C N N 244 
MET OXT  O N N 245 
MET H    H N N 246 
MET H2   H N N 247 
MET HA   H N N 248 
MET HB2  H N N 249 
MET HB3  H N N 250 
MET HG2  H N N 251 
MET HG3  H N N 252 
MET HE1  H N N 253 
MET HE2  H N N 254 
MET HE3  H N N 255 
MET HXT  H N N 256 
PHE N    N N N 257 
PHE CA   C N S 258 
PHE C    C N N 259 
PHE O    O N N 260 
PHE CB   C N N 261 
PHE CG   C Y N 262 
PHE CD1  C Y N 263 
PHE CD2  C Y N 264 
PHE CE1  C Y N 265 
PHE CE2  C Y N 266 
PHE CZ   C Y N 267 
PHE OXT  O N N 268 
PHE H    H N N 269 
PHE H2   H N N 270 
PHE HA   H N N 271 
PHE HB2  H N N 272 
PHE HB3  H N N 273 
PHE HD1  H N N 274 
PHE HD2  H N N 275 
PHE HE1  H N N 276 
PHE HE2  H N N 277 
PHE HZ   H N N 278 
PHE HXT  H N N 279 
PRO N    N N N 280 
PRO CA   C N S 281 
PRO C    C N N 282 
PRO O    O N N 283 
PRO CB   C N N 284 
PRO CG   C N N 285 
PRO CD   C N N 286 
PRO OXT  O N N 287 
PRO H    H N N 288 
PRO HA   H N N 289 
PRO HB2  H N N 290 
PRO HB3  H N N 291 
PRO HG2  H N N 292 
PRO HG3  H N N 293 
PRO HD2  H N N 294 
PRO HD3  H N N 295 
PRO HXT  H N N 296 
SER N    N N N 297 
SER CA   C N S 298 
SER C    C N N 299 
SER O    O N N 300 
SER CB   C N N 301 
SER OG   O N N 302 
SER OXT  O N N 303 
SER H    H N N 304 
SER H2   H N N 305 
SER HA   H N N 306 
SER HB2  H N N 307 
SER HB3  H N N 308 
SER HG   H N N 309 
SER HXT  H N N 310 
THR N    N N N 311 
THR CA   C N S 312 
THR C    C N N 313 
THR O    O N N 314 
THR CB   C N R 315 
THR OG1  O N N 316 
THR CG2  C N N 317 
THR OXT  O N N 318 
THR H    H N N 319 
THR H2   H N N 320 
THR HA   H N N 321 
THR HB   H N N 322 
THR HG1  H N N 323 
THR HG21 H N N 324 
THR HG22 H N N 325 
THR HG23 H N N 326 
THR HXT  H N N 327 
TRP N    N N N 328 
TRP CA   C N S 329 
TRP C    C N N 330 
TRP O    O N N 331 
TRP CB   C N N 332 
TRP CG   C Y N 333 
TRP CD1  C Y N 334 
TRP CD2  C Y N 335 
TRP NE1  N Y N 336 
TRP CE2  C Y N 337 
TRP CE3  C Y N 338 
TRP CZ2  C Y N 339 
TRP CZ3  C Y N 340 
TRP CH2  C Y N 341 
TRP OXT  O N N 342 
TRP H    H N N 343 
TRP H2   H N N 344 
TRP HA   H N N 345 
TRP HB2  H N N 346 
TRP HB3  H N N 347 
TRP HD1  H N N 348 
TRP HE1  H N N 349 
TRP HE3  H N N 350 
TRP HZ2  H N N 351 
TRP HZ3  H N N 352 
TRP HH2  H N N 353 
TRP HXT  H N N 354 
TYR N    N N N 355 
TYR CA   C N S 356 
TYR C    C N N 357 
TYR O    O N N 358 
TYR CB   C N N 359 
TYR CG   C Y N 360 
TYR CD1  C Y N 361 
TYR CD2  C Y N 362 
TYR CE1  C Y N 363 
TYR CE2  C Y N 364 
TYR CZ   C Y N 365 
TYR OH   O N N 366 
TYR OXT  O N N 367 
TYR H    H N N 368 
TYR H2   H N N 369 
TYR HA   H N N 370 
TYR HB2  H N N 371 
TYR HB3  H N N 372 
TYR HD1  H N N 373 
TYR HD2  H N N 374 
TYR HE1  H N N 375 
TYR HE2  H N N 376 
TYR HH   H N N 377 
TYR HXT  H N N 378 
VAL N    N N N 379 
VAL CA   C N S 380 
VAL C    C N N 381 
VAL O    O N N 382 
VAL CB   C N N 383 
VAL CG1  C N N 384 
VAL CG2  C N N 385 
VAL OXT  O N N 386 
VAL H    H N N 387 
VAL H2   H N N 388 
VAL HA   H N N 389 
VAL HB   H N N 390 
VAL HG11 H N N 391 
VAL HG12 H N N 392 
VAL HG13 H N N 393 
VAL HG21 H N N 394 
VAL HG22 H N N 395 
VAL HG23 H N N 396 
VAL HXT  H N N 397 
# 
loop_
_chem_comp_bond.comp_id 
_chem_comp_bond.atom_id_1 
_chem_comp_bond.atom_id_2 
_chem_comp_bond.value_order 
_chem_comp_bond.pdbx_aromatic_flag 
_chem_comp_bond.pdbx_stereo_config 
_chem_comp_bond.pdbx_ordinal 
ACE C   O    doub N N 1   
ACE C   CH3  sing N N 2   
ACE C   H    sing N N 3   
ACE CH3 H1   sing N N 4   
ACE CH3 H2   sing N N 5   
ACE CH3 H3   sing N N 6   
ALA N   CA   sing N N 7   
ALA N   H    sing N N 8   
ALA N   H2   sing N N 9   
ALA CA  C    sing N N 10  
ALA CA  CB   sing N N 11  
ALA CA  HA   sing N N 12  
ALA C   O    doub N N 13  
ALA C   OXT  sing N N 14  
ALA CB  HB1  sing N N 15  
ALA CB  HB2  sing N N 16  
ALA CB  HB3  sing N N 17  
ALA OXT HXT  sing N N 18  
ARG N   CA   sing N N 19  
ARG N   H    sing N N 20  
ARG N   H2   sing N N 21  
ARG CA  C    sing N N 22  
ARG CA  CB   sing N N 23  
ARG CA  HA   sing N N 24  
ARG C   O    doub N N 25  
ARG C   OXT  sing N N 26  
ARG CB  CG   sing N N 27  
ARG CB  HB2  sing N N 28  
ARG CB  HB3  sing N N 29  
ARG CG  CD   sing N N 30  
ARG CG  HG2  sing N N 31  
ARG CG  HG3  sing N N 32  
ARG CD  NE   sing N N 33  
ARG CD  HD2  sing N N 34  
ARG CD  HD3  sing N N 35  
ARG NE  CZ   sing N N 36  
ARG NE  HE   sing N N 37  
ARG CZ  NH1  sing N N 38  
ARG CZ  NH2  doub N N 39  
ARG NH1 HH11 sing N N 40  
ARG NH1 HH12 sing N N 41  
ARG NH2 HH21 sing N N 42  
ARG NH2 HH22 sing N N 43  
ARG OXT HXT  sing N N 44  
ASN N   CA   sing N N 45  
ASN N   H    sing N N 46  
ASN N   H2   sing N N 47  
ASN CA  C    sing N N 48  
ASN CA  CB   sing N N 49  
ASN CA  HA   sing N N 50  
ASN C   O    doub N N 51  
ASN C   OXT  sing N N 52  
ASN CB  CG   sing N N 53  
ASN CB  HB2  sing N N 54  
ASN CB  HB3  sing N N 55  
ASN CG  OD1  doub N N 56  
ASN CG  ND2  sing N N 57  
ASN ND2 HD21 sing N N 58  
ASN ND2 HD22 sing N N 59  
ASN OXT HXT  sing N N 60  
ASP N   CA   sing N N 61  
ASP N   H    sing N N 62  
ASP N   H2   sing N N 63  
ASP CA  C    sing N N 64  
ASP CA  CB   sing N N 65  
ASP CA  HA   sing N N 66  
ASP C   O    doub N N 67  
ASP C   OXT  sing N N 68  
ASP CB  CG   sing N N 69  
ASP CB  HB2  sing N N 70  
ASP CB  HB3  sing N N 71  
ASP CG  OD1  doub N N 72  
ASP CG  OD2  sing N N 73  
ASP OD2 HD2  sing N N 74  
ASP OXT HXT  sing N N 75  
CYS N   CA   sing N N 76  
CYS N   H    sing N N 77  
CYS N   H2   sing N N 78  
CYS CA  C    sing N N 79  
CYS CA  CB   sing N N 80  
CYS CA  HA   sing N N 81  
CYS C   O    doub N N 82  
CYS C   OXT  sing N N 83  
CYS CB  SG   sing N N 84  
CYS CB  HB2  sing N N 85  
CYS CB  HB3  sing N N 86  
CYS SG  HG   sing N N 87  
CYS OXT HXT  sing N N 88  
GLN N   CA   sing N N 89  
GLN N   H    sing N N 90  
GLN N   H2   sing N N 91  
GLN CA  C    sing N N 92  
GLN CA  CB   sing N N 93  
GLN CA  HA   sing N N 94  
GLN C   O    doub N N 95  
GLN C   OXT  sing N N 96  
GLN CB  CG   sing N N 97  
GLN CB  HB2  sing N N 98  
GLN CB  HB3  sing N N 99  
GLN CG  CD   sing N N 100 
GLN CG  HG2  sing N N 101 
GLN CG  HG3  sing N N 102 
GLN CD  OE1  doub N N 103 
GLN CD  NE2  sing N N 104 
GLN NE2 HE21 sing N N 105 
GLN NE2 HE22 sing N N 106 
GLN OXT HXT  sing N N 107 
GLU N   CA   sing N N 108 
GLU N   H    sing N N 109 
GLU N   H2   sing N N 110 
GLU CA  C    sing N N 111 
GLU CA  CB   sing N N 112 
GLU CA  HA   sing N N 113 
GLU C   O    doub N N 114 
GLU C   OXT  sing N N 115 
GLU CB  CG   sing N N 116 
GLU CB  HB2  sing N N 117 
GLU CB  HB3  sing N N 118 
GLU CG  CD   sing N N 119 
GLU CG  HG2  sing N N 120 
GLU CG  HG3  sing N N 121 
GLU CD  OE1  doub N N 122 
GLU CD  OE2  sing N N 123 
GLU OE2 HE2  sing N N 124 
GLU OXT HXT  sing N N 125 
GLY N   CA   sing N N 126 
GLY N   H    sing N N 127 
GLY N   H2   sing N N 128 
GLY CA  C    sing N N 129 
GLY CA  HA2  sing N N 130 
GLY CA  HA3  sing N N 131 
GLY C   O    doub N N 132 
GLY C   OXT  sing N N 133 
GLY OXT HXT  sing N N 134 
HIS N   CA   sing N N 135 
HIS N   H    sing N N 136 
HIS N   H2   sing N N 137 
HIS CA  C    sing N N 138 
HIS CA  CB   sing N N 139 
HIS CA  HA   sing N N 140 
HIS C   O    doub N N 141 
HIS C   OXT  sing N N 142 
HIS CB  CG   sing N N 143 
HIS CB  HB2  sing N N 144 
HIS CB  HB3  sing N N 145 
HIS CG  ND1  sing Y N 146 
HIS CG  CD2  doub Y N 147 
HIS ND1 CE1  doub Y N 148 
HIS ND1 HD1  sing N N 149 
HIS CD2 NE2  sing Y N 150 
HIS CD2 HD2  sing N N 151 
HIS CE1 NE2  sing Y N 152 
HIS CE1 HE1  sing N N 153 
HIS NE2 HE2  sing N N 154 
HIS OXT HXT  sing N N 155 
HOH O   H1   sing N N 156 
HOH O   H2   sing N N 157 
ILE N   CA   sing N N 158 
ILE N   H    sing N N 159 
ILE N   H2   sing N N 160 
ILE CA  C    sing N N 161 
ILE CA  CB   sing N N 162 
ILE CA  HA   sing N N 163 
ILE C   O    doub N N 164 
ILE C   OXT  sing N N 165 
ILE CB  CG1  sing N N 166 
ILE CB  CG2  sing N N 167 
ILE CB  HB   sing N N 168 
ILE CG1 CD1  sing N N 169 
ILE CG1 HG12 sing N N 170 
ILE CG1 HG13 sing N N 171 
ILE CG2 HG21 sing N N 172 
ILE CG2 HG22 sing N N 173 
ILE CG2 HG23 sing N N 174 
ILE CD1 HD11 sing N N 175 
ILE CD1 HD12 sing N N 176 
ILE CD1 HD13 sing N N 177 
ILE OXT HXT  sing N N 178 
LEU N   CA   sing N N 179 
LEU N   H    sing N N 180 
LEU N   H2   sing N N 181 
LEU CA  C    sing N N 182 
LEU CA  CB   sing N N 183 
LEU CA  HA   sing N N 184 
LEU C   O    doub N N 185 
LEU C   OXT  sing N N 186 
LEU CB  CG   sing N N 187 
LEU CB  HB2  sing N N 188 
LEU CB  HB3  sing N N 189 
LEU CG  CD1  sing N N 190 
LEU CG  CD2  sing N N 191 
LEU CG  HG   sing N N 192 
LEU CD1 HD11 sing N N 193 
LEU CD1 HD12 sing N N 194 
LEU CD1 HD13 sing N N 195 
LEU CD2 HD21 sing N N 196 
LEU CD2 HD22 sing N N 197 
LEU CD2 HD23 sing N N 198 
LEU OXT HXT  sing N N 199 
LYS N   CA   sing N N 200 
LYS N   H    sing N N 201 
LYS N   H2   sing N N 202 
LYS CA  C    sing N N 203 
LYS CA  CB   sing N N 204 
LYS CA  HA   sing N N 205 
LYS C   O    doub N N 206 
LYS C   OXT  sing N N 207 
LYS CB  CG   sing N N 208 
LYS CB  HB2  sing N N 209 
LYS CB  HB3  sing N N 210 
LYS CG  CD   sing N N 211 
LYS CG  HG2  sing N N 212 
LYS CG  HG3  sing N N 213 
LYS CD  CE   sing N N 214 
LYS CD  HD2  sing N N 215 
LYS CD  HD3  sing N N 216 
LYS CE  NZ   sing N N 217 
LYS CE  HE2  sing N N 218 
LYS CE  HE3  sing N N 219 
LYS NZ  HZ1  sing N N 220 
LYS NZ  HZ2  sing N N 221 
LYS NZ  HZ3  sing N N 222 
LYS OXT HXT  sing N N 223 
MET N   CA   sing N N 224 
MET N   H    sing N N 225 
MET N   H2   sing N N 226 
MET CA  C    sing N N 227 
MET CA  CB   sing N N 228 
MET CA  HA   sing N N 229 
MET C   O    doub N N 230 
MET C   OXT  sing N N 231 
MET CB  CG   sing N N 232 
MET CB  HB2  sing N N 233 
MET CB  HB3  sing N N 234 
MET CG  SD   sing N N 235 
MET CG  HG2  sing N N 236 
MET CG  HG3  sing N N 237 
MET SD  CE   sing N N 238 
MET CE  HE1  sing N N 239 
MET CE  HE2  sing N N 240 
MET CE  HE3  sing N N 241 
MET OXT HXT  sing N N 242 
PHE N   CA   sing N N 243 
PHE N   H    sing N N 244 
PHE N   H2   sing N N 245 
PHE CA  C    sing N N 246 
PHE CA  CB   sing N N 247 
PHE CA  HA   sing N N 248 
PHE C   O    doub N N 249 
PHE C   OXT  sing N N 250 
PHE CB  CG   sing N N 251 
PHE CB  HB2  sing N N 252 
PHE CB  HB3  sing N N 253 
PHE CG  CD1  doub Y N 254 
PHE CG  CD2  sing Y N 255 
PHE CD1 CE1  sing Y N 256 
PHE CD1 HD1  sing N N 257 
PHE CD2 CE2  doub Y N 258 
PHE CD2 HD2  sing N N 259 
PHE CE1 CZ   doub Y N 260 
PHE CE1 HE1  sing N N 261 
PHE CE2 CZ   sing Y N 262 
PHE CE2 HE2  sing N N 263 
PHE CZ  HZ   sing N N 264 
PHE OXT HXT  sing N N 265 
PRO N   CA   sing N N 266 
PRO N   CD   sing N N 267 
PRO N   H    sing N N 268 
PRO CA  C    sing N N 269 
PRO CA  CB   sing N N 270 
PRO CA  HA   sing N N 271 
PRO C   O    doub N N 272 
PRO C   OXT  sing N N 273 
PRO CB  CG   sing N N 274 
PRO CB  HB2  sing N N 275 
PRO CB  HB3  sing N N 276 
PRO CG  CD   sing N N 277 
PRO CG  HG2  sing N N 278 
PRO CG  HG3  sing N N 279 
PRO CD  HD2  sing N N 280 
PRO CD  HD3  sing N N 281 
PRO OXT HXT  sing N N 282 
SER N   CA   sing N N 283 
SER N   H    sing N N 284 
SER N   H2   sing N N 285 
SER CA  C    sing N N 286 
SER CA  CB   sing N N 287 
SER CA  HA   sing N N 288 
SER C   O    doub N N 289 
SER C   OXT  sing N N 290 
SER CB  OG   sing N N 291 
SER CB  HB2  sing N N 292 
SER CB  HB3  sing N N 293 
SER OG  HG   sing N N 294 
SER OXT HXT  sing N N 295 
THR N   CA   sing N N 296 
THR N   H    sing N N 297 
THR N   H2   sing N N 298 
THR CA  C    sing N N 299 
THR CA  CB   sing N N 300 
THR CA  HA   sing N N 301 
THR C   O    doub N N 302 
THR C   OXT  sing N N 303 
THR CB  OG1  sing N N 304 
THR CB  CG2  sing N N 305 
THR CB  HB   sing N N 306 
THR OG1 HG1  sing N N 307 
THR CG2 HG21 sing N N 308 
THR CG2 HG22 sing N N 309 
THR CG2 HG23 sing N N 310 
THR OXT HXT  sing N N 311 
TRP N   CA   sing N N 312 
TRP N   H    sing N N 313 
TRP N   H2   sing N N 314 
TRP CA  C    sing N N 315 
TRP CA  CB   sing N N 316 
TRP CA  HA   sing N N 317 
TRP C   O    doub N N 318 
TRP C   OXT  sing N N 319 
TRP CB  CG   sing N N 320 
TRP CB  HB2  sing N N 321 
TRP CB  HB3  sing N N 322 
TRP CG  CD1  doub Y N 323 
TRP CG  CD2  sing Y N 324 
TRP CD1 NE1  sing Y N 325 
TRP CD1 HD1  sing N N 326 
TRP CD2 CE2  doub Y N 327 
TRP CD2 CE3  sing Y N 328 
TRP NE1 CE2  sing Y N 329 
TRP NE1 HE1  sing N N 330 
TRP CE2 CZ2  sing Y N 331 
TRP CE3 CZ3  doub Y N 332 
TRP CE3 HE3  sing N N 333 
TRP CZ2 CH2  doub Y N 334 
TRP CZ2 HZ2  sing N N 335 
TRP CZ3 CH2  sing Y N 336 
TRP CZ3 HZ3  sing N N 337 
TRP CH2 HH2  sing N N 338 
TRP OXT HXT  sing N N 339 
TYR N   CA   sing N N 340 
TYR N   H    sing N N 341 
TYR N   H2   sing N N 342 
TYR CA  C    sing N N 343 
TYR CA  CB   sing N N 344 
TYR CA  HA   sing N N 345 
TYR C   O    doub N N 346 
TYR C   OXT  sing N N 347 
TYR CB  CG   sing N N 348 
TYR CB  HB2  sing N N 349 
TYR CB  HB3  sing N N 350 
TYR CG  CD1  doub Y N 351 
TYR CG  CD2  sing Y N 352 
TYR CD1 CE1  sing Y N 353 
TYR CD1 HD1  sing N N 354 
TYR CD2 CE2  doub Y N 355 
TYR CD2 HD2  sing N N 356 
TYR CE1 CZ   doub Y N 357 
TYR CE1 HE1  sing N N 358 
TYR CE2 CZ   sing Y N 359 
TYR CE2 HE2  sing N N 360 
TYR CZ  OH   sing N N 361 
TYR OH  HH   sing N N 362 
TYR OXT HXT  sing N N 363 
VAL N   CA   sing N N 364 
VAL N   H    sing N N 365 
VAL N   H2   sing N N 366 
VAL CA  C    sing N N 367 
VAL CA  CB   sing N N 368 
VAL CA  HA   sing N N 369 
VAL C   O    doub N N 370 
VAL C   OXT  sing N N 371 
VAL CB  CG1  sing N N 372 
VAL CB  CG2  sing N N 373 
VAL CB  HB   sing N N 374 
VAL CG1 HG11 sing N N 375 
VAL CG1 HG12 sing N N 376 
VAL CG1 HG13 sing N N 377 
VAL CG2 HG21 sing N N 378 
VAL CG2 HG22 sing N N 379 
VAL CG2 HG23 sing N N 380 
VAL OXT HXT  sing N N 381 
# 
_pdbx_initial_refinement_model.id               1 
_pdbx_initial_refinement_model.entity_id_list   ? 
_pdbx_initial_refinement_model.type             'experimental model' 
_pdbx_initial_refinement_model.source_name      PDB 
_pdbx_initial_refinement_model.accession_code   2CG7 
_pdbx_initial_refinement_model.details          'PDB ENTRY 2CG7' 
# 
_atom_sites.entry_id                    4PZ5 
_atom_sites.fract_transf_matrix[1][1]   0.00814523 
_atom_sites.fract_transf_matrix[1][2]   -0.01055349 
_atom_sites.fract_transf_matrix[1][3]   0.00037930 
_atom_sites.fract_transf_matrix[2][1]   0.01193202 
_atom_sites.fract_transf_matrix[2][2]   0.00056931 
_atom_sites.fract_transf_matrix[2][3]   -0.00593114 
_atom_sites.fract_transf_matrix[3][1]   0.00637015 
_atom_sites.fract_transf_matrix[3][2]   0.00539571 
_atom_sites.fract_transf_matrix[3][3]   0.01333311 
_atom_sites.fract_transf_vector[1]      -0.349213 
_atom_sites.fract_transf_vector[2]      0.126115 
_atom_sites.fract_transf_vector[3]      1.003381 
# 
loop_
_atom_type.symbol 
C 
N 
O 
S 
# 
loop_
_atom_site.group_PDB 
_atom_site.id 
_atom_site.type_symbol 
_atom_site.label_atom_id 
_atom_site.label_alt_id 
_atom_site.label_comp_id 
_atom_site.label_asym_id 
_atom_site.label_entity_id 
_atom_site.label_seq_id 
_atom_site.pdbx_PDB_ins_code 
_atom_site.Cartn_x 
_atom_site.Cartn_y 
_atom_site.Cartn_z 
_atom_site.occupancy 
_atom_site.B_iso_or_equiv 
_atom_site.pdbx_formal_charge 
_atom_site.auth_seq_id 
_atom_site.auth_comp_id 
_atom_site.auth_asym_id 
_atom_site.auth_atom_id 
_atom_site.pdbx_PDB_model_num 
ATOM   1   N N   . GLU A 1 2  ? -14.348 -20.848 -12.749 1.00 53.04 ? 63  GLU A N   1 
ATOM   2   C CA  . GLU A 1 2  ? -14.529 -19.750 -11.807 1.00 54.63 ? 63  GLU A CA  1 
ATOM   3   C C   . GLU A 1 2  ? -13.629 -18.566 -12.137 1.00 43.95 ? 63  GLU A C   1 
ATOM   4   O O   . GLU A 1 2  ? -12.548 -18.711 -12.715 1.00 42.43 ? 63  GLU A O   1 
ATOM   5   C CB  . GLU A 1 2  ? -14.263 -20.201 -10.368 1.00 56.98 ? 63  GLU A CB  1 
ATOM   6   C CG  . GLU A 1 2  ? -12.793 -20.211 -9.990  1.00 58.51 ? 63  GLU A CG  1 
ATOM   7   C CD  . GLU A 1 2  ? -12.572 -20.298 -8.493  1.00 65.06 ? 63  GLU A CD  1 
ATOM   8   O OE1 . GLU A 1 2  ? -13.077 -19.423 -7.753  1.00 64.37 ? 63  GLU A OE1 1 
ATOM   9   O OE2 . GLU A 1 2  ? -11.893 -21.250 -8.057  1.00 68.86 ? 63  GLU A OE2 1 
ATOM   10  N N   . GLU A 1 3  ? -14.090 -17.392 -11.738 1.00 36.84 ? 64  GLU A N   1 
ATOM   11  C CA  . GLU A 1 3  ? -13.461 -16.137 -12.094 1.00 31.90 ? 64  GLU A CA  1 
ATOM   12  C C   . GLU A 1 3  ? -12.143 -15.870 -11.360 1.00 31.23 ? 64  GLU A C   1 
ATOM   13  O O   . GLU A 1 3  ? -12.024 -16.136 -10.164 1.00 35.04 ? 64  GLU A O   1 
ATOM   14  C CB  . GLU A 1 3  ? -14.444 -15.013 -11.828 1.00 35.65 ? 64  GLU A CB  1 
ATOM   15  C CG  . GLU A 1 3  ? -13.986 -13.705 -12.360 1.00 42.09 ? 64  GLU A CG  1 
ATOM   16  C CD  . GLU A 1 3  ? -15.106 -12.710 -12.483 1.00 41.89 ? 64  GLU A CD  1 
ATOM   17  O OE1 . GLU A 1 3  ? -14.840 -11.599 -12.974 1.00 36.36 ? 64  GLU A OE1 1 
ATOM   18  O OE2 . GLU A 1 3  ? -16.244 -13.044 -12.088 1.00 45.77 ? 64  GLU A OE2 1 
ATOM   19  N N   . THR A 1 4  ? -11.156 -15.333 -12.077 1.00 27.15 ? 65  THR A N   1 
ATOM   20  C CA  . THR A 1 4  ? -9.840  -15.061 -11.487 1.00 25.05 ? 65  THR A CA  1 
ATOM   21  C C   . THR A 1 4  ? -9.266  -13.694 -11.862 1.00 26.77 ? 65  THR A C   1 
ATOM   22  O O   . THR A 1 4  ? -9.722  -13.052 -12.815 1.00 26.85 ? 65  THR A O   1 
ATOM   23  C CB  . THR A 1 4  ? -8.813  -16.116 -11.917 1.00 27.79 ? 65  THR A CB  1 
ATOM   24  O OG1 . THR A 1 4  ? -8.678  -16.083 -13.340 1.00 30.61 ? 65  THR A OG1 1 
ATOM   25  C CG2 . THR A 1 4  ? -9.251  -17.504 -11.493 1.00 24.44 ? 65  THR A CG2 1 
ATOM   26  N N   . CYS A 1 5  ? -8.261  -13.254 -11.104 1.00 19.37 ? 66  CYS A N   1 
ATOM   27  C CA  . CYS A 1 5  ? -7.441  -12.109 -11.484 1.00 18.18 ? 66  CYS A CA  1 
ATOM   28  C C   . CYS A 1 5  ? -6.009  -12.581 -11.677 1.00 20.13 ? 66  CYS A C   1 
ATOM   29  O O   . CYS A 1 5  ? -5.578  -13.534 -11.035 1.00 23.12 ? 66  CYS A O   1 
ATOM   30  C CB  . CYS A 1 5  ? -7.487  -11.001 -10.419 1.00 17.19 ? 66  CYS A CB  1 
ATOM   31  S SG  . CYS A 1 5  ? -9.156  -10.486 -9.966  1.00 22.37 ? 66  CYS A SG  1 
ATOM   32  N N   . PHE A 1 6  ? -5.274  -11.919 -12.560 1.00 20.53 ? 67  PHE A N   1 
ATOM   33  C CA  . PHE A 1 6  ? -3.844  -12.159 -12.687 1.00 21.62 ? 67  PHE A CA  1 
ATOM   34  C C   . PHE A 1 6  ? -3.107  -10.871 -12.373 1.00 25.56 ? 67  PHE A C   1 
ATOM   35  O O   . PHE A 1 6  ? -3.439  -9.818  -12.923 1.00 21.23 ? 67  PHE A O   1 
ATOM   36  C CB  . PHE A 1 6  ? -3.482  -12.642 -14.089 1.00 21.88 ? 67  PHE A CB  1 
ATOM   37  C CG  . PHE A 1 6  ? -1.996  -12.723 -14.332 1.00 26.58 ? 67  PHE A CG  1 
ATOM   38  C CD1 . PHE A 1 6  ? -1.250  -13.773 -13.813 1.00 26.59 ? 67  PHE A CD1 1 
ATOM   39  C CD2 . PHE A 1 6  ? -1.346  -11.756 -15.085 1.00 25.52 ? 67  PHE A CD2 1 
ATOM   40  C CE1 . PHE A 1 6  ? 0.119   -13.853 -14.037 1.00 29.38 ? 67  PHE A CE1 1 
ATOM   41  C CE2 . PHE A 1 6  ? 0.026   -11.829 -15.307 1.00 27.67 ? 67  PHE A CE2 1 
ATOM   42  C CZ  . PHE A 1 6  ? 0.756   -12.877 -14.781 1.00 25.04 ? 67  PHE A CZ  1 
ATOM   43  N N   . ASP A 1 7  ? -2.113  -10.943 -11.489 1.00 19.58 ? 68  ASP A N   1 
ATOM   44  C CA  . ASP A 1 7  ? -1.327  -9.760  -11.154 1.00 16.69 ? 68  ASP A CA  1 
ATOM   45  C C   . ASP A 1 7  ? 0.074   -9.880  -11.743 1.00 20.55 ? 68  ASP A C   1 
ATOM   46  O O   . ASP A 1 7  ? 0.863   -10.731 -11.326 1.00 23.60 ? 68  ASP A O   1 
ATOM   47  C CB  . ASP A 1 7  ? -1.266  -9.559  -9.631  1.00 18.13 ? 68  ASP A CB  1 
ATOM   48  C CG  . ASP A 1 7  ? -0.669  -8.222  -9.253  1.00 24.36 ? 68  ASP A CG  1 
ATOM   49  O OD1 . ASP A 1 7  ? 0.544   -8.042  -9.477  1.00 28.83 ? 68  ASP A OD1 1 
ATOM   50  O OD2 . ASP A 1 7  ? -1.398  -7.352  -8.730  1.00 24.02 ? 68  ASP A OD2 1 
ATOM   51  N N   . LYS A 1 8  ? 0.392   -9.030  -12.716 1.00 18.81 ? 69  LYS A N   1 
ATOM   52  C CA  . LYS A 1 8  ? 1.661   -9.141  -13.414 1.00 20.70 ? 69  LYS A CA  1 
ATOM   53  C C   . LYS A 1 8  ? 2.855   -8.763  -12.522 1.00 20.36 ? 69  LYS A C   1 
ATOM   54  O O   . LYS A 1 8  ? 3.989   -9.141  -12.814 1.00 21.59 ? 69  LYS A O   1 
ATOM   55  C CB  . LYS A 1 8  ? 1.657   -8.274  -14.666 1.00 28.06 ? 69  LYS A CB  1 
ATOM   56  C CG  . LYS A 1 8  ? 1.503   -6.786  -14.384 1.00 25.81 ? 69  LYS A CG  1 
ATOM   57  C CD  . LYS A 1 8  ? 1.401   -6.022  -15.696 1.00 30.04 ? 69  LYS A CD  1 
ATOM   58  C CE  . LYS A 1 8  ? 1.517   -4.530  -15.471 1.00 36.27 ? 69  LYS A CE  1 
ATOM   59  N NZ  . LYS A 1 8  ? 1.413   -3.784  -16.751 1.00 37.15 ? 69  LYS A NZ  1 
ATOM   60  N N   . TYR A 1 9  ? 2.601   -8.015  -11.451 1.00 17.96 ? 70  TYR A N   1 
ATOM   61  C CA  . TYR A 1 9  ? 3.675   -7.647  -10.522 1.00 18.78 ? 70  TYR A CA  1 
ATOM   62  C C   . TYR A 1 9  ? 4.035   -8.791  -9.589  1.00 21.66 ? 70  TYR A C   1 
ATOM   63  O O   . TYR A 1 9  ? 5.197   -8.978  -9.255  1.00 30.83 ? 70  TYR A O   1 
ATOM   64  C CB  . TYR A 1 9  ? 3.293   -6.411  -9.698  1.00 16.82 ? 70  TYR A CB  1 
ATOM   65  C CG  . TYR A 1 9  ? 3.154   -5.172  -10.544 1.00 26.61 ? 70  TYR A CG  1 
ATOM   66  C CD1 . TYR A 1 9  ? 1.940   -4.851  -11.136 1.00 26.18 ? 70  TYR A CD1 1 
ATOM   67  C CD2 . TYR A 1 9  ? 4.238   -4.331  -10.772 1.00 30.15 ? 70  TYR A CD2 1 
ATOM   68  C CE1 . TYR A 1 9  ? 1.804   -3.724  -11.918 1.00 27.55 ? 70  TYR A CE1 1 
ATOM   69  C CE2 . TYR A 1 9  ? 4.109   -3.196  -11.561 1.00 23.95 ? 70  TYR A CE2 1 
ATOM   70  C CZ  . TYR A 1 9  ? 2.887   -2.904  -12.131 1.00 29.13 ? 70  TYR A CZ  1 
ATOM   71  O OH  . TYR A 1 9  ? 2.737   -1.791  -12.925 1.00 37.01 ? 70  TYR A OH  1 
ATOM   72  N N   . THR A 1 10 ? 3.043   -9.556  -9.150  1.00 23.14 ? 71  THR A N   1 
ATOM   73  C CA  . THR A 1 10 ? 3.342   -10.715 -8.314  1.00 23.20 ? 71  THR A CA  1 
ATOM   74  C C   . THR A 1 10 ? 3.534   -11.965 -9.167  1.00 32.23 ? 71  THR A C   1 
ATOM   75  O O   . THR A 1 10 ? 4.214   -12.904 -8.760  1.00 25.47 ? 71  THR A O   1 
ATOM   76  C CB  . THR A 1 10 ? 2.238   -10.977 -7.289  1.00 22.33 ? 71  THR A CB  1 
ATOM   77  O OG1 . THR A 1 10 ? 1.035   -11.361 -7.972  1.00 22.15 ? 71  THR A OG1 1 
ATOM   78  C CG2 . THR A 1 10 ? 1.986   -9.727  -6.457  1.00 20.21 ? 71  THR A CG2 1 
ATOM   79  N N   . GLY A 1 11 ? 2.930   -11.967 -10.350 1.00 22.42 ? 72  GLY A N   1 
ATOM   80  C CA  . GLY A 1 11 ? 2.978   -13.122 -11.234 1.00 26.25 ? 72  GLY A CA  1 
ATOM   81  C C   . GLY A 1 11 ? 1.972   -14.200 -10.852 1.00 30.70 ? 72  GLY A C   1 
ATOM   82  O O   . GLY A 1 11 ? 1.934   -15.271 -11.465 1.00 27.36 ? 72  GLY A O   1 
ATOM   83  N N   . ASN A 1 12 ? 1.142   -13.919 -9.850  1.00 29.18 ? 73  ASN A N   1 
ATOM   84  C CA  . ASN A 1 12 ? 0.181   -14.911 -9.371  1.00 30.73 ? 73  ASN A CA  1 
ATOM   85  C C   . ASN A 1 12 ? -1.250  -14.704 -9.854  1.00 24.38 ? 73  ASN A C   1 
ATOM   86  O O   . ASN A 1 12 ? -1.636  -13.618 -10.299 1.00 21.89 ? 73  ASN A O   1 
ATOM   87  C CB  . ASN A 1 12 ? 0.181   -14.953 -7.846  1.00 27.20 ? 73  ASN A CB  1 
ATOM   88  C CG  . ASN A 1 12 ? 1.499   -15.418 -7.284  1.00 30.72 ? 73  ASN A CG  1 
ATOM   89  O OD1 . ASN A 1 12 ? 2.158   -16.285 -7.853  1.00 32.62 ? 73  ASN A OD1 1 
ATOM   90  N ND2 . ASN A 1 12 ? 1.895   -14.843 -6.152  1.00 30.67 ? 73  ASN A ND2 1 
ATOM   91  N N   . THR A 1 13 ? -2.026  -15.780 -9.766  1.00 26.66 ? 74  THR A N   1 
ATOM   92  C CA  . THR A 1 13 ? -3.438  -15.779 -10.122 1.00 22.98 ? 74  THR A CA  1 
ATOM   93  C C   . THR A 1 13 ? -4.278  -15.917 -8.856  1.00 25.15 ? 74  THR A C   1 
ATOM   94  O O   . THR A 1 13 ? -3.967  -16.734 -7.987  1.00 25.76 ? 74  THR A O   1 
ATOM   95  C CB  . THR A 1 13 ? -3.753  -16.923 -11.100 1.00 27.80 ? 74  THR A CB  1 
ATOM   96  O OG1 . THR A 1 13 ? -3.036  -16.705 -12.315 1.00 31.25 ? 74  THR A OG1 1 
ATOM   97  C CG2 . THR A 1 13 ? -5.234  -16.996 -11.410 1.00 27.09 ? 74  THR A CG2 1 
ATOM   98  N N   . TYR A 1 14 ? -5.332  -15.109 -8.758  1.00 21.25 ? 75  TYR A N   1 
ATOM   99  C CA  . TYR A 1 14 ? -6.128  -15.003 -7.543  1.00 21.63 ? 75  TYR A CA  1 
ATOM   100 C C   . TYR A 1 14 ? -7.597  -15.303 -7.791  1.00 23.99 ? 75  TYR A C   1 
ATOM   101 O O   . TYR A 1 14 ? -8.086  -15.138 -8.906  1.00 25.99 ? 75  TYR A O   1 
ATOM   102 C CB  . TYR A 1 14 ? -5.989  -13.599 -6.941  1.00 18.31 ? 75  TYR A CB  1 
ATOM   103 C CG  . TYR A 1 14 ? -4.558  -13.221 -6.681  1.00 23.38 ? 75  TYR A CG  1 
ATOM   104 C CD1 . TYR A 1 14 ? -3.949  -13.517 -5.461  1.00 22.44 ? 75  TYR A CD1 1 
ATOM   105 C CD2 . TYR A 1 14 ? -3.799  -12.580 -7.661  1.00 19.97 ? 75  TYR A CD2 1 
ATOM   106 C CE1 . TYR A 1 14 ? -2.632  -13.176 -5.224  1.00 25.85 ? 75  TYR A CE1 1 
ATOM   107 C CE2 . TYR A 1 14 ? -2.475  -12.237 -7.430  1.00 24.11 ? 75  TYR A CE2 1 
ATOM   108 C CZ  . TYR A 1 14 ? -1.899  -12.538 -6.212  1.00 24.05 ? 75  TYR A CZ  1 
ATOM   109 O OH  . TYR A 1 14 ? -0.587  -12.207 -5.970  1.00 24.67 ? 75  TYR A OH  1 
ATOM   110 N N   . ARG A 1 15 ? -8.290  -15.740 -6.746  1.00 22.67 ? 76  ARG A N   1 
ATOM   111 C CA  . ARG A 1 15 ? -9.734  -15.917 -6.795  1.00 23.24 ? 76  ARG A CA  1 
ATOM   112 C C   . ARG A 1 15 ? -10.408 -14.643 -6.313  1.00 25.96 ? 76  ARG A C   1 
ATOM   113 O O   . ARG A 1 15 ? -9.789  -13.846 -5.600  1.00 20.75 ? 76  ARG A O   1 
ATOM   114 C CB  . ARG A 1 15 ? -10.169 -17.111 -5.943  1.00 26.85 ? 76  ARG A CB  1 
ATOM   115 C CG  . ARG A 1 15 ? -9.982  -18.448 -6.626  1.00 38.26 ? 76  ARG A CG  1 
ATOM   116 C CD  . ARG A 1 15 ? -10.487 -19.583 -5.760  1.00 57.34 ? 76  ARG A CD  1 
ATOM   117 N NE  . ARG A 1 15 ? -9.706  -19.740 -4.537  1.00 69.96 ? 76  ARG A NE  1 
ATOM   118 C CZ  . ARG A 1 15 ? -10.075 -20.493 -3.505  1.00 78.37 ? 76  ARG A CZ  1 
ATOM   119 N NH1 . ARG A 1 15 ? -11.220 -21.168 -3.545  1.00 80.41 ? 76  ARG A NH1 1 
ATOM   120 N NH2 . ARG A 1 15 ? -9.296  -20.583 -2.434  1.00 80.81 ? 76  ARG A NH2 1 
ATOM   121 N N   . VAL A 1 16 ? -11.664 -14.441 -6.701  1.00 21.03 ? 77  VAL A N   1 
ATOM   122 C CA  . VAL A 1 16 ? -12.411 -13.262 -6.262  1.00 22.30 ? 77  VAL A CA  1 
ATOM   123 C C   . VAL A 1 16 ? -12.430 -13.152 -4.736  1.00 23.34 ? 77  VAL A C   1 
ATOM   124 O O   . VAL A 1 16 ? -12.770 -14.107 -4.040  1.00 24.89 ? 77  VAL A O   1 
ATOM   125 C CB  . VAL A 1 16 ? -13.865 -13.276 -6.784  1.00 26.02 ? 77  VAL A CB  1 
ATOM   126 C CG1 . VAL A 1 16 ? -14.635 -12.073 -6.256  1.00 22.84 ? 77  VAL A CG1 1 
ATOM   127 C CG2 . VAL A 1 16 ? -13.886 -13.297 -8.317  1.00 27.41 ? 77  VAL A CG2 1 
ATOM   128 N N   . GLY A 1 17 ? -12.040 -11.988 -4.224  1.00 20.61 ? 78  GLY A N   1 
ATOM   129 C CA  . GLY A 1 17 ? -12.048 -11.752 -2.795  1.00 23.32 ? 78  GLY A CA  1 
ATOM   130 C C   . GLY A 1 17 ? -10.695 -11.993 -2.152  1.00 24.51 ? 78  GLY A C   1 
ATOM   131 O O   . GLY A 1 17 ? -10.492 -11.647 -0.995  1.00 26.74 ? 78  GLY A O   1 
ATOM   132 N N   . ASP A 1 18 ? -9.765  -12.587 -2.895  1.00 21.29 ? 79  ASP A N   1 
ATOM   133 C CA  . ASP A 1 18 ? -8.408  -12.769 -2.385  1.00 24.63 ? 79  ASP A CA  1 
ATOM   134 C C   . ASP A 1 18 ? -7.759  -11.408 -2.173  1.00 22.96 ? 79  ASP A C   1 
ATOM   135 O O   . ASP A 1 18 ? -7.959  -10.491 -2.971  1.00 18.61 ? 79  ASP A O   1 
ATOM   136 C CB  . ASP A 1 18 ? -7.552  -13.599 -3.348  1.00 23.11 ? 79  ASP A CB  1 
ATOM   137 C CG  . ASP A 1 18 ? -7.896  -15.085 -3.331  1.00 25.76 ? 79  ASP A CG  1 
ATOM   138 O OD1 . ASP A 1 18 ? -8.730  -15.514 -2.513  1.00 27.03 ? 79  ASP A OD1 1 
ATOM   139 O OD2 . ASP A 1 18 ? -7.315  -15.831 -4.142  1.00 24.97 ? 79  ASP A OD2 1 
ATOM   140 N N   . THR A 1 19 ? -6.981  -11.283 -1.106  1.00 22.07 ? 80  THR A N   1 
ATOM   141 C CA  . THR A 1 19 ? -6.245  -10.056 -0.824  1.00 21.10 ? 80  THR A CA  1 
ATOM   142 C C   . THR A 1 19 ? -4.763  -10.380 -0.808  1.00 24.23 ? 80  THR A C   1 
ATOM   143 O O   . THR A 1 19 ? -4.375  -11.483 -0.411  1.00 24.73 ? 80  THR A O   1 
ATOM   144 C CB  . THR A 1 19 ? -6.652  -9.435  0.525   1.00 28.94 ? 80  THR A CB  1 
ATOM   145 O OG1 . THR A 1 19 ? -6.572  -10.436 1.545   1.00 26.55 ? 80  THR A OG1 1 
ATOM   146 C CG2 . THR A 1 19 ? -8.078  -8.914  0.469   1.00 23.90 ? 80  THR A CG2 1 
ATOM   147 N N   . TYR A 1 20 ? -3.928  -9.437  -1.237  1.00 15.50 ? 81  TYR A N   1 
ATOM   148 C CA  . TYR A 1 20 ? -2.498  -9.697  -1.315  1.00 18.83 ? 81  TYR A CA  1 
ATOM   149 C C   . TYR A 1 20 ? -1.704  -8.403  -1.408  1.00 18.86 ? 81  TYR A C   1 
ATOM   150 O O   . TYR A 1 20 ? -2.264  -7.325  -1.618  1.00 17.82 ? 81  TYR A O   1 
ATOM   151 C CB  . TYR A 1 20 ? -2.184  -10.596 -2.520  1.00 22.30 ? 81  TYR A CB  1 
ATOM   152 C CG  . TYR A 1 20 ? -2.527  -9.963  -3.848  1.00 21.15 ? 81  TYR A CG  1 
ATOM   153 C CD1 . TYR A 1 20 ? -1.570  -9.261  -4.575  1.00 17.21 ? 81  TYR A CD1 1 
ATOM   154 C CD2 . TYR A 1 20 ? -3.816  -10.051 -4.372  1.00 20.88 ? 81  TYR A CD2 1 
ATOM   155 C CE1 . TYR A 1 20 ? -1.879  -8.671  -5.794  1.00 16.03 ? 81  TYR A CE1 1 
ATOM   156 C CE2 . TYR A 1 20 ? -4.138  -9.463  -5.589  1.00 19.09 ? 81  TYR A CE2 1 
ATOM   157 C CZ  . TYR A 1 20 ? -3.161  -8.771  -6.293  1.00 19.10 ? 81  TYR A CZ  1 
ATOM   158 O OH  . TYR A 1 20 ? -3.463  -8.167  -7.501  1.00 17.46 ? 81  TYR A OH  1 
ATOM   159 N N   . GLU A 1 21 ? -0.391  -8.512  -1.270  1.00 16.44 ? 82  GLU A N   1 
ATOM   160 C CA  . GLU A 1 21 ? 0.474   -7.344  -1.367  1.00 16.01 ? 82  GLU A CA  1 
ATOM   161 C C   . GLU A 1 21 ? 1.150   -7.277  -2.729  1.00 16.89 ? 82  GLU A C   1 
ATOM   162 O O   . GLU A 1 21 ? 1.649   -8.281  -3.233  1.00 21.04 ? 82  GLU A O   1 
ATOM   163 C CB  . GLU A 1 21 ? 1.523   -7.377  -0.252  1.00 17.65 ? 82  GLU A CB  1 
ATOM   164 C CG  . GLU A 1 21 ? 0.906   -7.424  1.127   1.00 21.84 ? 82  GLU A CG  1 
ATOM   165 C CD  . GLU A 1 21 ? 1.944   -7.427  2.244   1.00 34.88 ? 82  GLU A CD  1 
ATOM   166 O OE1 . GLU A 1 21 ? 3.143   -7.609  1.955   1.00 35.98 ? 82  GLU A OE1 1 
ATOM   167 O OE2 . GLU A 1 21 ? 1.555   -7.232  3.410   1.00 37.64 ? 82  GLU A OE2 1 
ATOM   168 N N   . ARG A 1 22 ? 1.160   -6.091  -3.323  1.00 18.91 ? 83  ARG A N   1 
ATOM   169 C CA  . ARG A 1 22 ? 1.829   -5.879  -4.599  1.00 22.37 ? 83  ARG A CA  1 
ATOM   170 C C   . ARG A 1 22 ? 2.958   -4.873  -4.471  1.00 18.26 ? 83  ARG A C   1 
ATOM   171 O O   . ARG A 1 22 ? 2.744   -3.765  -4.005  1.00 16.36 ? 83  ARG A O   1 
ATOM   172 C CB  . ARG A 1 22 ? 0.832   -5.384  -5.644  1.00 21.59 ? 83  ARG A CB  1 
ATOM   173 C CG  . ARG A 1 22 ? 1.483   -4.646  -6.800  1.00 24.41 ? 83  ARG A CG  1 
ATOM   174 C CD  . ARG A 1 22 ? 0.457   -3.800  -7.523  1.00 22.34 ? 83  ARG A CD  1 
ATOM   175 N NE  . ARG A 1 22 ? -0.369  -4.619  -8.405  1.00 23.82 ? 83  ARG A NE  1 
ATOM   176 C CZ  . ARG A 1 22 ? -1.115  -4.114  -9.378  1.00 27.26 ? 83  ARG A CZ  1 
ATOM   177 N NH1 . ARG A 1 22 ? -1.832  -4.911  -10.162 1.00 26.10 ? 83  ARG A NH1 1 
ATOM   178 N NH2 . ARG A 1 22 ? -1.131  -2.794  -9.563  1.00 25.62 ? 83  ARG A NH2 1 
ATOM   179 N N   . PRO A 1 23 ? 4.170   -5.252  -4.893  1.00 20.30 ? 84  PRO A N   1 
ATOM   180 C CA  . PRO A 1 23 ? 5.259   -4.273  -4.918  1.00 20.06 ? 84  PRO A CA  1 
ATOM   181 C C   . PRO A 1 23 ? 5.206   -3.444  -6.195  1.00 22.84 ? 84  PRO A C   1 
ATOM   182 O O   . PRO A 1 23 ? 5.298   -4.005  -7.290  1.00 26.20 ? 84  PRO A O   1 
ATOM   183 C CB  . PRO A 1 23 ? 6.509   -5.148  -4.880  1.00 24.59 ? 84  PRO A CB  1 
ATOM   184 C CG  . PRO A 1 23 ? 6.087   -6.407  -5.607  1.00 28.84 ? 84  PRO A CG  1 
ATOM   185 C CD  . PRO A 1 23 ? 4.614   -6.595  -5.319  1.00 23.13 ? 84  PRO A CD  1 
ATOM   186 N N   . LYS A 1 24 ? 5.048   -2.131  -6.064  1.00 19.77 ? 85  LYS A N   1 
ATOM   187 C CA  . LYS A 1 24 ? 4.994   -1.268  -7.234  1.00 19.33 ? 85  LYS A CA  1 
ATOM   188 C C   . LYS A 1 24 ? 5.364   0.165   -6.890  1.00 16.04 ? 85  LYS A C   1 
ATOM   189 O O   . LYS A 1 24 ? 4.924   0.686   -5.875  1.00 20.49 ? 85  LYS A O   1 
ATOM   190 C CB  . LYS A 1 24 ? 3.605   -1.325  -7.864  1.00 18.51 ? 85  LYS A CB  1 
ATOM   191 C CG  . LYS A 1 24 ? 3.371   -0.322  -8.985  1.00 21.64 ? 85  LYS A CG  1 
ATOM   192 C CD  . LYS A 1 24 ? 1.951   -0.507  -9.521  1.00 27.62 ? 85  LYS A CD  1 
ATOM   193 C CE  . LYS A 1 24 ? 1.707   0.244   -10.817 1.00 35.10 ? 85  LYS A CE  1 
ATOM   194 N NZ  . LYS A 1 24 ? 1.374   1.663   -10.582 1.00 35.15 ? 85  LYS A NZ  1 
ATOM   195 N N   . ASP A 1 25 ? 6.179   0.790   -7.743  1.00 16.73 ? 86  ASP A N   1 
ATOM   196 C CA  . ASP A 1 25 ? 6.637   2.174   -7.548  1.00 21.48 ? 86  ASP A CA  1 
ATOM   197 C C   . ASP A 1 25 ? 7.233   2.431   -6.160  1.00 21.96 ? 86  ASP A C   1 
ATOM   198 O O   . ASP A 1 25 ? 6.897   3.426   -5.526  1.00 19.44 ? 86  ASP A O   1 
ATOM   199 C CB  . ASP A 1 25 ? 5.487   3.165   -7.792  1.00 22.62 ? 86  ASP A CB  1 
ATOM   200 C CG  . ASP A 1 25 ? 4.930   3.086   -9.215  1.00 29.69 ? 86  ASP A CG  1 
ATOM   201 O OD1 . ASP A 1 25 ? 5.662   2.632   -10.113 1.00 27.91 ? 86  ASP A OD1 1 
ATOM   202 O OD2 . ASP A 1 25 ? 3.760   3.474   -9.433  1.00 26.17 ? 86  ASP A OD2 1 
ATOM   203 N N   . SER A 1 26 ? 8.103   1.532   -5.705  1.00 19.71 ? 87  SER A N   1 
ATOM   204 C CA  . SER A 1 26 ? 8.797   1.654   -4.415  1.00 25.33 ? 87  SER A CA  1 
ATOM   205 C C   . SER A 1 26 ? 7.885   1.567   -3.201  1.00 20.58 ? 87  SER A C   1 
ATOM   206 O O   . SER A 1 26 ? 8.281   1.933   -2.093  1.00 21.89 ? 87  SER A O   1 
ATOM   207 C CB  . SER A 1 26 ? 9.581   2.968   -4.344  1.00 32.61 ? 87  SER A CB  1 
ATOM   208 O OG  . SER A 1 26 ? 10.540  3.029   -5.380  1.00 37.37 ? 87  SER A OG  1 
ATOM   209 N N   . MET A 1 27 ? 6.671   1.082   -3.401  1.00 19.49 ? 88  MET A N   1 
ATOM   210 C CA  . MET A 1 27 ? 5.715   0.986   -2.312  1.00 21.10 ? 88  MET A CA  1 
ATOM   211 C C   . MET A 1 27 ? 5.141   -0.414  -2.271  1.00 19.74 ? 88  MET A C   1 
ATOM   212 O O   . MET A 1 27 ? 5.331   -1.191  -3.197  1.00 22.15 ? 88  MET A O   1 
ATOM   213 C CB  . MET A 1 27 ? 4.593   2.021   -2.483  1.00 17.37 ? 88  MET A CB  1 
ATOM   214 C CG  . MET A 1 27 ? 5.095   3.449   -2.365  1.00 17.28 ? 88  MET A CG  1 
ATOM   215 S SD  . MET A 1 27 ? 3.806   4.682   -2.515  1.00 23.59 ? 88  MET A SD  1 
ATOM   216 C CE  . MET A 1 27 ? 3.388   4.489   -4.233  1.00 14.42 ? 88  MET A CE  1 
ATOM   217 N N   . ILE A 1 28 ? 4.466   -0.741  -1.180  1.00 18.50 ? 89  ILE A N   1 
ATOM   218 C CA  . ILE A 1 28 ? 3.678   -1.960  -1.117  1.00 16.41 ? 89  ILE A CA  1 
ATOM   219 C C   . ILE A 1 28 ? 2.215   -1.572  -1.132  1.00 18.18 ? 89  ILE A C   1 
ATOM   220 O O   . ILE A 1 28 ? 1.772   -0.761  -0.313  1.00 18.12 ? 89  ILE A O   1 
ATOM   221 C CB  . ILE A 1 28 ? 3.962   -2.794  0.150   1.00 19.69 ? 89  ILE A CB  1 
ATOM   222 C CG1 . ILE A 1 28 ? 5.446   -3.151  0.277   1.00 23.91 ? 89  ILE A CG1 1 
ATOM   223 C CG2 . ILE A 1 28 ? 3.080   -4.045  0.154   1.00 19.94 ? 89  ILE A CG2 1 
ATOM   224 C CD1 . ILE A 1 28 ? 5.981   -3.965  -0.875  1.00 29.65 ? 89  ILE A CD1 1 
ATOM   225 N N   . TRP A 1 29 ? 1.471   -2.145  -2.070  1.00 13.80 ? 90  TRP A N   1 
ATOM   226 C CA  . TRP A 1 29 ? 0.049   -1.886  -2.205  1.00 15.72 ? 90  TRP A CA  1 
ATOM   227 C C   . TRP A 1 29 ? -0.741  -3.044  -1.612  1.00 17.87 ? 90  TRP A C   1 
ATOM   228 O O   . TRP A 1 29 ? -0.339  -4.197  -1.748  1.00 19.85 ? 90  TRP A O   1 
ATOM   229 C CB  . TRP A 1 29 ? -0.328  -1.709  -3.683  1.00 14.64 ? 90  TRP A CB  1 
ATOM   230 C CG  . TRP A 1 29 ? 0.420   -0.607  -4.361  1.00 14.62 ? 90  TRP A CG  1 
ATOM   231 C CD1 . TRP A 1 29 ? 1.768   -0.555  -4.624  1.00 15.71 ? 90  TRP A CD1 1 
ATOM   232 C CD2 . TRP A 1 29 ? -0.140  0.600   -4.874  1.00 14.21 ? 90  TRP A CD2 1 
ATOM   233 N NE1 . TRP A 1 29 ? 2.074   0.620   -5.272  1.00 17.43 ? 90  TRP A NE1 1 
ATOM   234 C CE2 . TRP A 1 29 ? 0.919   1.346   -5.436  1.00 16.53 ? 90  TRP A CE2 1 
ATOM   235 C CE3 . TRP A 1 29 ? -1.438  1.128   -4.911  1.00 14.41 ? 90  TRP A CE3 1 
ATOM   236 C CZ2 . TRP A 1 29 ? 0.719   2.594   -6.024  1.00 17.57 ? 90  TRP A CZ2 1 
ATOM   237 C CZ3 . TRP A 1 29 ? -1.633  2.369   -5.484  1.00 17.10 ? 90  TRP A CZ3 1 
ATOM   238 C CH2 . TRP A 1 29 ? -0.558  3.086   -6.044  1.00 16.65 ? 90  TRP A CH2 1 
ATOM   239 N N   . ASP A 1 30 ? -1.859  -2.735  -0.962  1.00 16.07 ? 91  ASP A N   1 
ATOM   240 C CA  . ASP A 1 30 ? -2.821  -3.750  -0.555  1.00 13.32 ? 91  ASP A CA  1 
ATOM   241 C C   . ASP A 1 30 ? -3.835  -3.960  -1.670  1.00 14.81 ? 91  ASP A C   1 
ATOM   242 O O   . ASP A 1 30 ? -4.641  -3.072  -1.952  1.00 17.54 ? 91  ASP A O   1 
ATOM   243 C CB  . ASP A 1 30 ? -3.541  -3.335  0.730   1.00 14.34 ? 91  ASP A CB  1 
ATOM   244 C CG  . ASP A 1 30 ? -2.600  -3.235  1.917   1.00 22.81 ? 91  ASP A CG  1 
ATOM   245 O OD1 . ASP A 1 30 ? -1.654  -4.045  1.977   1.00 24.83 ? 91  ASP A OD1 1 
ATOM   246 O OD2 . ASP A 1 30 ? -2.802  -2.346  2.785   1.00 22.55 ? 91  ASP A OD2 1 
ATOM   247 N N   . CYS A 1 31 ? -3.818  -5.134  -2.293  1.00 14.22 ? 92  CYS A N   1 
ATOM   248 C CA  . CYS A 1 31 ? -4.687  -5.377  -3.443  1.00 13.30 ? 92  CYS A CA  1 
ATOM   249 C C   . CYS A 1 31 ? -5.790  -6.392  -3.150  1.00 17.57 ? 92  CYS A C   1 
ATOM   250 O O   . CYS A 1 31 ? -5.659  -7.241  -2.261  1.00 14.78 ? 92  CYS A O   1 
ATOM   251 C CB  . CYS A 1 31 ? -3.858  -5.855  -4.636  1.00 18.75 ? 92  CYS A CB  1 
ATOM   252 S SG  . CYS A 1 31 ? -2.632  -4.652  -5.216  1.00 20.87 ? 92  CYS A SG  1 
ATOM   253 N N   . THR A 1 32 ? -6.884  -6.282  -3.895  1.00 16.29 ? 93  THR A N   1 
ATOM   254 C CA  . THR A 1 32 ? -7.995  -7.217  -3.777  1.00 15.00 ? 93  THR A CA  1 
ATOM   255 C C   . THR A 1 32 ? -8.451  -7.617  -5.175  1.00 16.70 ? 93  THR A C   1 
ATOM   256 O O   . THR A 1 32 ? -8.643  -6.754  -6.044  1.00 17.85 ? 93  THR A O   1 
ATOM   257 C CB  . THR A 1 32 ? -9.197  -6.620  -3.003  1.00 14.74 ? 93  THR A CB  1 
ATOM   258 O OG1 . THR A 1 32 ? -8.764  -6.107  -1.738  1.00 15.81 ? 93  THR A OG1 1 
ATOM   259 C CG2 . THR A 1 32 ? -10.284 -7.678  -2.797  1.00 15.88 ? 93  THR A CG2 1 
ATOM   260 N N   . CYS A 1 33 ? -8.585  -8.921  -5.400  1.00 13.28 ? 94  CYS A N   1 
ATOM   261 C CA  . CYS A 1 33 ? -9.166  -9.433  -6.633  1.00 13.13 ? 94  CYS A CA  1 
ATOM   262 C C   . CYS A 1 33 ? -10.680 -9.230  -6.608  1.00 17.07 ? 94  CYS A C   1 
ATOM   263 O O   . CYS A 1 33 ? -11.380 -9.799  -5.757  1.00 17.02 ? 94  CYS A O   1 
ATOM   264 C CB  . CYS A 1 33 ? -8.828  -10.910 -6.815  1.00 15.22 ? 94  CYS A CB  1 
ATOM   265 S SG  . CYS A 1 33 ? -9.537  -11.649 -8.318  1.00 19.76 ? 94  CYS A SG  1 
ATOM   266 N N   . ILE A 1 34 ? -11.181 -8.407  -7.524  1.00 18.55 ? 95  ILE A N   1 
ATOM   267 C CA  . ILE A 1 34 ? -12.619 -8.143  -7.610  1.00 18.56 ? 95  ILE A CA  1 
ATOM   268 C C   . ILE A 1 34 ? -13.237 -8.947  -8.757  1.00 17.98 ? 95  ILE A C   1 
ATOM   269 O O   . ILE A 1 34 ? -14.308 -9.541  -8.606  1.00 16.12 ? 95  ILE A O   1 
ATOM   270 C CB  . ILE A 1 34 ? -12.902 -6.630  -7.793  1.00 17.45 ? 95  ILE A CB  1 
ATOM   271 C CG1 . ILE A 1 34 ? -12.438 -5.869  -6.542  1.00 17.94 ? 95  ILE A CG1 1 
ATOM   272 C CG2 . ILE A 1 34 ? -14.386 -6.382  -8.046  1.00 18.48 ? 95  ILE A CG2 1 
ATOM   273 C CD1 . ILE A 1 34 ? -12.565 -4.387  -6.658  1.00 25.52 ? 95  ILE A CD1 1 
ATOM   274 N N   . GLY A 1 35 ? -12.546 -9.000  -9.890  1.00 16.22 ? 96  GLY A N   1 
ATOM   275 C CA  . GLY A 1 35 ? -13.029 -9.776  -11.024 1.00 17.55 ? 96  GLY A CA  1 
ATOM   276 C C   . GLY A 1 35 ? -13.973 -8.980  -11.900 1.00 22.31 ? 96  GLY A C   1 
ATOM   277 O O   . GLY A 1 35 ? -13.551 -8.371  -12.885 1.00 22.57 ? 96  GLY A O   1 
ATOM   278 N N   . ALA A 1 36 ? -15.253 -8.988  -11.532 1.00 31.29 ? 97  ALA A N   1 
ATOM   279 C CA  . ALA A 1 36 ? -16.288 -8.234  -12.241 1.00 30.57 ? 97  ALA A CA  1 
ATOM   280 C C   . ALA A 1 36 ? -16.325 -8.564  -13.734 1.00 31.19 ? 97  ALA A C   1 
ATOM   281 O O   . ALA A 1 36 ? -16.636 -7.705  -14.562 1.00 33.73 ? 97  ALA A O   1 
ATOM   282 C CB  . ALA A 1 36 ? -16.085 -6.734  -12.030 1.00 29.56 ? 97  ALA A CB  1 
ATOM   283 N N   . GLY A 1 37 ? -15.994 -9.807  -14.070 1.00 27.37 ? 98  GLY A N   1 
ATOM   284 C CA  . GLY A 1 37 ? -16.022 -10.267 -15.445 1.00 27.53 ? 98  GLY A CA  1 
ATOM   285 C C   . GLY A 1 37 ? -14.817 -9.839  -16.262 1.00 31.42 ? 98  GLY A C   1 
ATOM   286 O O   . GLY A 1 37 ? -14.763 -10.111 -17.447 1.00 29.59 ? 98  GLY A O   1 
ATOM   287 N N   . ARG A 1 38 ? -13.836 -9.185  -15.645 1.00 24.87 ? 99  ARG A N   1 
ATOM   288 C CA  . ARG A 1 38 ? -12.725 -8.647  -16.432 1.00 23.77 ? 99  ARG A CA  1 
ATOM   289 C C   . ARG A 1 38 ? -11.385 -8.667  -15.672 1.00 22.38 ? 99  ARG A C   1 
ATOM   290 O O   . ARG A 1 38 ? -10.447 -7.926  -15.991 1.00 23.93 ? 99  ARG A O   1 
ATOM   291 C CB  . ARG A 1 38 ? -13.078 -7.228  -16.895 1.00 22.69 ? 99  ARG A CB  1 
ATOM   292 C CG  . ARG A 1 38 ? -12.265 -6.708  -18.072 1.00 24.25 ? 99  ARG A CG  1 
ATOM   293 C CD  . ARG A 1 38 ? -12.957 -5.534  -18.765 1.00 29.90 ? 99  ARG A CD  1 
ATOM   294 N NE  . ARG A 1 38 ? -12.041 -4.831  -19.657 1.00 26.80 ? 99  ARG A NE  1 
ATOM   295 C CZ  . ARG A 1 38 ? -12.415 -3.978  -20.606 1.00 27.34 ? 99  ARG A CZ  1 
ATOM   296 N NH1 . ARG A 1 38 ? -13.697 -3.704  -20.801 1.00 25.58 ? 99  ARG A NH1 1 
ATOM   297 N NH2 . ARG A 1 38 ? -11.495 -3.396  -21.362 1.00 25.23 ? 99  ARG A NH2 1 
ATOM   298 N N   . GLY A 1 39 ? -11.298 -9.545  -14.680 1.00 22.29 ? 100 GLY A N   1 
ATOM   299 C CA  . GLY A 1 39 ? -10.091 -9.689  -13.891 1.00 25.20 ? 100 GLY A CA  1 
ATOM   300 C C   . GLY A 1 39 ? -9.722  -8.412  -13.173 1.00 22.50 ? 100 GLY A C   1 
ATOM   301 O O   . GLY A 1 39 ? -8.544  -8.127  -12.975 1.00 20.39 ? 100 GLY A O   1 
ATOM   302 N N   . ARG A 1 40 ? -10.730 -7.642  -12.775 1.00 16.51 ? 101 ARG A N   1 
ATOM   303 C CA  . ARG A 1 40 ? -10.483 -6.353  -12.156 1.00 14.53 ? 101 ARG A CA  1 
ATOM   304 C C   . ARG A 1 40 ? -9.796  -6.487  -10.796 1.00 13.49 ? 101 ARG A C   1 
ATOM   305 O O   . ARG A 1 40 ? -10.230 -7.242  -9.919  1.00 16.95 ? 101 ARG A O   1 
ATOM   306 C CB  . ARG A 1 40 ? -11.783 -5.561  -11.996 1.00 16.69 ? 101 ARG A CB  1 
ATOM   307 C CG  . ARG A 1 40 ? -11.530 -4.208  -11.321 1.00 23.50 ? 101 ARG A CG  1 
ATOM   308 C CD  . ARG A 1 40 ? -12.777 -3.391  -11.154 1.00 27.98 ? 101 ARG A CD  1 
ATOM   309 N NE  . ARG A 1 40 ? -13.591 -3.424  -12.356 1.00 35.81 ? 101 ARG A NE  1 
ATOM   310 C CZ  . ARG A 1 40 ? -14.767 -2.825  -12.456 1.00 45.14 ? 101 ARG A CZ  1 
ATOM   311 N NH1 . ARG A 1 40 ? -15.235 -2.134  -11.421 1.00 47.70 ? 101 ARG A NH1 1 
ATOM   312 N NH2 . ARG A 1 40 ? -15.461 -2.904  -13.582 1.00 37.07 ? 101 ARG A NH2 1 
ATOM   313 N N   . ILE A 1 41 ? -8.716  -5.736  -10.628 1.00 15.23 ? 102 ILE A N   1 
ATOM   314 C CA  . ILE A 1 41 ? -7.979  -5.701  -9.372  1.00 14.32 ? 102 ILE A CA  1 
ATOM   315 C C   . ILE A 1 41 ? -8.055  -4.286  -8.818  1.00 16.18 ? 102 ILE A C   1 
ATOM   316 O O   . ILE A 1 41 ? -7.944  -3.313  -9.578  1.00 17.95 ? 102 ILE A O   1 
ATOM   317 C CB  . ILE A 1 41 ? -6.508  -6.106  -9.581  1.00 16.55 ? 102 ILE A CB  1 
ATOM   318 C CG1 . ILE A 1 41 ? -6.410  -7.545  -10.074 1.00 19.92 ? 102 ILE A CG1 1 
ATOM   319 C CG2 . ILE A 1 41 ? -5.693  -5.898  -8.299  1.00 22.69 ? 102 ILE A CG2 1 
ATOM   320 C CD1 . ILE A 1 41 ? -5.044  -7.890  -10.663 1.00 25.08 ? 102 ILE A CD1 1 
ATOM   321 N N   . SER A 1 42 ? -8.257  -4.169  -7.510  1.00 15.89 ? 103 SER A N   1 
ATOM   322 C CA  . SER A 1 42 ? -8.208  -2.882  -6.827  1.00 19.94 ? 103 SER A CA  1 
ATOM   323 C C   . SER A 1 42 ? -7.037  -2.846  -5.847  1.00 17.71 ? 103 SER A C   1 
ATOM   324 O O   . SER A 1 42 ? -6.870  -3.756  -5.030  1.00 16.55 ? 103 SER A O   1 
ATOM   325 C CB  . SER A 1 42 ? -9.517  -2.608  -6.091  1.00 16.90 ? 103 SER A CB  1 
ATOM   326 O OG  . SER A 1 42 ? -9.377  -1.451  -5.283  1.00 23.23 ? 103 SER A OG  1 
ATOM   327 N N   . CYS A 1 43 ? -6.222  -1.799  -5.939  1.00 16.07 ? 104 CYS A N   1 
ATOM   328 C CA  . CYS A 1 43 ? -5.013  -1.688  -5.120  1.00 15.03 ? 104 CYS A CA  1 
ATOM   329 C C   . CYS A 1 43 ? -4.976  -0.366  -4.388  1.00 15.39 ? 104 CYS A C   1 
ATOM   330 O O   . CYS A 1 43 ? -5.307  0.660   -4.969  1.00 15.35 ? 104 CYS A O   1 
ATOM   331 C CB  . CYS A 1 43 ? -3.763  -1.825  -5.993  1.00 23.23 ? 104 CYS A CB  1 
ATOM   332 S SG  . CYS A 1 43 ? -3.493  -3.493  -6.679  1.00 22.78 ? 104 CYS A SG  1 
ATOM   333 N N   . THR A 1 44 ? -4.558  -0.370  -3.123  1.00 14.98 ? 105 THR A N   1 
ATOM   334 C CA  . THR A 1 44 ? -4.511  0.888   -2.385  1.00 15.42 ? 105 THR A CA  1 
ATOM   335 C C   . THR A 1 44 ? -3.284  1.032   -1.483  1.00 18.84 ? 105 THR A C   1 
ATOM   336 O O   . THR A 1 44 ? -2.766  0.049   -0.939  1.00 11.84 ? 105 THR A O   1 
ATOM   337 C CB  . THR A 1 44 ? -5.782  1.082   -1.535  1.00 17.84 ? 105 THR A CB  1 
ATOM   338 O OG1 . THR A 1 44 ? -5.696  2.329   -0.837  1.00 16.33 ? 105 THR A OG1 1 
ATOM   339 C CG2 . THR A 1 44 ? -5.969  -0.058  -0.532  1.00 18.45 ? 105 THR A CG2 1 
ATOM   340 N N   . ILE A 1 45 ? -2.803  2.266   -1.362  1.00 12.72 ? 106 ILE A N   1 
ATOM   341 C CA  . ILE A 1 45 ? -1.786  2.597   -0.367  1.00 15.98 ? 106 ILE A CA  1 
ATOM   342 C C   . ILE A 1 45 ? -2.365  3.498   0.729   1.00 18.56 ? 106 ILE A C   1 
ATOM   343 O O   . ILE A 1 45 ? -1.615  4.081   1.516   1.00 19.59 ? 106 ILE A O   1 
ATOM   344 C CB  . ILE A 1 45 ? -0.565  3.310   -0.986  1.00 19.15 ? 106 ILE A CB  1 
ATOM   345 C CG1 . ILE A 1 45 ? -1.005  4.557   -1.767  1.00 22.33 ? 106 ILE A CG1 1 
ATOM   346 C CG2 . ILE A 1 45 ? 0.243   2.353   -1.871  1.00 15.13 ? 106 ILE A CG2 1 
ATOM   347 C CD1 . ILE A 1 45 ? 0.169   5.399   -2.308  1.00 22.44 ? 106 ILE A CD1 1 
ATOM   348 N N   . ALA A 1 46 ? -3.691  3.617   0.790   1.00 15.14 ? 107 ALA A N   1 
ATOM   349 C CA  . ALA A 1 46 ? -4.315  4.517   1.767   1.00 15.06 ? 107 ALA A CA  1 
ATOM   350 C C   . ALA A 1 46 ? -4.112  4.050   3.207   1.00 16.68 ? 107 ALA A C   1 
ATOM   351 O O   . ALA A 1 46 ? -4.148  4.855   4.150   1.00 14.87 ? 107 ALA A O   1 
ATOM   352 C CB  . ALA A 1 46 ? -5.803  4.658   1.479   1.00 17.13 ? 107 ALA A CB  1 
ATOM   353 N N   . ASN A 1 47 ? -3.911  2.746   3.366   1.00 16.68 ? 108 ASN A N   1 
ATOM   354 C CA  . ASN A 1 47 ? -3.875  2.121   4.685   1.00 19.32 ? 108 ASN A CA  1 
ATOM   355 C C   . ASN A 1 47 ? -2.473  1.666   5.063   1.00 21.90 ? 108 ASN A C   1 
ATOM   356 O O   . ASN A 1 47 ? -2.296  0.815   5.940   1.00 17.92 ? 108 ASN A O   1 
ATOM   357 C CB  . ASN A 1 47 ? -4.848  0.939   4.717   1.00 20.72 ? 108 ASN A CB  1 
ATOM   358 C CG  . ASN A 1 47 ? -6.216  1.322   4.216   1.00 22.11 ? 108 ASN A CG  1 
ATOM   359 O OD1 . ASN A 1 47 ? -6.787  0.670   3.327   1.00 25.96 ? 108 ASN A OD1 1 
ATOM   360 N ND2 . ASN A 1 47 ? -6.745  2.406   4.759   1.00 19.29 ? 108 ASN A ND2 1 
ATOM   361 N N   . ARG A 1 48 ? -1.485  2.235   4.375   1.00 15.38 ? 109 ARG A N   1 
ATOM   362 C CA  . ARG A 1 48 ? -0.092  1.987   4.671   1.00 18.26 ? 109 ARG A CA  1 
ATOM   363 C C   . ARG A 1 48 ? 0.618   3.308   4.806   1.00 15.36 ? 109 ARG A C   1 
ATOM   364 O O   . ARG A 1 48 ? 0.174   4.319   4.260   1.00 17.80 ? 109 ARG A O   1 
ATOM   365 C CB  . ARG A 1 48 ? 0.564   1.131   3.583   1.00 22.11 ? 109 ARG A CB  1 
ATOM   366 C CG  . ARG A 1 48 ? 0.205   -0.326  3.705   1.00 26.35 ? 109 ARG A CG  1 
ATOM   367 C CD  . ARG A 1 48 ? 0.883   -1.154  2.655   1.00 24.75 ? 109 ARG A CD  1 
ATOM   368 N NE  . ARG A 1 48 ? 0.699   -2.571  2.937   1.00 26.28 ? 109 ARG A NE  1 
ATOM   369 C CZ  . ARG A 1 48 ? 1.603   -3.333  3.539   1.00 28.47 ? 109 ARG A CZ  1 
ATOM   370 N NH1 . ARG A 1 48 ? 2.772   -2.825  3.913   1.00 24.21 ? 109 ARG A NH1 1 
ATOM   371 N NH2 . ARG A 1 48 ? 1.337   -4.608  3.760   1.00 34.55 ? 109 ARG A NH2 1 
ATOM   372 N N   . CYS A 1 49 ? 1.713   3.301   5.557   1.00 17.06 ? 110 CYS A N   1 
ATOM   373 C CA  . CYS A 1 49 ? 2.527   4.489   5.719   1.00 14.44 ? 110 CYS A CA  1 
ATOM   374 C C   . CYS A 1 49 ? 3.881   4.266   5.067   1.00 15.50 ? 110 CYS A C   1 
ATOM   375 O O   . CYS A 1 49 ? 4.679   3.447   5.532   1.00 19.53 ? 110 CYS A O   1 
ATOM   376 C CB  . CYS A 1 49 ? 2.693   4.837   7.206   1.00 14.49 ? 110 CYS A CB  1 
ATOM   377 S SG  . CYS A 1 49 ? 1.132   5.081   8.076   1.00 16.12 ? 110 CYS A SG  1 
ATOM   378 N N   . HIS A 1 50 ? 4.131   4.978   3.971   1.00 15.74 ? 111 HIS A N   1 
ATOM   379 C CA  . HIS A 1 50 ? 5.419   4.915   3.324   1.00 14.87 ? 111 HIS A CA  1 
ATOM   380 C C   . HIS A 1 50 ? 6.272   6.076   3.799   1.00 20.28 ? 111 HIS A C   1 
ATOM   381 O O   . HIS A 1 50 ? 6.196   7.190   3.280   1.00 16.11 ? 111 HIS A O   1 
ATOM   382 C CB  . HIS A 1 50 ? 5.244   4.882   1.798   1.00 14.49 ? 111 HIS A CB  1 
ATOM   383 C CG  . HIS A 1 50 ? 4.592   3.625   1.330   1.00 18.12 ? 111 HIS A CG  1 
ATOM   384 N ND1 . HIS A 1 50 ? 3.224   3.501   1.196   1.00 15.24 ? 111 HIS A ND1 1 
ATOM   385 C CD2 . HIS A 1 50 ? 5.110   2.408   1.042   1.00 16.66 ? 111 HIS A CD2 1 
ATOM   386 C CE1 . HIS A 1 50 ? 2.932   2.275   0.802   1.00 17.75 ? 111 HIS A CE1 1 
ATOM   387 N NE2 . HIS A 1 50 ? 4.060   1.586   0.718   1.00 20.47 ? 111 HIS A NE2 1 
ATOM   388 N N   . GLU A 1 51 ? 7.061   5.797   4.830   1.00 19.39 ? 112 GLU A N   1 
ATOM   389 C CA  . GLU A 1 51 ? 7.937   6.791   5.427   1.00 21.96 ? 112 GLU A CA  1 
ATOM   390 C C   . GLU A 1 51 ? 9.358   6.298   5.306   1.00 24.88 ? 112 GLU A C   1 
ATOM   391 O O   . GLU A 1 51 ? 9.628   5.114   5.539   1.00 29.12 ? 112 GLU A O   1 
ATOM   392 C CB  . GLU A 1 51 ? 7.572   7.028   6.900   1.00 20.12 ? 112 GLU A CB  1 
ATOM   393 C CG  . GLU A 1 51 ? 8.212   8.260   7.529   1.00 21.88 ? 112 GLU A CG  1 
ATOM   394 C CD  . GLU A 1 51 ? 9.667   8.074   7.918   1.00 25.60 ? 112 GLU A CD  1 
ATOM   395 O OE1 . GLU A 1 51 ? 10.462  8.991   7.644   1.00 27.66 ? 112 GLU A OE1 1 
ATOM   396 O OE2 . GLU A 1 51 ? 10.012  7.029   8.513   1.00 29.37 ? 112 GLU A OE2 1 
ATOM   397 N N   . GLY A 1 52 ? 10.262  7.195   4.929   1.00 23.20 ? 113 GLY A N   1 
ATOM   398 C CA  . GLY A 1 52 ? 11.681  6.902   4.973   1.00 24.59 ? 113 GLY A CA  1 
ATOM   399 C C   . GLY A 1 52 ? 12.105  5.813   4.013   1.00 25.76 ? 113 GLY A C   1 
ATOM   400 O O   . GLY A 1 52 ? 13.171  5.212   4.180   1.00 26.66 ? 113 GLY A O   1 
ATOM   401 N N   . GLY A 1 53 ? 11.280  5.564   2.999   1.00 22.07 ? 114 GLY A N   1 
ATOM   402 C CA  . GLY A 1 53 ? 11.581  4.517   2.034   1.00 23.35 ? 114 GLY A CA  1 
ATOM   403 C C   . GLY A 1 53 ? 11.073  3.147   2.473   1.00 31.02 ? 114 GLY A C   1 
ATOM   404 O O   . GLY A 1 53 ? 11.165  2.166   1.721   1.00 30.27 ? 114 GLY A O   1 
ATOM   405 N N   . GLN A 1 54 ? 10.532  3.073   3.689   1.00 24.42 ? 115 GLN A N   1 
ATOM   406 C CA  . GLN A 1 54 ? 9.937   1.825   4.187   1.00 25.00 ? 115 GLN A CA  1 
ATOM   407 C C   . GLN A 1 54 ? 8.420   1.784   3.976   1.00 20.32 ? 115 GLN A C   1 
ATOM   408 O O   . GLN A 1 54 ? 7.816   2.777   3.570   1.00 23.04 ? 115 GLN A O   1 
ATOM   409 C CB  . GLN A 1 54 ? 10.264  1.642   5.670   1.00 22.75 ? 115 GLN A CB  1 
ATOM   410 C CG  . GLN A 1 54 ? 11.735  1.919   6.022   1.00 28.40 ? 115 GLN A CG  1 
ATOM   411 C CD  . GLN A 1 54 ? 12.681  0.876   5.453   1.00 31.13 ? 115 GLN A CD  1 
ATOM   412 O OE1 . GLN A 1 54 ? 12.254  -0.193  5.022   1.00 33.55 ? 115 GLN A OE1 1 
ATOM   413 N NE2 . GLN A 1 54 ? 13.974  1.188   5.444   1.00 34.95 ? 115 GLN A NE2 1 
ATOM   414 N N   . SER A 1 55 ? 7.807   0.636   4.256   1.00 23.64 ? 116 SER A N   1 
ATOM   415 C CA  . SER A 1 55 ? 6.360   0.472   4.119   1.00 20.88 ? 116 SER A CA  1 
ATOM   416 C C   . SER A 1 55 ? 5.754   -0.144  5.381   1.00 22.94 ? 116 SER A C   1 
ATOM   417 O O   . SER A 1 55 ? 6.030   -1.294  5.708   1.00 27.14 ? 116 SER A O   1 
ATOM   418 C CB  . SER A 1 55 ? 6.026   -0.395  2.907   1.00 24.78 ? 116 SER A CB  1 
ATOM   419 O OG  . SER A 1 55 ? 4.625   -0.630  2.816   1.00 25.30 ? 116 SER A OG  1 
ATOM   420 N N   . TYR A 1 56 ? 4.927   0.620   6.082   1.00 15.38 ? 117 TYR A N   1 
ATOM   421 C CA  . TYR A 1 56 ? 4.372   0.178   7.354   1.00 15.75 ? 117 TYR A CA  1 
ATOM   422 C C   . TYR A 1 56 ? 2.866   0.004   7.302   1.00 21.06 ? 117 TYR A C   1 
ATOM   423 O O   . TYR A 1 56 ? 2.185   0.681   6.533   1.00 18.33 ? 117 TYR A O   1 
ATOM   424 C CB  . TYR A 1 56 ? 4.726   1.173   8.464   1.00 15.57 ? 117 TYR A CB  1 
ATOM   425 C CG  . TYR A 1 56 ? 6.211   1.242   8.723   1.00 18.42 ? 117 TYR A CG  1 
ATOM   426 C CD1 . TYR A 1 56 ? 6.854   0.221   9.411   1.00 21.83 ? 117 TYR A CD1 1 
ATOM   427 C CD2 . TYR A 1 56 ? 6.970   2.323   8.289   1.00 18.37 ? 117 TYR A CD2 1 
ATOM   428 C CE1 . TYR A 1 56 ? 8.219   0.262   9.651   1.00 22.25 ? 117 TYR A CE1 1 
ATOM   429 C CE2 . TYR A 1 56 ? 8.347   2.382   8.534   1.00 20.48 ? 117 TYR A CE2 1 
ATOM   430 C CZ  . TYR A 1 56 ? 8.960   1.342   9.213   1.00 21.85 ? 117 TYR A CZ  1 
ATOM   431 O OH  . TYR A 1 56 ? 10.314  1.375   9.464   1.00 28.56 ? 117 TYR A OH  1 
ATOM   432 N N   . LYS A 1 57 ? 2.359   -0.903  8.135   1.00 18.55 ? 118 LYS A N   1 
ATOM   433 C CA  . LYS A 1 57 ? 0.923   -1.107  8.295   1.00 16.28 ? 118 LYS A CA  1 
ATOM   434 C C   . LYS A 1 57 ? 0.368   -0.341  9.478   1.00 19.08 ? 118 LYS A C   1 
ATOM   435 O O   . LYS A 1 57 ? 1.114   0.046   10.382  1.00 17.22 ? 118 LYS A O   1 
ATOM   436 C CB  . LYS A 1 57 ? 0.618   -2.596  8.460   1.00 22.05 ? 118 LYS A CB  1 
ATOM   437 C CG  . LYS A 1 57 ? 1.150   -3.428  7.323   1.00 26.50 ? 118 LYS A CG  1 
ATOM   438 C CD  . LYS A 1 57 ? 0.444   -4.756  7.208   1.00 31.78 ? 118 LYS A CD  1 
ATOM   439 C CE  . LYS A 1 57 ? 0.984   -5.764  8.187   1.00 43.45 ? 118 LYS A CE  1 
ATOM   440 N NZ  . LYS A 1 57 ? 0.672   -7.145  7.714   1.00 53.85 ? 118 LYS A NZ  1 
ATOM   441 N N   . ILE A 1 58 ? -0.944  -0.115  9.479   1.00 15.81 ? 119 ILE A N   1 
ATOM   442 C CA  . ILE A 1 58 ? -1.570  0.641   10.565  1.00 13.68 ? 119 ILE A CA  1 
ATOM   443 C C   . ILE A 1 58 ? -1.256  0.021   11.922  1.00 15.93 ? 119 ILE A C   1 
ATOM   444 O O   . ILE A 1 58 ? -1.393  -1.187  12.107  1.00 16.75 ? 119 ILE A O   1 
ATOM   445 C CB  . ILE A 1 58 ? -3.084  0.723   10.384  1.00 18.39 ? 119 ILE A CB  1 
ATOM   446 C CG1 . ILE A 1 58 ? -3.406  1.590   9.172   1.00 21.15 ? 119 ILE A CG1 1 
ATOM   447 C CG2 . ILE A 1 58 ? -3.751  1.283   11.655  1.00 18.66 ? 119 ILE A CG2 1 
ATOM   448 C CD1 . ILE A 1 58 ? -4.891  1.698   8.881   1.00 29.37 ? 119 ILE A CD1 1 
ATOM   449 N N   . GLY A 1 59 ? -0.797  0.843   12.860  1.00 16.76 ? 120 GLY A N   1 
ATOM   450 C CA  . GLY A 1 59 ? -0.429  0.333   14.164  1.00 15.47 ? 120 GLY A CA  1 
ATOM   451 C C   . GLY A 1 59 ? 1.044   0.018   14.321  1.00 20.23 ? 120 GLY A C   1 
ATOM   452 O O   . GLY A 1 59 ? 1.529   -0.088  15.457  1.00 19.02 ? 120 GLY A O   1 
ATOM   453 N N   . ASP A 1 60 ? 1.765   -0.139  13.210  1.00 16.36 ? 121 ASP A N   1 
ATOM   454 C CA  . ASP A 1 60 ? 3.219   -0.310  13.286  1.00 16.95 ? 121 ASP A CA  1 
ATOM   455 C C   . ASP A 1 60 ? 3.878   0.905   13.919  1.00 16.59 ? 121 ASP A C   1 
ATOM   456 O O   . ASP A 1 60 ? 3.445   2.041   13.691  1.00 18.79 ? 121 ASP A O   1 
ATOM   457 C CB  . ASP A 1 60 ? 3.842   -0.530  11.907  1.00 17.66 ? 121 ASP A CB  1 
ATOM   458 C CG  . ASP A 1 60 ? 3.533   -1.896  11.316  1.00 24.39 ? 121 ASP A CG  1 
ATOM   459 O OD1 . ASP A 1 60 ? 2.971   -2.769  12.014  1.00 20.00 ? 121 ASP A OD1 1 
ATOM   460 O OD2 . ASP A 1 60 ? 3.884   -2.098  10.134  1.00 18.07 ? 121 ASP A OD2 1 
ATOM   461 N N   . THR A 1 61 ? 4.920   0.676   14.714  1.00 18.54 ? 122 THR A N   1 
ATOM   462 C CA  . THR A 1 61 ? 5.773   1.774   15.173  1.00 22.07 ? 122 THR A CA  1 
ATOM   463 C C   . THR A 1 61 ? 7.208   1.562   14.683  1.00 23.09 ? 122 THR A C   1 
ATOM   464 O O   . THR A 1 61 ? 7.637   0.434   14.460  1.00 20.56 ? 122 THR A O   1 
ATOM   465 C CB  . THR A 1 61 ? 5.793   1.908   16.702  1.00 25.03 ? 122 THR A CB  1 
ATOM   466 O OG1 . THR A 1 61 ? 6.439   0.763   17.264  1.00 24.44 ? 122 THR A OG1 1 
ATOM   467 C CG2 . THR A 1 61 ? 4.388   2.023   17.268  1.00 19.43 ? 122 THR A CG2 1 
ATOM   468 N N   . TRP A 1 62 ? 7.945   2.647   14.495  1.00 19.62 ? 123 TRP A N   1 
ATOM   469 C CA  . TRP A 1 62 ? 9.340   2.530   14.103  1.00 17.89 ? 123 TRP A CA  1 
ATOM   470 C C   . TRP A 1 62 ? 10.127  3.728   14.618  1.00 18.95 ? 123 TRP A C   1 
ATOM   471 O O   . TRP A 1 62 ? 9.557   4.712   15.115  1.00 17.80 ? 123 TRP A O   1 
ATOM   472 C CB  . TRP A 1 62 ? 9.483   2.396   12.581  1.00 17.10 ? 123 TRP A CB  1 
ATOM   473 C CG  . TRP A 1 62 ? 8.968   3.563   11.784  1.00 18.41 ? 123 TRP A CG  1 
ATOM   474 C CD1 . TRP A 1 62 ? 9.707   4.571   11.229  1.00 19.58 ? 123 TRP A CD1 1 
ATOM   475 C CD2 . TRP A 1 62 ? 7.602   3.831   11.438  1.00 13.22 ? 123 TRP A CD2 1 
ATOM   476 N NE1 . TRP A 1 62 ? 8.882   5.456   10.565  1.00 19.05 ? 123 TRP A NE1 1 
ATOM   477 C CE2 . TRP A 1 62 ? 7.586   5.023   10.681  1.00 16.57 ? 123 TRP A CE2 1 
ATOM   478 C CE3 . TRP A 1 62 ? 6.391   3.179   11.699  1.00 16.74 ? 123 TRP A CE3 1 
ATOM   479 C CZ2 . TRP A 1 62 ? 6.402   5.580   10.182  1.00 15.76 ? 123 TRP A CZ2 1 
ATOM   480 C CZ3 . TRP A 1 62 ? 5.219   3.723   11.197  1.00 18.06 ? 123 TRP A CZ3 1 
ATOM   481 C CH2 . TRP A 1 62 ? 5.232   4.922   10.456  1.00 13.51 ? 123 TRP A CH2 1 
ATOM   482 N N   . ARG A 1 63 ? 11.447  3.627   14.528  1.00 16.11 ? 124 ARG A N   1 
ATOM   483 C CA  . ARG A 1 63 ? 12.319  4.716   14.954  1.00 15.81 ? 124 ARG A CA  1 
ATOM   484 C C   . ARG A 1 63 ? 13.141  5.208   13.782  1.00 16.61 ? 124 ARG A C   1 
ATOM   485 O O   . ARG A 1 63 ? 13.578  4.421   12.947  1.00 24.00 ? 124 ARG A O   1 
ATOM   486 C CB  . ARG A 1 63 ? 13.225  4.260   16.093  1.00 19.57 ? 124 ARG A CB  1 
ATOM   487 C CG  . ARG A 1 63 ? 12.455  3.522   17.151  1.00 27.37 ? 124 ARG A CG  1 
ATOM   488 C CD  . ARG A 1 63 ? 13.176  3.493   18.438  1.00 40.91 ? 124 ARG A CD  1 
ATOM   489 N NE  . ARG A 1 63 ? 12.256  3.179   19.520  1.00 45.99 ? 124 ARG A NE  1 
ATOM   490 C CZ  . ARG A 1 63 ? 12.615  3.156   20.794  1.00 40.10 ? 124 ARG A CZ  1 
ATOM   491 N NH1 . ARG A 1 63 ? 13.868  3.435   21.121  1.00 29.81 ? 124 ARG A NH1 1 
ATOM   492 N NH2 . ARG A 1 63 ? 11.729  2.851   21.733  1.00 44.66 ? 124 ARG A NH2 1 
ATOM   493 N N   . ARG A 1 64 ? 13.336  6.515   13.716  1.00 17.38 ? 125 ARG A N   1 
ATOM   494 C CA  . ARG A 1 64 ? 14.118  7.094   12.643  1.00 20.51 ? 125 ARG A CA  1 
ATOM   495 C C   . ARG A 1 64 ? 14.850  8.301   13.203  1.00 19.59 ? 125 ARG A C   1 
ATOM   496 O O   . ARG A 1 64 ? 14.356  8.954   14.124  1.00 17.18 ? 125 ARG A O   1 
ATOM   497 C CB  . ARG A 1 64 ? 13.221  7.473   11.449  1.00 24.11 ? 125 ARG A CB  1 
ATOM   498 C CG  . ARG A 1 64 ? 12.131  8.494   11.770  1.00 29.40 ? 125 ARG A CG  1 
ATOM   499 C CD  . ARG A 1 64 ? 11.904  9.457   10.606  1.00 35.32 ? 125 ARG A CD  1 
ATOM   500 N NE  . ARG A 1 64 ? 13.150  10.093  10.220  1.00 44.54 ? 125 ARG A NE  1 
ATOM   501 C CZ  . ARG A 1 64 ? 13.680  10.035  9.002   1.00 56.31 ? 125 ARG A CZ  1 
ATOM   502 N NH1 . ARG A 1 64 ? 13.061  9.365   8.032   1.00 57.48 ? 125 ARG A NH1 1 
ATOM   503 N NH2 . ARG A 1 64 ? 14.835  10.644  8.757   1.00 55.97 ? 125 ARG A NH2 1 
ATOM   504 N N   . PRO A 1 65 ? 16.033  8.603   12.663  1.00 24.48 ? 126 PRO A N   1 
ATOM   505 C CA  . PRO A 1 65 ? 16.802  9.704   13.261  1.00 23.47 ? 126 PRO A CA  1 
ATOM   506 C C   . PRO A 1 65 ? 16.172  11.070  12.970  1.00 26.02 ? 126 PRO A C   1 
ATOM   507 O O   . PRO A 1 65 ? 15.530  11.258  11.931  1.00 20.27 ? 126 PRO A O   1 
ATOM   508 C CB  . PRO A 1 65 ? 18.184  9.564   12.613  1.00 23.64 ? 126 PRO A CB  1 
ATOM   509 C CG  . PRO A 1 65 ? 17.929  8.830   11.315  1.00 27.86 ? 126 PRO A CG  1 
ATOM   510 C CD  . PRO A 1 65 ? 16.722  7.966   11.522  1.00 22.18 ? 126 PRO A CD  1 
ATOM   511 N N   . HIS A 1 66 ? 16.302  11.997  13.911  1.00 24.10 ? 127 HIS A N   1 
ATOM   512 C CA  . HIS A 1 66 ? 15.936  13.378  13.645  1.00 25.06 ? 127 HIS A CA  1 
ATOM   513 C C   . HIS A 1 66 ? 17.051  13.962  12.795  1.00 32.13 ? 127 HIS A C   1 
ATOM   514 O O   . HIS A 1 66 ? 18.227  13.703  13.051  1.00 31.37 ? 127 HIS A O   1 
ATOM   515 C CB  . HIS A 1 66 ? 15.751  14.180  14.938  1.00 21.17 ? 127 HIS A CB  1 
ATOM   516 C CG  . HIS A 1 66 ? 15.292  15.588  14.712  1.00 23.00 ? 127 HIS A CG  1 
ATOM   517 N ND1 . HIS A 1 66 ? 16.168  16.621  14.465  1.00 24.87 ? 127 HIS A ND1 1 
ATOM   518 C CD2 . HIS A 1 66 ? 14.052  16.133  14.686  1.00 21.01 ? 127 HIS A CD2 1 
ATOM   519 C CE1 . HIS A 1 66 ? 15.488  17.742  14.294  1.00 26.16 ? 127 HIS A CE1 1 
ATOM   520 N NE2 . HIS A 1 66 ? 14.205  17.476  14.437  1.00 23.07 ? 127 HIS A NE2 1 
ATOM   521 N N   . GLU A 1 67 ? 16.681  14.743  11.788  1.00 37.42 ? 128 GLU A N   1 
ATOM   522 C CA  . GLU A 1 67 ? 17.626  15.171  10.759  1.00 54.48 ? 128 GLU A CA  1 
ATOM   523 C C   . GLU A 1 67 ? 18.906  15.729  11.353  1.00 49.20 ? 128 GLU A C   1 
ATOM   524 O O   . GLU A 1 67 ? 20.012  15.396  10.932  1.00 46.95 ? 128 GLU A O   1 
ATOM   525 C CB  . GLU A 1 67 ? 16.993  16.238  9.853   1.00 65.59 ? 128 GLU A CB  1 
ATOM   526 C CG  . GLU A 1 67 ? 15.490  16.092  9.606   1.00 75.51 ? 128 GLU A CG  1 
ATOM   527 C CD  . GLU A 1 67 ? 15.075  14.831  8.853   1.00 83.39 ? 128 GLU A CD  1 
ATOM   528 O OE1 . GLU A 1 67 ? 15.918  13.943  8.601   1.00 88.95 ? 128 GLU A OE1 1 
ATOM   529 O OE2 . GLU A 1 67 ? 13.876  14.730  8.518   1.00 82.44 ? 128 GLU A OE2 1 
ATOM   530 N N   . THR A 1 68 ? 18.737  16.576  12.354  1.00 43.56 ? 129 THR A N   1 
ATOM   531 C CA  . THR A 1 68 ? 19.800  17.467  12.761  1.00 44.56 ? 129 THR A CA  1 
ATOM   532 C C   . THR A 1 68 ? 19.975  17.488  14.266  1.00 34.08 ? 129 THR A C   1 
ATOM   533 O O   . THR A 1 68 ? 21.062  17.737  14.757  1.00 40.88 ? 129 THR A O   1 
ATOM   534 C CB  . THR A 1 68 ? 19.529  18.887  12.241  1.00 49.54 ? 129 THR A CB  1 
ATOM   535 O OG1 . THR A 1 68 ? 18.163  19.229  12.499  1.00 46.70 ? 129 THR A OG1 1 
ATOM   536 C CG2 . THR A 1 68 ? 19.783  18.954  10.745  1.00 48.56 ? 129 THR A CG2 1 
ATOM   537 N N   . GLY A 1 69 ? 18.906  17.187  14.990  1.00 32.15 ? 130 GLY A N   1 
ATOM   538 C CA  . GLY A 1 69 ? 18.928  17.199  16.436  1.00 37.27 ? 130 GLY A CA  1 
ATOM   539 C C   . GLY A 1 69 ? 19.837  16.207  17.137  1.00 46.45 ? 130 GLY A C   1 
ATOM   540 O O   . GLY A 1 69 ? 20.204  16.433  18.290  1.00 43.02 ? 130 GLY A O   1 
ATOM   541 N N   . GLY A 1 70 ? 20.188  15.115  16.463  1.00 39.07 ? 131 GLY A N   1 
ATOM   542 C CA  . GLY A 1 70 ? 21.054  14.120  17.058  1.00 33.62 ? 131 GLY A CA  1 
ATOM   543 C C   . GLY A 1 70 ? 20.332  13.118  17.946  1.00 37.02 ? 131 GLY A C   1 
ATOM   544 O O   . GLY A 1 70 ? 20.983  12.324  18.628  1.00 45.61 ? 131 GLY A O   1 
ATOM   545 N N   . TYR A 1 71 ? 18.998  13.154  17.962  1.00 23.55 ? 132 TYR A N   1 
ATOM   546 C CA  . TYR A 1 71 ? 18.202  12.178  18.721  1.00 20.33 ? 132 TYR A CA  1 
ATOM   547 C C   . TYR A 1 71 ? 17.300  11.414  17.760  1.00 20.21 ? 132 TYR A C   1 
ATOM   548 O O   . TYR A 1 71 ? 17.264  11.729  16.566  1.00 22.16 ? 132 TYR A O   1 
ATOM   549 C CB  . TYR A 1 71 ? 17.354  12.848  19.820  1.00 21.20 ? 132 TYR A CB  1 
ATOM   550 C CG  . TYR A 1 71 ? 16.510  14.000  19.323  1.00 23.12 ? 132 TYR A CG  1 
ATOM   551 C CD1 . TYR A 1 71 ? 16.999  15.299  19.371  1.00 24.07 ? 132 TYR A CD1 1 
ATOM   552 C CD2 . TYR A 1 71 ? 15.243  13.788  18.782  1.00 20.14 ? 132 TYR A CD2 1 
ATOM   553 C CE1 . TYR A 1 71 ? 16.257  16.359  18.910  1.00 24.13 ? 132 TYR A CE1 1 
ATOM   554 C CE2 . TYR A 1 71 ? 14.484  14.855  18.309  1.00 16.30 ? 132 TYR A CE2 1 
ATOM   555 C CZ  . TYR A 1 71 ? 15.001  16.132  18.380  1.00 18.62 ? 132 TYR A CZ  1 
ATOM   556 O OH  . TYR A 1 71 ? 14.267  17.192  17.913  1.00 21.76 ? 132 TYR A OH  1 
ATOM   557 N N   . MET A 1 72 ? 16.592  10.407  18.267  1.00 16.06 ? 133 MET A N   1 
ATOM   558 C CA  . MET A 1 72 ? 15.709  9.609   17.429  1.00 19.76 ? 133 MET A CA  1 
ATOM   559 C C   . MET A 1 72 ? 14.262  10.053  17.606  1.00 20.67 ? 133 MET A C   1 
ATOM   560 O O   . MET A 1 72 ? 13.907  10.675  18.608  1.00 14.67 ? 133 MET A O   1 
ATOM   561 C CB  . MET A 1 72 ? 15.839  8.122   17.758  1.00 17.21 ? 133 MET A CB  1 
ATOM   562 C CG  . MET A 1 72 ? 17.266  7.568   17.631  1.00 17.38 ? 133 MET A CG  1 
ATOM   563 S SD  . MET A 1 72 ? 17.834  7.562   15.921  1.00 22.74 ? 133 MET A SD  1 
ATOM   564 C CE  . MET A 1 72 ? 16.789  6.282   15.225  1.00 23.06 ? 133 MET A CE  1 
ATOM   565 N N   . LEU A 1 73 ? 13.450  9.745   16.603  1.00 13.80 ? 134 LEU A N   1 
ATOM   566 C CA  . LEU A 1 73 ? 12.006  9.937   16.648  1.00 14.86 ? 134 LEU A CA  1 
ATOM   567 C C   . LEU A 1 73 ? 11.338  8.578   16.747  1.00 15.34 ? 134 LEU A C   1 
ATOM   568 O O   . LEU A 1 73 ? 11.843  7.600   16.201  1.00 18.48 ? 134 LEU A O   1 
ATOM   569 C CB  . LEU A 1 73 ? 11.500  10.649  15.387  1.00 16.30 ? 134 LEU A CB  1 
ATOM   570 C CG  . LEU A 1 73 ? 12.204  11.955  15.009  1.00 17.94 ? 134 LEU A CG  1 
ATOM   571 C CD1 . LEU A 1 73 ? 11.788  12.413  13.629  1.00 21.18 ? 134 LEU A CD1 1 
ATOM   572 C CD2 . LEU A 1 73 ? 11.906  13.012  16.074  1.00 14.22 ? 134 LEU A CD2 1 
ATOM   573 N N   . GLU A 1 74 ? 10.208  8.516   17.439  1.00 15.70 ? 135 GLU A N   1 
ATOM   574 C CA  . GLU A 1 74 ? 9.347   7.355   17.369  1.00 13.51 ? 135 GLU A CA  1 
ATOM   575 C C   . GLU A 1 74 ? 8.127   7.733   16.540  1.00 15.69 ? 135 GLU A C   1 
ATOM   576 O O   . GLU A 1 74 ? 7.494   8.771   16.780  1.00 14.01 ? 135 GLU A O   1 
ATOM   577 C CB  . GLU A 1 74 ? 8.922   6.877   18.753  1.00 17.56 ? 135 GLU A CB  1 
ATOM   578 C CG  . GLU A 1 74 ? 7.917   5.735   18.655  1.00 24.15 ? 135 GLU A CG  1 
ATOM   579 C CD  . GLU A 1 74 ? 7.443   5.276   20.005  1.00 43.66 ? 135 GLU A CD  1 
ATOM   580 O OE1 . GLU A 1 74 ? 8.247   4.652   20.728  1.00 48.14 ? 135 GLU A OE1 1 
ATOM   581 O OE2 . GLU A 1 74 ? 6.275   5.553   20.346  1.00 51.36 ? 135 GLU A OE2 1 
ATOM   582 N N   . CYS A 1 75 ? 7.822   6.905   15.553  1.00 15.96 ? 136 CYS A N   1 
ATOM   583 C CA  . CYS A 1 75 ? 6.743   7.171   14.620  1.00 15.94 ? 136 CYS A CA  1 
ATOM   584 C C   . CYS A 1 75 ? 5.719   6.047   14.658  1.00 17.48 ? 136 CYS A C   1 
ATOM   585 O O   . CYS A 1 75 ? 6.074   4.905   14.947  1.00 14.47 ? 136 CYS A O   1 
ATOM   586 C CB  . CYS A 1 75 ? 7.285   7.329   13.200  1.00 16.12 ? 136 CYS A CB  1 
ATOM   587 S SG  . CYS A 1 75 ? 8.456   8.689   12.969  1.00 20.91 ? 136 CYS A SG  1 
ATOM   588 N N   . VAL A 1 76 ? 4.453   6.377   14.388  1.00 11.32 ? 137 VAL A N   1 
ATOM   589 C CA  . VAL A 1 76 ? 3.366   5.388   14.405  1.00 11.20 ? 137 VAL A CA  1 
ATOM   590 C C   . VAL A 1 76 ? 2.503   5.548   13.155  1.00 14.54 ? 137 VAL A C   1 
ATOM   591 O O   . VAL A 1 76 ? 2.140   6.673   12.780  1.00 13.81 ? 137 VAL A O   1 
ATOM   592 C CB  . VAL A 1 76 ? 2.455   5.536   15.636  1.00 12.56 ? 137 VAL A CB  1 
ATOM   593 C CG1 . VAL A 1 76 ? 1.358   4.444   15.624  1.00 16.44 ? 137 VAL A CG1 1 
ATOM   594 C CG2 . VAL A 1 76 ? 3.262   5.487   16.922  1.00 25.31 ? 137 VAL A CG2 1 
ATOM   595 N N   . CYS A 1 77 ? 2.172   4.434   12.508  1.00 15.24 ? 138 CYS A N   1 
ATOM   596 C CA  . CYS A 1 77 ? 1.348   4.484   11.302  1.00 12.41 ? 138 CYS A CA  1 
ATOM   597 C C   . CYS A 1 77 ? -0.139  4.523   11.642  1.00 11.65 ? 138 CYS A C   1 
ATOM   598 O O   . CYS A 1 77 ? -0.665  3.587   12.249  1.00 16.16 ? 138 CYS A O   1 
ATOM   599 C CB  . CYS A 1 77 ? 1.645   3.281   10.404  1.00 13.11 ? 138 CYS A CB  1 
ATOM   600 S SG  . CYS A 1 77 ? 0.608   3.284   8.879   1.00 14.99 ? 138 CYS A SG  1 
ATOM   601 N N   . LEU A 1 78 ? -0.818  5.596   11.230  1.00 11.62 ? 139 LEU A N   1 
ATOM   602 C CA  . LEU A 1 78 ? -2.224  5.799   11.559  1.00 15.14 ? 139 LEU A CA  1 
ATOM   603 C C   . LEU A 1 78 ? -3.159  5.443   10.408  1.00 19.18 ? 139 LEU A C   1 
ATOM   604 O O   . LEU A 1 78 ? -4.272  4.979   10.636  1.00 19.72 ? 139 LEU A O   1 
ATOM   605 C CB  . LEU A 1 78 ? -2.483  7.248   11.970  1.00 11.96 ? 139 LEU A CB  1 
ATOM   606 C CG  . LEU A 1 78 ? -1.704  7.809   13.154  1.00 16.68 ? 139 LEU A CG  1 
ATOM   607 C CD1 . LEU A 1 78 ? -2.271  9.172   13.481  1.00 18.57 ? 139 LEU A CD1 1 
ATOM   608 C CD2 . LEU A 1 78 ? -1.839  6.891   14.351  1.00 19.02 ? 139 LEU A CD2 1 
ATOM   609 N N   . GLY A 1 79 ? -2.716  5.684   9.178   1.00 15.16 ? 140 GLY A N   1 
ATOM   610 C CA  . GLY A 1 79 ? -3.547  5.429   8.011   1.00 17.87 ? 140 GLY A CA  1 
ATOM   611 C C   . GLY A 1 79 ? -4.547  6.550   7.776   1.00 16.71 ? 140 GLY A C   1 
ATOM   612 O O   . GLY A 1 79 ? -4.282  7.470   7.009   1.00 13.88 ? 140 GLY A O   1 
ATOM   613 N N   . ASN A 1 80 ? -5.697  6.462   8.439   1.00 17.39 ? 141 ASN A N   1 
ATOM   614 C CA  . ASN A 1 80 ? -6.784  7.433   8.287   1.00 19.79 ? 141 ASN A CA  1 
ATOM   615 C C   . ASN A 1 80 ? -7.205  7.658   6.843   1.00 21.93 ? 141 ASN A C   1 
ATOM   616 O O   . ASN A 1 80 ? -7.622  8.757   6.480   1.00 19.81 ? 141 ASN A O   1 
ATOM   617 C CB  . ASN A 1 80 ? -6.390  8.773   8.925   1.00 21.72 ? 141 ASN A CB  1 
ATOM   618 C CG  . ASN A 1 80 ? -6.201  8.659   10.416  1.00 25.77 ? 141 ASN A CG  1 
ATOM   619 O OD1 . ASN A 1 80 ? -6.864  7.849   11.063  1.00 27.31 ? 141 ASN A OD1 1 
ATOM   620 N ND2 . ASN A 1 80 ? -5.281  9.447   10.970  1.00 25.92 ? 141 ASN A ND2 1 
ATOM   621 N N   . GLY A 1 81 ? -7.104  6.612   6.024   1.00 18.06 ? 142 GLY A N   1 
ATOM   622 C CA  . GLY A 1 81 ? -7.438  6.707   4.613   1.00 14.11 ? 142 GLY A CA  1 
ATOM   623 C C   . GLY A 1 81 ? -6.530  7.606   3.793   1.00 18.01 ? 142 GLY A C   1 
ATOM   624 O O   . GLY A 1 81 ? -6.840  7.908   2.645   1.00 18.19 ? 142 GLY A O   1 
ATOM   625 N N   . LYS A 1 82 ? -5.392  8.009   4.357   1.00 14.68 ? 143 LYS A N   1 
ATOM   626 C CA  . LYS A 1 82 ? -4.535  9.008   3.714   1.00 17.40 ? 143 LYS A CA  1 
ATOM   627 C C   . LYS A 1 82 ? -3.056  8.636   3.727   1.00 14.90 ? 143 LYS A C   1 
ATOM   628 O O   . LYS A 1 82 ? -2.220  9.451   3.351   1.00 16.89 ? 143 LYS A O   1 
ATOM   629 C CB  . LYS A 1 82 ? -4.665  10.380  4.394   1.00 21.43 ? 143 LYS A CB  1 
ATOM   630 C CG  . LYS A 1 82 ? -6.061  10.949  4.544   1.00 32.96 ? 143 LYS A CG  1 
ATOM   631 C CD  . LYS A 1 82 ? -6.035  12.051  5.609   1.00 36.42 ? 143 LYS A CD  1 
ATOM   632 C CE  . LYS A 1 82 ? -7.423  12.603  5.905   1.00 41.29 ? 143 LYS A CE  1 
ATOM   633 N NZ  . LYS A 1 82 ? -7.366  13.645  6.979   1.00 39.84 ? 143 LYS A NZ  1 
ATOM   634 N N   . GLY A 1 83 ? -2.724  7.429   4.180   1.00 15.16 ? 144 GLY A N   1 
ATOM   635 C CA  . GLY A 1 83 ? -1.332  7.019   4.235   1.00 11.44 ? 144 GLY A CA  1 
ATOM   636 C C   . GLY A 1 83 ? -0.568  7.793   5.299   1.00 14.87 ? 144 GLY A C   1 
ATOM   637 O O   . GLY A 1 83 ? 0.635   8.006   5.181   1.00 16.04 ? 144 GLY A O   1 
ATOM   638 N N   . GLU A 1 84 ? -1.284  8.202   6.343   1.00 13.58 ? 145 GLU A N   1 
ATOM   639 C CA  . GLU A 1 84 ? -0.813  9.211   7.283   1.00 15.18 ? 145 GLU A CA  1 
ATOM   640 C C   . GLU A 1 84 ? -0.137  8.615   8.524   1.00 12.10 ? 145 GLU A C   1 
ATOM   641 O O   . GLU A 1 84 ? -0.602  7.601   9.060   1.00 13.88 ? 145 GLU A O   1 
ATOM   642 C CB  . GLU A 1 84 ? -2.002  10.074  7.698   1.00 18.37 ? 145 GLU A CB  1 
ATOM   643 C CG  . GLU A 1 84 ? -1.712  11.107  8.740   1.00 29.19 ? 145 GLU A CG  1 
ATOM   644 C CD  . GLU A 1 84 ? -2.860  12.094  8.861   1.00 39.76 ? 145 GLU A CD  1 
ATOM   645 O OE1 . GLU A 1 84 ? -3.993  11.657  9.170   1.00 25.14 ? 145 GLU A OE1 1 
ATOM   646 O OE2 . GLU A 1 84 ? -2.625  13.299  8.628   1.00 45.96 ? 145 GLU A OE2 1 
ATOM   647 N N   . TRP A 1 85 ? 0.954   9.239   8.976   1.00 11.81 ? 146 TRP A N   1 
ATOM   648 C CA  . TRP A 1 85 ? 1.637   8.788   10.196  1.00 13.25 ? 146 TRP A CA  1 
ATOM   649 C C   . TRP A 1 85 ? 1.973   9.948   11.137  1.00 17.00 ? 146 TRP A C   1 
ATOM   650 O O   . TRP A 1 85 ? 1.849   11.131  10.768  1.00 13.75 ? 146 TRP A O   1 
ATOM   651 C CB  . TRP A 1 85 ? 2.920   8.015   9.850   1.00 11.94 ? 146 TRP A CB  1 
ATOM   652 C CG  . TRP A 1 85 ? 3.989   8.860   9.251   1.00 15.73 ? 146 TRP A CG  1 
ATOM   653 C CD1 . TRP A 1 85 ? 4.955   9.570   9.919   1.00 18.77 ? 146 TRP A CD1 1 
ATOM   654 C CD2 . TRP A 1 85 ? 4.205   9.110   7.859   1.00 12.20 ? 146 TRP A CD2 1 
ATOM   655 N NE1 . TRP A 1 85 ? 5.753   10.236  9.026   1.00 15.37 ? 146 TRP A NE1 1 
ATOM   656 C CE2 . TRP A 1 85 ? 5.312   9.967   7.753   1.00 20.84 ? 146 TRP A CE2 1 
ATOM   657 C CE3 . TRP A 1 85 ? 3.566   8.678   6.691   1.00 12.68 ? 146 TRP A CE3 1 
ATOM   658 C CZ2 . TRP A 1 85 ? 5.798   10.408  6.529   1.00 20.62 ? 146 TRP A CZ2 1 
ATOM   659 C CZ3 . TRP A 1 85 ? 4.054   9.111   5.476   1.00 15.83 ? 146 TRP A CZ3 1 
ATOM   660 C CH2 . TRP A 1 85 ? 5.159   9.967   5.404   1.00 22.21 ? 146 TRP A CH2 1 
ATOM   661 N N   . THR A 1 86 ? 2.387   9.591   12.352  1.00 12.97 ? 147 THR A N   1 
ATOM   662 C CA  A THR A 1 86 ? 2.789   10.581  13.337  0.60 14.13 ? 147 THR A CA  1 
ATOM   663 C CA  B THR A 1 86 ? 2.790   10.556  13.394  0.40 15.04 ? 147 THR A CA  1 
ATOM   664 C C   . THR A 1 86 ? 4.185   10.260  13.890  1.00 15.68 ? 147 THR A C   1 
ATOM   665 O O   . THR A 1 86 ? 4.586   9.110   13.934  1.00 16.96 ? 147 THR A O   1 
ATOM   666 C CB  A THR A 1 86 ? 1.751   10.660  14.475  0.60 18.24 ? 147 THR A CB  1 
ATOM   667 C CB  B THR A 1 86 ? 1.890   10.532  14.649  0.40 18.44 ? 147 THR A CB  1 
ATOM   668 O OG1 A THR A 1 86 ? 2.138   11.663  15.408  0.60 17.62 ? 147 THR A OG1 1 
ATOM   669 O OG1 B THR A 1 86 ? 1.893   9.219   15.218  0.40 20.37 ? 147 THR A OG1 1 
ATOM   670 C CG2 A THR A 1 86 ? 1.628   9.337   15.199  0.60 17.73 ? 147 THR A CG2 1 
ATOM   671 C CG2 B THR A 1 86 ? 0.498   10.921  14.330  0.40 19.13 ? 147 THR A CG2 1 
ATOM   672 N N   . CYS A 1 87 ? 4.916   11.301  14.289  1.00 14.62 ? 148 CYS A N   1 
ATOM   673 C CA  . CYS A 1 87 ? 6.269   11.158  14.836  1.00 11.29 ? 148 CYS A CA  1 
ATOM   674 C C   . CYS A 1 87 ? 6.416   12.090  16.017  1.00 12.68 ? 148 CYS A C   1 
ATOM   675 O O   . CYS A 1 87 ? 5.794   13.153  16.042  1.00 15.03 ? 148 CYS A O   1 
ATOM   676 C CB  . CYS A 1 87 ? 7.347   11.510  13.812  1.00 14.77 ? 148 CYS A CB  1 
ATOM   677 S SG  . CYS A 1 87 ? 7.508   10.408  12.385  1.00 21.83 ? 148 CYS A SG  1 
ATOM   678 N N   . LYS A 1 88 ? 7.272   11.713  16.968  1.00 10.85 ? 149 LYS A N   1 
ATOM   679 C CA  . LYS A 1 88 ? 7.555   12.541  18.139  1.00 12.25 ? 149 LYS A CA  1 
ATOM   680 C C   . LYS A 1 88 ? 8.979   12.264  18.606  1.00 14.21 ? 149 LYS A C   1 
ATOM   681 O O   . LYS A 1 88 ? 9.500   11.174  18.374  1.00 11.48 ? 149 LYS A O   1 
ATOM   682 C CB  . LYS A 1 88 ? 6.585   12.227  19.267  1.00 18.53 ? 149 LYS A CB  1 
ATOM   683 C CG  . LYS A 1 88 ? 6.868   10.863  19.898  1.00 19.33 ? 149 LYS A CG  1 
ATOM   684 C CD  . LYS A 1 88 ? 5.896   10.539  21.014  1.00 28.85 ? 149 LYS A CD  1 
ATOM   685 C CE  . LYS A 1 88 ? 5.987   9.071   21.393  1.00 35.90 ? 149 LYS A CE  1 
ATOM   686 N NZ  . LYS A 1 88 ? 5.098   8.741   22.541  1.00 43.28 ? 149 LYS A NZ  1 
ATOM   687 N N   . PRO A 1 89 ? 9.609   13.237  19.280  1.00 14.02 ? 150 PRO A N   1 
ATOM   688 C CA  . PRO A 1 89 ? 10.969  12.989  19.761  1.00 15.72 ? 150 PRO A CA  1 
ATOM   689 C C   . PRO A 1 89 ? 10.985  12.015  20.946  1.00 21.60 ? 150 PRO A C   1 
ATOM   690 O O   . PRO A 1 89 ? 10.070  12.021  21.783  1.00 20.07 ? 150 PRO A O   1 
ATOM   691 C CB  . PRO A 1 89 ? 11.454  14.383  20.187  1.00 17.23 ? 150 PRO A CB  1 
ATOM   692 C CG  . PRO A 1 89 ? 10.203  15.093  20.573  1.00 16.23 ? 150 PRO A CG  1 
ATOM   693 C CD  . PRO A 1 89 ? 9.150   14.598  19.608  1.00 14.05 ? 150 PRO A CD  1 
ATOM   694 N N   . ILE A 1 90 ? 12.018  11.175  20.995  1.00 20.08 ? 151 ILE A N   1 
ATOM   695 C CA  . ILE A 1 90 ? 12.246  10.290  22.135  1.00 20.81 ? 151 ILE A CA  1 
ATOM   696 C C   . ILE A 1 90 ? 13.726  10.336  22.563  1.00 27.92 ? 151 ILE A C   1 
ATOM   697 O O   . ILE A 1 90 ? 14.570  10.992  21.937  1.00 21.33 ? 151 ILE A O   1 
ATOM   698 C CB  . ILE A 1 90 ? 11.839  8.831   21.819  1.00 20.91 ? 151 ILE A CB  1 
ATOM   699 C CG1 . ILE A 1 90 ? 12.586  8.316   20.587  1.00 21.91 ? 151 ILE A CG1 1 
ATOM   700 C CG2 . ILE A 1 90 ? 10.344  8.718   21.606  1.00 19.82 ? 151 ILE A CG2 1 
ATOM   701 C CD1 . ILE A 1 90 ? 12.629  6.801   20.510  1.00 29.53 ? 151 ILE A CD1 1 
ATOM   702 O OXT . ILE A 1 90 ? 14.126  9.709   23.544  1.00 29.91 ? 151 ILE A OXT 1 
HETATM 703 C C   . ACE B 2 1  ? 4.808   14.726  -7.405  1.00 26.71 ? 174 ACE B C   1 
HETATM 704 O O   . ACE B 2 1  ? 4.984   15.388  -6.369  1.00 26.17 ? 174 ACE B O   1 
HETATM 705 C CH3 . ACE B 2 1  ? 5.906   14.503  -8.408  1.00 24.61 ? 174 ACE B CH3 1 
ATOM   706 N N   . SER B 2 2  ? 3.795   13.877  -7.513  1.00 27.42 ? 175 SER B N   1 
ATOM   707 C CA  . SER B 2 2  ? 2.651   14.021  -6.637  1.00 30.74 ? 175 SER B CA  1 
ATOM   708 C C   . SER B 2 2  ? 1.940   12.688  -6.409  1.00 34.48 ? 175 SER B C   1 
ATOM   709 O O   . SER B 2 2  ? 1.926   11.820  -7.283  1.00 35.03 ? 175 SER B O   1 
ATOM   710 C CB  . SER B 2 2  ? 1.678   15.051  -7.215  1.00 34.89 ? 175 SER B CB  1 
ATOM   711 O OG  . SER B 2 2  ? 0.636   15.345  -6.299  1.00 35.27 ? 175 SER B OG  1 
ATOM   712 N N   . ILE B 2 3  ? 1.385   12.524  -5.211  1.00 27.28 ? 176 ILE B N   1 
ATOM   713 C CA  . ILE B 2 3  ? 0.424   11.461  -4.937  1.00 26.79 ? 176 ILE B CA  1 
ATOM   714 C C   . ILE B 2 3  ? -0.959  12.103  -4.919  1.00 22.63 ? 176 ILE B C   1 
ATOM   715 O O   . ILE B 2 3  ? -1.349  12.727  -3.931  1.00 25.93 ? 176 ILE B O   1 
ATOM   716 C CB  . ILE B 2 3  ? 0.706   10.741  -3.591  1.00 23.20 ? 176 ILE B CB  1 
ATOM   717 C CG1 . ILE B 2 3  ? 2.089   10.080  -3.599  1.00 30.44 ? 176 ILE B CG1 1 
ATOM   718 C CG2 . ILE B 2 3  ? -0.376  9.705   -3.300  1.00 27.25 ? 176 ILE B CG2 1 
ATOM   719 C CD1 . ILE B 2 3  ? 2.211   8.905   -4.545  1.00 38.01 ? 176 ILE B CD1 1 
ATOM   720 N N   . SER B 2 4  ? -1.684  11.995  -6.028  1.00 21.66 ? 177 SER B N   1 
ATOM   721 C CA  . SER B 2 4  ? -2.976  12.663  -6.160  1.00 28.02 ? 177 SER B CA  1 
ATOM   722 C C   . SER B 2 4  ? -4.124  11.784  -5.661  1.00 26.09 ? 177 SER B C   1 
ATOM   723 O O   . SER B 2 4  ? -5.142  12.290  -5.201  1.00 27.17 ? 177 SER B O   1 
ATOM   724 C CB  . SER B 2 4  ? -3.208  13.069  -7.622  1.00 30.25 ? 177 SER B CB  1 
ATOM   725 O OG  . SER B 2 4  ? -2.100  13.807  -8.125  1.00 33.20 ? 177 SER B OG  1 
ATOM   726 N N   . TYR B 2 5  ? -3.958  10.467  -5.767  1.00 19.18 ? 178 TYR B N   1 
ATOM   727 C CA  . TYR B 2 5  ? -4.936  9.495   -5.275  1.00 17.90 ? 178 TYR B CA  1 
ATOM   728 C C   . TYR B 2 5  ? -4.192  8.359   -4.593  1.00 19.70 ? 178 TYR B C   1 
ATOM   729 O O   . TYR B 2 5  ? -3.035  8.088   -4.922  1.00 21.58 ? 178 TYR B O   1 
ATOM   730 C CB  . TYR B 2 5  ? -5.802  8.929   -6.419  1.00 21.14 ? 178 TYR B CB  1 
ATOM   731 C CG  . TYR B 2 5  ? -6.451  9.990   -7.281  1.00 23.33 ? 178 TYR B CG  1 
ATOM   732 C CD1 . TYR B 2 5  ? -7.718  10.483  -6.972  1.00 25.18 ? 178 TYR B CD1 1 
ATOM   733 C CD2 . TYR B 2 5  ? -5.792  10.512  -8.394  1.00 21.14 ? 178 TYR B CD2 1 
ATOM   734 C CE1 . TYR B 2 5  ? -8.316  11.463  -7.749  1.00 25.55 ? 178 TYR B CE1 1 
ATOM   735 C CE2 . TYR B 2 5  ? -6.383  11.491  -9.178  1.00 24.73 ? 178 TYR B CE2 1 
ATOM   736 C CZ  . TYR B 2 5  ? -7.647  11.960  -8.850  1.00 25.82 ? 178 TYR B CZ  1 
ATOM   737 O OH  . TYR B 2 5  ? -8.237  12.938  -9.620  1.00 27.80 ? 178 TYR B OH  1 
ATOM   738 N N   . THR B 2 6  ? -4.850  7.679   -3.658  1.00 22.10 ? 179 THR B N   1 
ATOM   739 C CA  . THR B 2 6  ? -4.189  6.613   -2.914  1.00 19.32 ? 179 THR B CA  1 
ATOM   740 C C   . THR B 2 6  ? -4.613  5.211   -3.367  1.00 19.95 ? 179 THR B C   1 
ATOM   741 O O   . THR B 2 6  ? -4.330  4.224   -2.682  1.00 22.96 ? 179 THR B O   1 
ATOM   742 C CB  . THR B 2 6  ? -4.441  6.754   -1.385  1.00 22.89 ? 179 THR B CB  1 
ATOM   743 O OG1 . THR B 2 6  ? -5.832  7.000   -1.146  1.00 27.29 ? 179 THR B OG1 1 
ATOM   744 C CG2 . THR B 2 6  ? -3.631  7.917   -0.813  1.00 23.68 ? 179 THR B CG2 1 
ATOM   745 N N   . ASP B 2 7  ? -5.289  5.115   -4.509  1.00 19.28 ? 180 ASP B N   1 
ATOM   746 C CA  . ASP B 2 7  ? -5.609  3.802   -5.049  1.00 19.88 ? 180 ASP B CA  1 
ATOM   747 C C   . ASP B 2 7  ? -5.651  3.811   -6.563  1.00 19.02 ? 180 ASP B C   1 
ATOM   748 O O   . ASP B 2 7  ? -5.627  4.866   -7.194  1.00 23.43 ? 180 ASP B O   1 
ATOM   749 C CB  . ASP B 2 7  ? -6.942  3.273   -4.491  1.00 28.39 ? 180 ASP B CB  1 
ATOM   750 C CG  . ASP B 2 7  ? -8.107  4.242   -4.684  1.00 40.18 ? 180 ASP B CG  1 
ATOM   751 O OD1 . ASP B 2 7  ? -8.167  4.948   -5.708  1.00 36.45 ? 180 ASP B OD1 1 
ATOM   752 O OD2 . ASP B 2 7  ? -8.983  4.282   -3.797  1.00 55.85 ? 180 ASP B OD2 1 
ATOM   753 N N   . GLU B 2 8  ? -5.700  2.624   -7.150  1.00 19.50 ? 181 GLU B N   1 
ATOM   754 C CA  . GLU B 2 8  ? -5.918  2.530   -8.575  1.00 20.90 ? 181 GLU B CA  1 
ATOM   755 C C   . GLU B 2 8  ? -6.640  1.231   -8.865  1.00 23.90 ? 181 GLU B C   1 
ATOM   756 O O   . GLU B 2 8  ? -6.667  0.318   -8.035  1.00 23.89 ? 181 GLU B O   1 
ATOM   757 C CB  . GLU B 2 8  ? -4.603  2.633   -9.364  1.00 24.50 ? 181 GLU B CB  1 
ATOM   758 C CG  . GLU B 2 8  ? -3.508  1.671   -8.946  1.00 31.77 ? 181 GLU B CG  1 
ATOM   759 C CD  . GLU B 2 8  ? -2.206  1.871   -9.727  1.00 39.76 ? 181 GLU B CD  1 
ATOM   760 O OE1 . GLU B 2 8  ? -2.142  2.775   -10.593 1.00 33.50 ? 181 GLU B OE1 1 
ATOM   761 O OE2 . GLU B 2 8  ? -1.243  1.111   -9.478  1.00 39.64 ? 181 GLU B OE2 1 
ATOM   762 N N   . ILE B 2 9  ? -7.267  1.206   -10.034 1.00 19.42 ? 182 ILE B N   1 
ATOM   763 C CA  A ILE B 2 9  ? -8.000  0.042   -10.512 0.31 24.68 ? 182 ILE B CA  1 
ATOM   764 C CA  B ILE B 2 9  ? -8.018  0.061   -10.531 0.69 26.34 ? 182 ILE B CA  1 
ATOM   765 C C   . ILE B 2 9  ? -7.387  -0.423  -11.823 1.00 27.60 ? 182 ILE B C   1 
ATOM   766 O O   . ILE B 2 9  ? -7.042  0.390   -12.676 1.00 27.22 ? 182 ILE B O   1 
ATOM   767 C CB  A ILE B 2 9  ? -9.505  0.348   -10.722 0.31 32.00 ? 182 ILE B CB  1 
ATOM   768 C CB  B ILE B 2 9  ? -9.493  0.425   -10.810 0.69 31.58 ? 182 ILE B CB  1 
ATOM   769 C CG1 A ILE B 2 9  ? -10.229 0.457   -9.381  0.31 35.46 ? 182 ILE B CG1 1 
ATOM   770 C CG1 B ILE B 2 9  ? -10.167 0.939   -9.548  0.69 34.04 ? 182 ILE B CG1 1 
ATOM   771 C CG2 A ILE B 2 9  ? -10.172 -0.721  -11.577 0.31 33.72 ? 182 ILE B CG2 1 
ATOM   772 C CG2 B ILE B 2 9  ? -10.248 -0.771  -11.363 0.69 34.66 ? 182 ILE B CG2 1 
ATOM   773 C CD1 A ILE B 2 9  ? -10.104 1.808   -8.730  0.31 36.40 ? 182 ILE B CD1 1 
ATOM   774 C CD1 B ILE B 2 9  ? -10.379 -0.135  -8.532  0.69 39.10 ? 182 ILE B CD1 1 
ATOM   775 N N   . GLU B 2 10 ? -7.229  -1.732  -11.969 1.00 24.80 ? 183 GLU B N   1 
ATOM   776 C CA  . GLU B 2 10 ? -6.758  -2.294  -13.230 1.00 25.86 ? 183 GLU B CA  1 
ATOM   777 C C   . GLU B 2 10 ? -7.686  -3.417  -13.656 1.00 24.08 ? 183 GLU B C   1 
ATOM   778 O O   . GLU B 2 10 ? -8.232  -4.129  -12.815 1.00 24.09 ? 183 GLU B O   1 
ATOM   779 C CB  . GLU B 2 10 ? -5.330  -2.810  -13.097 1.00 25.32 ? 183 GLU B CB  1 
ATOM   780 C CG  . GLU B 2 10 ? -4.330  -1.733  -12.708 1.00 37.30 ? 183 GLU B CG  1 
ATOM   781 C CD  . GLU B 2 10 ? -2.927  -2.283  -12.530 1.00 45.71 ? 183 GLU B CD  1 
ATOM   782 O OE1 . GLU B 2 10 ? -2.734  -3.501  -12.761 1.00 46.65 ? 183 GLU B OE1 1 
ATOM   783 O OE2 . GLU B 2 10 ? -2.026  -1.494  -12.161 1.00 39.65 ? 183 GLU B OE2 1 
ATOM   784 N N   . GLU B 2 11 ? -7.872  -3.578  -14.960 1.00 21.06 ? 184 GLU B N   1 
ATOM   785 C CA  . GLU B 2 11 ? -8.570  -4.752  -15.460 1.00 21.81 ? 184 GLU B CA  1 
ATOM   786 C C   . GLU B 2 11 ? -8.006  -5.130  -16.817 1.00 21.33 ? 184 GLU B C   1 
ATOM   787 O O   . GLU B 2 11 ? -7.150  -4.416  -17.348 1.00 20.39 ? 184 GLU B O   1 
ATOM   788 C CB  . GLU B 2 11 ? -10.081 -4.504  -15.531 1.00 25.26 ? 184 GLU B CB  1 
ATOM   789 C CG  . GLU B 2 11 ? -10.491 -3.275  -16.326 1.00 31.01 ? 184 GLU B CG  1 
ATOM   790 C CD  . GLU B 2 11 ? -11.961 -2.931  -16.133 1.00 43.29 ? 184 GLU B CD  1 
ATOM   791 O OE1 . GLU B 2 11 ? -12.575 -3.433  -15.166 1.00 44.60 ? 184 GLU B OE1 1 
ATOM   792 O OE2 . GLU B 2 11 ? -12.503 -2.156  -16.946 1.00 44.01 ? 184 GLU B OE2 1 
ATOM   793 N N   . GLU B 2 12 ? -8.471  -6.252  -17.366 1.00 22.13 ? 185 GLU B N   1 
ATOM   794 C CA  . GLU B 2 12 ? -7.952  -6.754  -18.641 1.00 21.80 ? 185 GLU B CA  1 
ATOM   795 C C   . GLU B 2 12 ? -8.107  -5.711  -19.746 1.00 27.79 ? 185 GLU B C   1 
ATOM   796 O O   . GLU B 2 12 ? -9.139  -5.034  -19.806 1.00 21.64 ? 185 GLU B O   1 
ATOM   797 C CB  . GLU B 2 12 ? -8.667  -8.054  -19.042 1.00 23.85 ? 185 GLU B CB  1 
ATOM   798 C CG  . GLU B 2 12 ? -8.223  -9.281  -18.248 1.00 32.77 ? 185 GLU B CG  1 
ATOM   799 C CD  . GLU B 2 12 ? -9.115  -10.489 -18.472 1.00 40.91 ? 185 GLU B CD  1 
ATOM   800 O OE1 . GLU B 2 12 ? -9.837  -10.521 -19.494 1.00 34.54 ? 185 GLU B OE1 1 
ATOM   801 O OE2 . GLU B 2 12 ? -9.093  -11.406 -17.619 1.00 47.21 ? 185 GLU B OE2 1 
ATOM   802 N N   . ASP B 2 13 ? -7.077  -5.573  -20.592 1.00 24.24 ? 186 ASP B N   1 
ATOM   803 C CA  . ASP B 2 13 ? -7.133  -4.687  -21.762 1.00 23.14 ? 186 ASP B CA  1 
ATOM   804 C C   . ASP B 2 13 ? -8.197  -5.178  -22.726 1.00 21.23 ? 186 ASP B C   1 
ATOM   805 O O   . ASP B 2 13 ? -8.433  -6.383  -22.814 1.00 21.78 ? 186 ASP B O   1 
ATOM   806 C CB  . ASP B 2 13 ? -5.792  -4.633  -22.499 1.00 27.58 ? 186 ASP B CB  1 
ATOM   807 C CG  . ASP B 2 13 ? -4.686  -4.032  -21.668 1.00 37.43 ? 186 ASP B CG  1 
ATOM   808 O OD1 . ASP B 2 13 ? -4.986  -3.278  -20.716 1.00 33.32 ? 186 ASP B OD1 1 
ATOM   809 O OD2 . ASP B 2 13 ? -3.508  -4.309  -21.991 1.00 43.93 ? 186 ASP B OD2 1 
ATOM   810 N N   . TYR B 2 14 ? -8.808  -4.260  -23.470 1.00 21.58 ? 187 TYR B N   1 
ATOM   811 C CA  . TYR B 2 14 ? -9.853  -4.631  -24.428 1.00 23.42 ? 187 TYR B CA  1 
ATOM   812 C C   . TYR B 2 14 ? -9.292  -5.595  -25.473 1.00 22.80 ? 187 TYR B C   1 
ATOM   813 O O   . TYR B 2 14 ? -10.020 -6.399  -26.061 1.00 23.78 ? 187 TYR B O   1 
ATOM   814 C CB  . TYR B 2 14 ? -10.438 -3.387  -25.100 1.00 23.60 ? 187 TYR B CB  1 
ATOM   815 C CG  . TYR B 2 14 ? -9.661  -2.886  -26.306 1.00 25.59 ? 187 TYR B CG  1 
ATOM   816 C CD1 . TYR B 2 14 ? -8.579  -2.017  -26.155 1.00 27.20 ? 187 TYR B CD1 1 
ATOM   817 C CD2 . TYR B 2 14 ? -10.023 -3.269  -27.596 1.00 27.88 ? 187 TYR B CD2 1 
ATOM   818 C CE1 . TYR B 2 14 ? -7.868  -1.558  -27.271 1.00 26.44 ? 187 TYR B CE1 1 
ATOM   819 C CE2 . TYR B 2 14 ? -9.322  -2.823  -28.710 1.00 27.25 ? 187 TYR B CE2 1 
ATOM   820 C CZ  . TYR B 2 14 ? -8.249  -1.964  -28.541 1.00 27.23 ? 187 TYR B CZ  1 
ATOM   821 O OH  . TYR B 2 14 ? -7.567  -1.515  -29.655 1.00 25.30 ? 187 TYR B OH  1 
ATOM   822 N N   . ASP B 2 15 ? -7.983  -5.518  -25.690 1.00 22.06 ? 188 ASP B N   1 
ATOM   823 C CA  . ASP B 2 15 ? -7.331  -6.405  -26.644 1.00 28.14 ? 188 ASP B CA  1 
ATOM   824 C C   . ASP B 2 15 ? -6.365  -7.343  -25.917 1.00 31.24 ? 188 ASP B C   1 
ATOM   825 O O   . ASP B 2 15 ? -5.499  -7.948  -26.552 1.00 32.66 ? 188 ASP B O   1 
ATOM   826 C CB  . ASP B 2 15 ? -6.601  -5.593  -27.726 1.00 21.83 ? 188 ASP B CB  1 
ATOM   827 C CG  . ASP B 2 15 ? -5.539  -4.652  -27.145 1.00 37.87 ? 188 ASP B CG  1 
ATOM   828 O OD1 . ASP B 2 15 ? -5.473  -4.499  -25.904 1.00 25.67 ? 188 ASP B OD1 1 
ATOM   829 O OD2 . ASP B 2 15 ? -4.772  -4.053  -27.932 1.00 36.67 ? 188 ASP B OD2 1 
HETATM 830 O O   . HOH C 3 .  ? -3.054  0.338   1.907   1.00 19.13 ? 201 HOH A O   1 
HETATM 831 O O   . HOH C 3 .  ? 8.527   5.120   2.156   1.00 23.94 ? 202 HOH A O   1 
HETATM 832 O O   . HOH C 3 .  ? -7.409  -3.679  -1.741  1.00 16.17 ? 203 HOH A O   1 
HETATM 833 O O   . HOH C 3 .  ? 1.008   1.639   17.479  1.00 26.03 ? 204 HOH A O   1 
HETATM 834 O O   . HOH C 3 .  ? -6.178  4.145   6.637   1.00 19.66 ? 205 HOH A O   1 
HETATM 835 O O   . HOH C 3 .  ? 1.050   5.334   1.484   1.00 15.84 ? 206 HOH A O   1 
HETATM 836 O O   . HOH C 3 .  ? 15.784  4.613   19.711  1.00 27.55 ? 207 HOH A O   1 
HETATM 837 O O   . HOH C 3 .  ? -1.917  -7.558  -14.047 1.00 29.49 ? 208 HOH A O   1 
HETATM 838 O O   . HOH C 3 .  ? -8.351  3.022   -0.654  1.00 20.53 ? 209 HOH A O   1 
HETATM 839 O O   . HOH C 3 .  ? 7.880   -1.662  16.549  1.00 25.12 ? 210 HOH A O   1 
HETATM 840 O O   . HOH C 3 .  ? 15.904  19.433  17.644  1.00 35.60 ? 211 HOH A O   1 
HETATM 841 O O   . HOH C 3 .  ? 14.790  4.132   6.077   1.00 27.74 ? 212 HOH A O   1 
HETATM 842 O O   . HOH C 3 .  ? 9.580   -1.438  4.796   1.00 36.78 ? 213 HOH A O   1 
HETATM 843 O O   . HOH C 3 .  ? 7.767   13.216  22.770  1.00 18.30 ? 214 HOH A O   1 
HETATM 844 O O   . HOH C 3 .  ? -13.380 -16.542 -7.960  1.00 31.12 ? 215 HOH A O   1 
HETATM 845 O O   . HOH C 3 .  ? -5.615  -2.122  2.889   1.00 23.36 ? 216 HOH A O   1 
HETATM 846 O O   . HOH C 3 .  ? -7.401  -3.470  1.252   1.00 25.43 ? 217 HOH A O   1 
HETATM 847 O O   . HOH C 3 .  ? -6.935  -14.419 -14.488 1.00 28.03 ? 218 HOH A O   1 
HETATM 848 O O   . HOH C 3 .  ? 7.198   -9.570  -7.615  1.00 26.40 ? 219 HOH A O   1 
HETATM 849 O O   . HOH C 3 .  ? -5.180  -6.378  0.443   1.00 29.26 ? 220 HOH A O   1 
HETATM 850 O O   . HOH C 3 .  ? -8.569  -1.520  -2.723  1.00 27.79 ? 221 HOH A O   1 
HETATM 851 O O   . HOH C 3 .  ? -2.031  -3.117  5.183   1.00 25.02 ? 222 HOH A O   1 
HETATM 852 O O   . HOH C 3 .  ? 11.184  -0.709  12.076  1.00 26.20 ? 223 HOH A O   1 
HETATM 853 O O   . HOH C 3 .  ? -7.424  -5.913  1.923   1.00 30.73 ? 224 HOH A O   1 
HETATM 854 O O   . HOH C 3 .  ? -1.688  -8.192  -16.853 1.00 33.59 ? 225 HOH A O   1 
HETATM 855 O O   . HOH C 3 .  ? 0.563   -11.067 -0.201  1.00 36.24 ? 226 HOH A O   1 
HETATM 856 O O   . HOH C 3 .  ? 8.604   4.457   -0.709  1.00 23.85 ? 227 HOH A O   1 
HETATM 857 O O   . HOH C 3 .  ? 2.381   -10.986 -2.903  1.00 34.71 ? 228 HOH A O   1 
HETATM 858 O O   . HOH C 3 .  ? 11.432  -4.298  2.970   1.00 42.82 ? 229 HOH A O   1 
HETATM 859 O O   . HOH C 3 .  ? 8.799   -1.509  12.840  1.00 30.90 ? 230 HOH A O   1 
HETATM 860 O O   . HOH C 3 .  ? 12.440  8.995   25.522  1.00 33.41 ? 231 HOH A O   1 
HETATM 861 O O   . HOH C 3 .  ? -6.507  -9.543  -13.938 1.00 22.74 ? 232 HOH A O   1 
HETATM 862 O O   . HOH C 3 .  ? 3.370   -4.923  -18.561 1.00 38.08 ? 233 HOH A O   1 
HETATM 863 O O   . HOH C 3 .  ? 14.680  3.759   10.690  1.00 32.14 ? 234 HOH A O   1 
HETATM 864 O O   . HOH C 3 .  ? 0.446   -13.201 -3.761  1.00 28.37 ? 235 HOH A O   1 
HETATM 865 O O   . HOH C 3 .  ? -9.196  3.046   4.380   1.00 34.99 ? 236 HOH A O   1 
HETATM 866 O O   . HOH C 3 .  ? -9.447  6.562   11.044  1.00 42.18 ? 237 HOH A O   1 
HETATM 867 O O   . HOH C 3 .  ? -5.920  5.959   12.717  1.00 34.98 ? 238 HOH A O   1 
HETATM 868 O O   . HOH C 3 .  ? 9.089   5.349   23.454  1.00 53.33 ? 239 HOH A O   1 
HETATM 869 O O   . HOH C 3 .  ? 7.299   -0.436  -10.171 1.00 31.45 ? 240 HOH A O   1 
HETATM 870 O O   . HOH C 3 .  ? -6.450  -18.582 -4.467  1.00 45.82 ? 241 HOH A O   1 
HETATM 871 O O   . HOH C 3 .  ? -10.162 -6.195  0.772   1.00 29.99 ? 242 HOH A O   1 
HETATM 872 O O   . HOH C 3 .  ? 6.062   6.107   23.411  1.00 42.47 ? 243 HOH A O   1 
HETATM 873 O O   . HOH C 3 .  ? -2.962  -7.171  1.709   1.00 40.80 ? 244 HOH A O   1 
HETATM 874 O O   . HOH C 3 .  ? -0.195  -16.914 -12.442 1.00 39.17 ? 245 HOH A O   1 
HETATM 875 O O   . HOH C 3 .  ? -6.877  4.147   9.867   1.00 41.08 ? 246 HOH A O   1 
HETATM 876 O O   . HOH C 3 .  ? 4.718   -10.559 -4.518  1.00 45.00 ? 247 HOH A O   1 
HETATM 877 O O   . HOH C 3 .  ? 6.737   6.352   -4.842  1.00 27.75 ? 248 HOH A O   1 
HETATM 878 O O   . HOH C 3 .  ? 12.429  -1.784  2.739   1.00 43.14 ? 249 HOH A O   1 
HETATM 879 O O   . HOH C 3 .  ? -0.748  -18.357 -8.757  1.00 36.54 ? 250 HOH A O   1 
HETATM 880 O O   . HOH C 3 .  ? 5.557   -2.070  15.168  1.00 30.06 ? 251 HOH A O   1 
HETATM 881 O O   . HOH C 3 .  ? 20.725  14.688  13.669  1.00 46.02 ? 252 HOH A O   1 
HETATM 882 O O   . HOH C 3 .  ? -11.330 -15.304 -1.868  1.00 38.55 ? 253 HOH A O   1 
HETATM 883 O O   . HOH C 3 .  ? 3.168   -2.170  16.513  1.00 33.69 ? 254 HOH A O   1 
HETATM 884 O O   . HOH C 3 .  ? -2.608  -16.984 -5.375  1.00 44.13 ? 255 HOH A O   1 
HETATM 885 O O   . HOH C 3 .  ? 2.004   -4.368  15.579  1.00 42.23 ? 256 HOH A O   1 
HETATM 886 O O   . HOH C 3 .  ? 4.266   8.447   1.959   1.00 16.29 ? 257 HOH A O   1 
HETATM 887 O O   . HOH C 3 .  ? -2.296  -1.448  7.428   1.00 22.08 ? 258 HOH A O   1 
HETATM 888 O O   . HOH C 3 .  ? -12.595 -11.823 -13.917 1.00 33.08 ? 259 HOH A O   1 
HETATM 889 O O   . HOH C 3 .  ? 0.489   -3.151  13.281  1.00 31.61 ? 260 HOH A O   1 
HETATM 890 O O   . HOH C 3 .  ? -9.517  9.767   4.624   1.00 36.92 ? 261 HOH A O   1 
HETATM 891 O O   . HOH C 3 .  ? -9.630  -0.510  -0.821  1.00 44.09 ? 262 HOH A O   1 
HETATM 892 O O   . HOH C 3 .  ? 1.732   2.942   19.660  1.00 34.98 ? 263 HOH A O   1 
HETATM 893 O O   . HOH C 3 .  ? 3.138   5.297   23.397  1.00 45.64 ? 264 HOH A O   1 
HETATM 894 O O   . HOH C 3 .  ? 9.992   10.146  3.990   1.00 39.84 ? 265 HOH A O   1 
HETATM 895 O O   . HOH C 3 .  ? 2.762   -5.419  11.338  1.00 33.70 ? 266 HOH A O   1 
HETATM 896 O O   . HOH C 3 .  ? 17.201  6.323   21.280  1.00 37.82 ? 267 HOH A O   1 
HETATM 897 O O   . HOH C 3 .  ? -8.920  6.676   1.350   1.00 36.57 ? 268 HOH A O   1 
HETATM 898 O O   . HOH C 3 .  ? -9.346  -12.440 1.468   1.00 45.05 ? 269 HOH A O   1 
HETATM 899 O O   . HOH C 3 .  ? 4.892   -4.415  9.094   1.00 49.72 ? 270 HOH A O   1 
HETATM 900 O O   . HOH C 3 .  ? 5.124   8.241   18.036  1.00 27.92 ? 271 HOH A O   1 
HETATM 901 O O   . HOH C 3 .  ? -6.410  13.014  9.735   1.00 39.39 ? 272 HOH A O   1 
HETATM 902 O O   . HOH C 3 .  ? 4.034   -6.224  4.649   1.00 43.51 ? 273 HOH A O   1 
HETATM 903 O O   . HOH C 3 .  ? -11.261 -15.430 -14.929 1.00 35.44 ? 274 HOH A O   1 
HETATM 904 O O   . HOH C 3 .  ? 2.186   7.160   3.213   1.00 14.09 ? 275 HOH A O   1 
HETATM 905 O O   . HOH C 3 .  ? -6.621  -2.834  5.272   1.00 40.64 ? 276 HOH A O   1 
HETATM 906 O O   . HOH C 3 .  ? 13.814  -0.764  0.759   1.00 31.96 ? 277 HOH A O   1 
HETATM 907 O O   . HOH C 3 .  ? 8.684   -2.420  -9.121  1.00 37.12 ? 278 HOH A O   1 
HETATM 908 O O   . HOH C 3 .  ? -2.630  -3.354  10.950  1.00 34.53 ? 279 HOH A O   1 
HETATM 909 O O   . HOH C 3 .  ? -6.993  -13.616 0.629   1.00 34.49 ? 280 HOH A O   1 
HETATM 910 O O   . HOH C 3 .  ? 11.856  5.013   8.142   1.00 44.49 ? 281 HOH A O   1 
HETATM 911 O O   . HOH C 3 .  ? 12.175  2.630   -0.884  0.50 28.62 ? 282 HOH A O   1 
HETATM 912 O O   . HOH C 3 .  ? 4.683   -4.267  5.879   1.00 53.04 ? 283 HOH A O   1 
HETATM 913 O O   . HOH C 3 .  ? -16.976 -9.977  -19.066 1.00 41.18 ? 284 HOH A O   1 
HETATM 914 O O   . HOH C 3 .  ? 3.625   4.279   -12.081 1.00 46.21 ? 285 HOH A O   1 
HETATM 915 O O   . HOH C 3 .  ? -4.329  15.434  8.410   1.00 48.49 ? 286 HOH A O   1 
HETATM 916 O O   . HOH C 3 .  ? 10.173  10.253  25.634  1.00 43.47 ? 287 HOH A O   1 
HETATM 917 O O   . HOH C 3 .  ? 5.972   10.892  24.646  1.00 44.90 ? 288 HOH A O   1 
HETATM 918 O O   . HOH C 3 .  ? 19.784  11.316  15.177  1.00 36.48 ? 289 HOH A O   1 
HETATM 919 O O   . HOH C 3 .  ? 7.296   -3.252  11.240  1.00 51.13 ? 290 HOH A O   1 
HETATM 920 O O   . HOH C 3 .  ? -5.699  -18.875 -7.421  1.00 48.44 ? 291 HOH A O   1 
HETATM 921 O O   . HOH C 3 .  ? 13.527  8.364   27.860  1.00 46.93 ? 292 HOH A O   1 
HETATM 922 O O   . HOH C 3 .  ? -5.024  -4.925  5.484   1.00 47.85 ? 293 HOH A O   1 
HETATM 923 O O   . HOH D 3 .  ? -1.111  -0.753  -7.743  1.00 23.55 ? 201 HOH B O   1 
HETATM 924 O O   . HOH D 3 .  ? -11.244 -0.751  -18.984 1.00 30.58 ? 202 HOH B O   1 
HETATM 925 O O   . HOH D 3 .  ? -3.135  5.012   -11.332 1.00 25.02 ? 203 HOH B O   1 
HETATM 926 O O   . HOH D 3 .  ? 3.956   16.171  -4.069  1.00 24.96 ? 204 HOH B O   1 
HETATM 927 O O   . HOH D 3 .  ? -8.001  5.582   -1.281  1.00 28.47 ? 205 HOH B O   1 
HETATM 928 O O   . HOH D 3 .  ? -6.960  -11.640 -15.545 1.00 32.70 ? 206 HOH B O   1 
HETATM 929 O O   . HOH D 3 .  ? -2.606  1.005   -12.793 1.00 30.26 ? 207 HOH B O   1 
HETATM 930 O O   . HOH D 3 .  ? -4.830  1.901   -13.589 1.00 37.79 ? 208 HOH B O   1 
HETATM 931 O O   . HOH D 3 .  ? -6.602  9.512   0.158   1.00 36.69 ? 209 HOH B O   1 
HETATM 932 O O   . HOH D 3 .  ? 6.938   17.166  -6.219  1.00 27.05 ? 210 HOH B O   1 
HETATM 933 O O   . HOH D 3 .  ? -6.470  -2.370  -18.882 1.00 31.26 ? 211 HOH B O   1 
HETATM 934 O O   . HOH D 3 .  ? -7.631  8.909   -3.187  1.00 37.83 ? 212 HOH B O   1 
HETATM 935 O O   . HOH D 3 .  ? -9.791  1.400   -2.588  1.00 38.82 ? 213 HOH B O   1 
HETATM 936 O O   . HOH D 3 .  ? -4.876  -4.195  -30.792 1.00 45.14 ? 214 HOH B O   1 
HETATM 937 O O   . HOH D 3 .  ? -7.319  -3.351  -31.710 1.00 30.08 ? 215 HOH B O   1 
HETATM 938 O O   . HOH D 3 .  ? -3.245  -13.899 -17.811 1.00 42.97 ? 216 HOH B O   1 
HETATM 939 O O   . HOH D 3 .  ? -15.215 -1.382  -16.733 1.00 42.77 ? 217 HOH B O   1 
HETATM 940 O O   . HOH D 3 .  ? -4.658  -2.095  -25.191 1.00 42.34 ? 218 HOH B O   1 
HETATM 941 O O   . HOH D 3 .  ? -3.443  -5.265  -14.135 1.00 46.81 ? 219 HOH B O   1 
HETATM 942 O O   . HOH D 3 .  ? -16.149 0.492   -14.860 1.00 36.98 ? 220 HOH B O   1 
HETATM 943 O O   . HOH D 3 .  ? -7.346  12.021  -3.631  1.00 39.65 ? 221 HOH B O   1 
HETATM 944 O O   . HOH D 3 .  ? -5.076  -11.638 -17.683 1.00 45.12 ? 222 HOH B O   1 
HETATM 945 O O   . HOH D 3 .  ? -9.519  0.491   -16.301 1.00 36.18 ? 223 HOH B O   1 
HETATM 946 O O   . HOH D 3 .  ? -10.128 14.959  -8.958  1.00 24.21 ? 224 HOH B O   1 
HETATM 947 O O   . HOH D 3 .  ? -7.076  -1.070  -16.540 1.00 25.81 ? 225 HOH B O   1 
HETATM 948 O O   . HOH D 3 .  ? -4.577  -8.551  -29.117 1.00 34.03 ? 226 HOH B O   1 
HETATM 949 O O   . HOH D 3 .  ? -16.850 3.183   -15.275 1.00 42.32 ? 227 HOH B O   1 
HETATM 950 O O   . HOH D 3 .  ? 0.221   -1.302  -13.403 1.00 41.11 ? 228 HOH B O   1 
HETATM 951 O O   . HOH D 3 .  ? -5.778  -10.407 -25.182 1.00 45.19 ? 229 HOH B O   1 
HETATM 952 O O   . HOH D 3 .  ? -8.864  -1.583  -19.789 1.00 36.98 ? 230 HOH B O   1 
HETATM 953 O O   . HOH D 3 .  ? -4.924  1.018   -16.110 1.00 48.34 ? 231 HOH B O   1 
HETATM 954 O O   . HOH D 3 .  ? -1.644  16.390  -7.094  1.00 46.01 ? 232 HOH B O   1 
HETATM 955 O O   . HOH D 3 .  ? -4.997  -7.520  -20.113 1.00 35.29 ? 233 HOH B O   1 
HETATM 956 O O   . HOH D 3 .  ? -6.607  -8.994  -23.069 1.00 48.95 ? 234 HOH B O   1 
HETATM 957 O O   . HOH D 3 .  ? -5.687  -6.790  -15.359 1.00 49.56 ? 235 HOH B O   1 
HETATM 958 O O   . HOH D 3 .  ? -6.321  -6.182  -31.413 1.00 42.31 ? 236 HOH B O   1 
# 
loop_
_atom_site_anisotrop.id 
_atom_site_anisotrop.type_symbol 
_atom_site_anisotrop.pdbx_label_atom_id 
_atom_site_anisotrop.pdbx_label_alt_id 
_atom_site_anisotrop.pdbx_label_comp_id 
_atom_site_anisotrop.pdbx_label_asym_id 
_atom_site_anisotrop.pdbx_label_seq_id 
_atom_site_anisotrop.pdbx_PDB_ins_code 
_atom_site_anisotrop.U[1][1] 
_atom_site_anisotrop.U[2][2] 
_atom_site_anisotrop.U[3][3] 
_atom_site_anisotrop.U[1][2] 
_atom_site_anisotrop.U[1][3] 
_atom_site_anisotrop.U[2][3] 
_atom_site_anisotrop.pdbx_auth_seq_id 
_atom_site_anisotrop.pdbx_auth_comp_id 
_atom_site_anisotrop.pdbx_auth_asym_id 
_atom_site_anisotrop.pdbx_auth_atom_id 
1   N N   . GLU A 2  ? 0.6241 0.4909 0.9003 -0.0956 -0.1306 0.0267  63  GLU A N   
2   C CA  . GLU A 2  ? 0.6212 0.5382 0.9162 -0.0909 -0.1038 0.0411  63  GLU A CA  
3   C C   . GLU A 2  ? 0.5014 0.4281 0.7404 -0.0845 -0.0890 0.0197  63  GLU A C   
4   O O   . GLU A 2  ? 0.5063 0.4130 0.6931 -0.0789 -0.0860 -0.0036 63  GLU A O   
5   C CB  . GLU A 2  ? 0.6321 0.5827 0.9502 -0.0837 -0.0771 0.0606  63  GLU A CB  
6   C CG  . GLU A 2  ? 0.6642 0.6219 0.9370 -0.0711 -0.0601 0.0479  63  GLU A CG  
7   C CD  . GLU A 2  ? 0.7330 0.7246 1.0144 -0.0712 -0.0380 0.0718  63  GLU A CD  
8   O OE1 . GLU A 2  ? 0.7136 0.7354 0.9969 -0.0762 -0.0154 0.0804  63  GLU A OE1 
9   O OE2 . GLU A 2  ? 0.7816 0.7664 1.0682 -0.0690 -0.0441 0.0818  63  GLU A OE2 
10  N N   . GLU A 3  ? 0.3940 0.3522 0.6536 -0.0854 -0.0766 0.0274  64  GLU A N   
11  C CA  . GLU A 3  ? 0.3415 0.3093 0.5615 -0.0822 -0.0685 0.0116  64  GLU A CA  
12  C C   . GLU A 3  ? 0.3380 0.3287 0.5198 -0.0676 -0.0387 0.0013  64  GLU A C   
13  O O   . GLU A 3  ? 0.3732 0.3882 0.5699 -0.0625 -0.0185 0.0133  64  GLU A O   
14  C CB  . GLU A 3  ? 0.3626 0.3559 0.6362 -0.0874 -0.0656 0.0234  64  GLU A CB  
15  C CG  . GLU A 3  ? 0.4517 0.4499 0.6975 -0.0876 -0.0675 0.0111  64  GLU A CG  
16  C CD  . GLU A 3  ? 0.4254 0.4351 0.7312 -0.0926 -0.0767 0.0230  64  GLU A CD  
17  O OE1 . GLU A 3  ? 0.3606 0.3722 0.6486 -0.0930 -0.0828 0.0171  64  GLU A OE1 
18  O OE2 . GLU A 3  ? 0.4553 0.4705 0.8132 -0.0886 -0.0738 0.0383  64  GLU A OE2 
19  N N   . THR A 4  ? 0.3063 0.2874 0.4378 -0.0641 -0.0379 -0.0185 65  THR A N   
20  C CA  . THR A 4  ? 0.2823 0.2827 0.3869 -0.0509 -0.0151 -0.0266 65  THR A CA  
21  C C   . THR A 4  ? 0.3094 0.3221 0.3857 -0.0495 -0.0087 -0.0383 65  THR A C   
22  O O   . THR A 4  ? 0.3182 0.3174 0.3844 -0.0601 -0.0247 -0.0422 65  THR A O   
23  C CB  . THR A 4  ? 0.3315 0.3071 0.4171 -0.0444 -0.0144 -0.0400 65  THR A CB  
24  O OG1 . THR A 4  ? 0.3922 0.3324 0.4385 -0.0526 -0.0238 -0.0614 65  THR A OG1 
25  C CG2 . THR A 4  ? 0.2814 0.2445 0.4025 -0.0451 -0.0234 -0.0270 65  THR A CG2 
26  N N   . CYS A 5  ? 0.2115 0.2477 0.2767 -0.0391 0.0096  -0.0403 66  CYS A N   
27  C CA  . CYS A 5  ? 0.2018 0.2476 0.2414 -0.0362 0.0154  -0.0516 66  CYS A CA  
28  C C   . CYS A 5  ? 0.2347 0.2741 0.2559 -0.0268 0.0253  -0.0621 66  CYS A C   
29  O O   . CYS A 5  ? 0.2670 0.3060 0.3055 -0.0202 0.0286  -0.0558 66  CYS A O   
30  C CB  . CYS A 5  ? 0.1745 0.2527 0.2261 -0.0334 0.0272  -0.0464 66  CYS A CB  
31  S SG  . CYS A 5  ? 0.2206 0.3106 0.3189 -0.0420 0.0282  -0.0373 66  CYS A SG  
32  N N   . PHE A 6  ? 0.2505 0.2848 0.2447 -0.0277 0.0302  -0.0756 67  PHE A N   
33  C CA  . PHE A 6  ? 0.2647 0.2994 0.2574 -0.0178 0.0465  -0.0857 67  PHE A CA  
34  C C   . PHE A 6  ? 0.3062 0.3680 0.2970 -0.0140 0.0520  -0.0830 67  PHE A C   
35  O O   . PHE A 6  ? 0.2569 0.3215 0.2281 -0.0225 0.0469  -0.0847 67  PHE A O   
36  C CB  . PHE A 6  ? 0.2896 0.2902 0.2515 -0.0245 0.0561  -0.1079 67  PHE A CB  
37  C CG  . PHE A 6  ? 0.3447 0.3481 0.3171 -0.0147 0.0818  -0.1214 67  PHE A CG  
38  C CD1 . PHE A 6  ? 0.3283 0.3312 0.3507 -0.0009 0.0913  -0.1223 67  PHE A CD1 
39  C CD2 . PHE A 6  ? 0.3397 0.3465 0.2834 -0.0203 0.0949  -0.1291 67  PHE A CD2 
40  C CE1 . PHE A 6  ? 0.3518 0.3588 0.4057 0.0088  0.1161  -0.1336 67  PHE A CE1 
41  C CE2 . PHE A 6  ? 0.3573 0.3684 0.3258 -0.0106 0.1148  -0.1311 67  PHE A CE2 
42  C CZ  . PHE A 6  ? 0.3046 0.3167 0.3301 0.0037  0.1282  -0.1369 67  PHE A CZ  
43  N N   . ASP A 7  ? 0.2164 0.2957 0.2318 -0.0033 0.0572  -0.0759 68  ASP A N   
44  C CA  . ASP A 7  ? 0.1718 0.2737 0.1886 -0.0004 0.0588  -0.0728 68  ASP A CA  
45  C C   . ASP A 7  ? 0.2150 0.3162 0.2498 0.0067  0.0741  -0.0807 68  ASP A C   
46  O O   . ASP A 7  ? 0.2408 0.3412 0.3147 0.0153  0.0769  -0.0763 68  ASP A O   
47  C CB  . ASP A 7  ? 0.1805 0.3005 0.2079 0.0009  0.0487  -0.0566 68  ASP A CB  
48  C CG  . ASP A 7  ? 0.2545 0.3931 0.2781 0.0010  0.0457  -0.0556 68  ASP A CG  
49  O OD1 . ASP A 7  ? 0.3030 0.4472 0.3454 0.0068  0.0477  -0.0548 68  ASP A OD1 
50  O OD2 . ASP A 7  ? 0.2520 0.3990 0.2615 -0.0047 0.0429  -0.0566 68  ASP A OD2 
51  N N   . LYS A 8  ? 0.2008 0.2995 0.2142 0.0016  0.0824  -0.0883 69  LYS A N   
52  C CA  . LYS A 8  ? 0.2223 0.3137 0.2508 0.0061  0.0998  -0.0922 69  LYS A CA  
53  C C   . LYS A 8  ? 0.1916 0.3104 0.2716 0.0168  0.0996  -0.0816 69  LYS A C   
54  O O   . LYS A 8  ? 0.1949 0.3121 0.3133 0.0236  0.1144  -0.0827 69  LYS A O   
55  C CB  . LYS A 8  ? 0.3335 0.4118 0.3208 -0.0060 0.1029  -0.0940 69  LYS A CB  
56  C CG  . LYS A 8  ? 0.3000 0.3979 0.2827 -0.0107 0.0873  -0.0823 69  LYS A CG  
57  C CD  . LYS A 8  ? 0.3703 0.4565 0.3147 -0.0270 0.0895  -0.0840 69  LYS A CD  
58  C CE  . LYS A 8  ? 0.4380 0.5486 0.3914 -0.0317 0.0777  -0.0746 69  LYS A CE  
59  N NZ  . LYS A 8  ? 0.4655 0.5667 0.3793 -0.0531 0.0782  -0.0733 69  LYS A NZ  
60  N N   . TYR A 9  ? 0.1521 0.2951 0.2351 0.0164  0.0807  -0.0709 70  TYR A N   
61  C CA  . TYR A 9  ? 0.1427 0.3035 0.2672 0.0221  0.0680  -0.0550 70  TYR A CA  
62  C C   . TYR A 9  ? 0.1680 0.3236 0.3316 0.0266  0.0543  -0.0402 70  TYR A C   
63  O O   . TYR A 9  ? 0.2623 0.4248 0.4842 0.0321  0.0479  -0.0277 70  TYR A O   
64  C CB  . TYR A 9  ? 0.1224 0.2961 0.2205 0.0157  0.0471  -0.0474 70  TYR A CB  
65  C CG  . TYR A 9  ? 0.2497 0.4312 0.3303 0.0110  0.0535  -0.0557 70  TYR A CG  
66  C CD1 . TYR A 9  ? 0.2631 0.4268 0.3049 0.0026  0.0511  -0.0611 70  TYR A CD1 
67  C CD2 . TYR A 9  ? 0.2815 0.4754 0.3888 0.0125  0.0538  -0.0501 70  TYR A CD2 
68  C CE1 . TYR A 9  ? 0.2838 0.4480 0.3148 -0.0050 0.0478  -0.0615 70  TYR A CE1 
69  C CE2 . TYR A 9  ? 0.2104 0.4008 0.2987 0.0052  0.0537  -0.0507 70  TYR A CE2 
70  C CZ  . TYR A 9  ? 0.2926 0.4710 0.3434 -0.0040 0.0500  -0.0568 70  TYR A CZ  
71  O OH  . TYR A 9  ? 0.3922 0.5788 0.4352 -0.0141 0.0471  -0.0560 70  TYR A OH  
72  N N   . THR A 10 ? 0.1987 0.3421 0.3384 0.0225  0.0463  -0.0376 71  THR A N   
73  C CA  . THR A 10 ? 0.1893 0.3255 0.3666 0.0233  0.0297  -0.0190 71  THR A CA  
74  C C   . THR A 10 ? 0.2947 0.4146 0.5156 0.0323  0.0484  -0.0314 71  THR A C   
75  O O   . THR A 10 ? 0.1892 0.3044 0.4743 0.0368  0.0382  -0.0176 71  THR A O   
76  C CB  . THR A 10 ? 0.1949 0.3256 0.3279 0.0113  0.0126  -0.0062 71  THR A CB  
77  O OG1 . THR A 10 ? 0.2050 0.3253 0.3114 0.0109  0.0277  -0.0216 71  THR A OG1 
78  C CG2 . THR A 10 ? 0.1804 0.3217 0.2658 0.0008  0.0022  -0.0025 71  THR A CG2 
79  N N   . GLY A 11 ? 0.1857 0.2934 0.3726 0.0322  0.0733  -0.0572 72  GLY A N   
80  C CA  . GLY A 11 ? 0.2339 0.3180 0.4452 0.0373  0.0946  -0.0768 72  GLY A CA  
81  C C   . GLY A 11 ? 0.2981 0.3650 0.5034 0.0337  0.0790  -0.0705 72  GLY A C   
82  O O   . GLY A 11 ? 0.2559 0.2988 0.4849 0.0373  0.0916  -0.0865 72  GLY A O   
83  N N   . ASN A 12 ? 0.3117 0.3255 0.4715 0.0896  0.0271  -0.0238 73  ASN A N   
84  C CA  . ASN A 12 ? 0.3451 0.3216 0.5010 0.0830  0.0277  -0.0215 73  ASN A CA  
85  C C   . ASN A 12 ? 0.2786 0.2442 0.4034 0.0645  0.0310  -0.0432 73  ASN A C   
86  O O   . ASN A 12 ? 0.2490 0.2381 0.3448 0.0550  0.0290  -0.0548 73  ASN A O   
87  C CB  . ASN A 12 ? 0.3012 0.2782 0.4539 0.0827  0.0124  0.0137  73  ASN A CB  
88  C CG  . ASN A 12 ? 0.3319 0.3151 0.5202 0.1024  0.0059  0.0369  73  ASN A CG  
89  O OD1 . ASN A 12 ? 0.3482 0.3167 0.5744 0.1161  0.0174  0.0313  73  ASN A OD1 
90  N ND2 . ASN A 12 ? 0.3272 0.3336 0.5044 0.1058  -0.0143 0.0612  73  ASN A ND2 
91  N N   . THR A 13 ? 0.3145 0.2443 0.4542 0.0601  0.0355  -0.0470 74  THR A N   
92  C CA  . THR A 13 ? 0.2776 0.1941 0.4015 0.0421  0.0364  -0.0658 74  THR A CA  
93  C C   . THR A 13 ? 0.3087 0.2159 0.4308 0.0304  0.0322  -0.0350 74  THR A C   
94  O O   . THR A 13 ? 0.3133 0.2040 0.4614 0.0383  0.0336  -0.0058 74  THR A O   
95  C CB  . THR A 13 ? 0.3399 0.2231 0.4931 0.0455  0.0438  -0.0987 74  THR A CB  
96  O OG1 . THR A 13 ? 0.3822 0.2810 0.5243 0.0598  0.0498  -0.1280 74  THR A OG1 
97  C CG2 . THR A 13 ? 0.3371 0.2068 0.4852 0.0260  0.0404  -0.1183 74  THR A CG2 
98  N N   . TYR A 14 ? 0.2651 0.1857 0.3567 0.0141  0.0289  -0.0388 75  TYR A N   
99  C CA  . TYR A 14 ? 0.2730 0.1951 0.3539 0.0059  0.0279  -0.0083 75  TYR A CA  
100 C C   . TYR A 14 ? 0.3042 0.2108 0.3965 -0.0123 0.0335  -0.0184 75  TYR A C   
101 O O   . TYR A 14 ? 0.3302 0.2354 0.4219 -0.0207 0.0319  -0.0536 75  TYR A O   
102 C CB  . TYR A 14 ? 0.2336 0.1922 0.2699 0.0056  0.0176  0.0002  75  TYR A CB  
103 C CG  . TYR A 14 ? 0.2922 0.2692 0.3267 0.0216  0.0079  0.0086  75  TYR A CG  
104 C CD1 . TYR A 14 ? 0.2790 0.2599 0.3137 0.0351  0.0007  0.0408  75  TYR A CD1 
105 C CD2 . TYR A 14 ? 0.2428 0.2365 0.2796 0.0248  0.0059  -0.0134 75  TYR A CD2 
106 C CE1 . TYR A 14 ? 0.3138 0.3138 0.3547 0.0494  -0.0122 0.0468  75  TYR A CE1 
107 C CE2 . TYR A 14 ? 0.2848 0.2979 0.3335 0.0383  -0.0030 -0.0038 75  TYR A CE2 
108 C CZ  . TYR A 14 ? 0.2818 0.2973 0.3346 0.0497  -0.0139 0.0242  75  TYR A CZ  
109 O OH  . TYR A 14 ? 0.2764 0.3129 0.3478 0.0630  -0.0265 0.0321  75  TYR A OH  
110 N N   . ARG A 15 ? 0.2864 0.1848 0.3904 -0.0164 0.0401  0.0146  76  ARG A N   
111 C CA  . ARG A 15 ? 0.2904 0.1804 0.4123 -0.0344 0.0465  0.0124  76  ARG A CA  
112 C C   . ARG A 15 ? 0.3294 0.2527 0.4041 -0.0411 0.0444  0.0178  76  ARG A C   
113 O O   . ARG A 15 ? 0.2693 0.2165 0.3028 -0.0302 0.0389  0.0319  76  ARG A O   
114 C CB  . ARG A 15 ? 0.3279 0.1932 0.4989 -0.0347 0.0596  0.0508  76  ARG A CB  
115 C CG  . ARG A 15 ? 0.4639 0.2883 0.7015 -0.0349 0.0615  0.0363  76  ARG A CG  
116 C CD  . ARG A 15 ? 0.6938 0.4989 0.9859 -0.0357 0.0745  0.0785  76  ARG A CD  
117 N NE  . ARG A 15 ? 0.8561 0.6681 1.1339 -0.0171 0.0818  0.1299  76  ARG A NE  
118 C CZ  . ARG A 15 ? 0.9536 0.7727 1.2512 -0.0114 0.0926  0.1722  76  ARG A CZ  
119 N NH1 . ARG A 15 ? 0.9655 0.7809 1.3089 -0.0239 0.0995  0.1726  76  ARG A NH1 
120 N NH2 . ARG A 15 ? 0.9879 0.8215 1.2609 0.0085  0.0950  0.2127  76  ARG A NH2 
121 N N   . VAL A 16 ? 0.2631 0.1882 0.3478 -0.0580 0.0467  0.0041  77  VAL A N   
122 C CA  . VAL A 16 ? 0.2819 0.2372 0.3284 -0.0638 0.0466  0.0082  77  VAL A CA  
123 C C   . VAL A 16 ? 0.2980 0.2671 0.3217 -0.0526 0.0560  0.0512  77  VAL A C   
124 O O   . VAL A 16 ? 0.3119 0.2675 0.3663 -0.0507 0.0704  0.0846  77  VAL A O   
125 C CB  . VAL A 16 ? 0.3201 0.2741 0.3943 -0.0831 0.0496  -0.0062 77  VAL A CB  
126 C CG1 . VAL A 16 ? 0.2812 0.2668 0.3198 -0.0865 0.0516  0.0004  77  VAL A CG1 
127 C CG2 . VAL A 16 ? 0.3365 0.2829 0.4220 -0.0904 0.0364  -0.0524 77  VAL A CG2 
128 N N   . GLY A 17 ? 0.2714 0.2686 0.2428 -0.0432 0.0474  0.0504  78  GLY A N   
129 C CA  . GLY A 17 ? 0.3110 0.3268 0.2481 -0.0281 0.0527  0.0837  78  GLY A CA  
130 C C   . GLY A 17 ? 0.3314 0.3488 0.2512 -0.0076 0.0427  0.1000  78  GLY A C   
131 O O   . GLY A 17 ? 0.3660 0.4041 0.2458 0.0096  0.0401  0.1214  78  GLY A O   
132 N N   . ASP A 18 ? 0.2873 0.2852 0.2363 -0.0069 0.0363  0.0889  79  ASP A N   
133 C CA  . ASP A 18 ? 0.3313 0.3331 0.2713 0.0123  0.0245  0.1024  79  ASP A CA  
134 C C   . ASP A 18 ? 0.3137 0.3457 0.2130 0.0194  0.0035  0.0838  79  ASP A C   
135 O O   . ASP A 18 ? 0.2573 0.2975 0.1525 0.0074  -0.0023 0.0531  79  ASP A O   
136 C CB  . ASP A 18 ? 0.3056 0.2826 0.2899 0.0123  0.0235  0.0897  79  ASP A CB  
137 C CG  . ASP A 18 ? 0.3336 0.2771 0.3682 0.0109  0.0398  0.1116  79  ASP A CG  
138 O OD1 . ASP A 18 ? 0.3489 0.2902 0.3881 0.0103  0.0534  0.1441  79  ASP A OD1 
139 O OD2 . ASP A 18 ? 0.3184 0.2382 0.3923 0.0117  0.0401  0.0968  79  ASP A OD2 
140 N N   . THR A 19 ? 0.2591 0.3101 0.2693 0.0052  0.0096  0.0108  80  THR A N   
141 C CA  . THR A 19 ? 0.2463 0.3047 0.2508 0.0065  0.0072  0.0080  80  THR A CA  
142 C C   . THR A 19 ? 0.2781 0.3306 0.3120 0.0105  -0.0021 0.0220  80  THR A C   
143 O O   . THR A 19 ? 0.2779 0.3248 0.3366 0.0059  -0.0135 0.0401  80  THR A O   
144 C CB  . THR A 19 ? 0.3495 0.4236 0.3265 -0.0116 0.0043  0.0074  80  THR A CB  
145 O OG1 . THR A 19 ? 0.3220 0.3973 0.2896 -0.0308 -0.0088 0.0284  80  THR A OG1 
146 C CG2 . THR A 19 ? 0.2862 0.3688 0.2532 -0.0142 0.0178  -0.0143 80  THR A CG2 
147 N N   . TYR A 20 ? 0.1650 0.2186 0.2052 0.0181  0.0009  0.0150  81  TYR A N   
148 C CA  . TYR A 20 ? 0.1957 0.2452 0.2746 0.0227  -0.0052 0.0242  81  TYR A CA  
149 C C   . TYR A 20 ? 0.1959 0.2512 0.2693 0.0263  -0.0038 0.0177  81  TYR A C   
150 O O   . TYR A 20 ? 0.1910 0.2504 0.2355 0.0269  0.0029  0.0051  81  TYR A O   
151 C CB  . TYR A 20 ? 0.2308 0.2681 0.3485 0.0308  0.0088  0.0132  81  TYR A CB  
152 C CG  . TYR A 20 ? 0.2247 0.2590 0.3198 0.0327  0.0284  -0.0098 81  TYR A CG  
153 C CD1 . TYR A 20 ? 0.1722 0.2060 0.2757 0.0336  0.0378  -0.0210 81  TYR A CD1 
154 C CD2 . TYR A 20 ? 0.2323 0.2644 0.2966 0.0291  0.0343  -0.0175 81  TYR A CD2 
155 C CE1 . TYR A 20 ? 0.1680 0.1984 0.2427 0.0266  0.0511  -0.0366 81  TYR A CE1 
156 C CE2 . TYR A 20 ? 0.2185 0.2472 0.2599 0.0240  0.0443  -0.0313 81  TYR A CE2 
157 C CZ  . TYR A 20 ? 0.2184 0.2459 0.2615 0.0206  0.0517  -0.0394 81  TYR A CZ  
158 O OH  . TYR A 20 ? 0.2090 0.2327 0.2218 0.0073  0.0571  -0.0479 81  TYR A OH  
159 N N   . GLU A 21 ? 0.1531 0.2079 0.2636 0.0286  -0.0114 0.0266  82  GLU A N   
160 C CA  . GLU A 21 ? 0.1465 0.2065 0.2555 0.0316  -0.0099 0.0208  82  GLU A CA  
161 C C   . GLU A 21 ? 0.1515 0.2041 0.2862 0.0393  0.0090  0.0027  82  GLU A C   
162 O O   . GLU A 21 ? 0.1905 0.2370 0.3719 0.0416  0.0166  -0.0016 82  GLU A O   
163 C CB  . GLU A 21 ? 0.1575 0.2243 0.2890 0.0243  -0.0324 0.0427  82  GLU A CB  
164 C CG  . GLU A 21 ? 0.2202 0.2961 0.3136 0.0046  -0.0503 0.0601  82  GLU A CG  
165 C CD  . GLU A 21 ? 0.3784 0.4619 0.4851 -0.0114 -0.0784 0.0869  82  GLU A CD  
166 O OE1 . GLU A 21 ? 0.3749 0.4551 0.5372 -0.0023 -0.0868 0.0952  82  GLU A OE1 
167 O OE2 . GLU A 21 ? 0.4248 0.5186 0.4868 -0.0372 -0.0915 0.0985  82  GLU A OE2 
168 N N   . ARG A 22 ? 0.1858 0.2395 0.2933 0.0395  0.0177  -0.0095 83  ARG A N   
169 C CA  . ARG A 22 ? 0.2278 0.2761 0.3462 0.0375  0.0360  -0.0266 83  ARG A CA  
170 C C   . ARG A 22 ? 0.1708 0.2245 0.2987 0.0384  0.0341  -0.0270 83  ARG A C   
171 O O   . ARG A 22 ? 0.1545 0.2125 0.2546 0.0388  0.0246  -0.0220 83  ARG A O   
172 C CB  . ARG A 22 ? 0.2345 0.2770 0.3089 0.0296  0.0445  -0.0364 83  ARG A CB  
173 C CG  . ARG A 22 ? 0.2752 0.3143 0.3380 0.0178  0.0573  -0.0487 83  ARG A CG  
174 C CD  . ARG A 22 ? 0.2657 0.2997 0.2832 0.0069  0.0504  -0.0450 83  ARG A CD  
175 N NE  . ARG A 22 ? 0.2928 0.3204 0.2917 -0.0063 0.0582  -0.0512 83  ARG A NE  
176 C CZ  . ARG A 22 ? 0.3508 0.3724 0.3125 -0.0249 0.0518  -0.0471 83  ARG A CZ  
177 N NH1 . ARG A 22 ? 0.3442 0.3612 0.2861 -0.0409 0.0581  -0.0525 83  ARG A NH1 
178 N NH2 . ARG A 22 ? 0.3355 0.3552 0.2829 -0.0300 0.0360  -0.0352 83  ARG A NH2 
179 N N   . PRO A 23 ? 0.1806 0.2345 0.3559 0.0380  0.0454  -0.0363 84  PRO A N   
180 C CA  . PRO A 23 ? 0.1728 0.2318 0.3574 0.0375  0.0464  -0.0394 84  PRO A CA  
181 C C   . PRO A 23 ? 0.2221 0.2762 0.3695 0.0246  0.0646  -0.0563 84  PRO A C   
182 O O   . PRO A 23 ? 0.2645 0.3143 0.4165 0.0117  0.0874  -0.0757 84  PRO A O   
183 C CB  . PRO A 23 ? 0.2041 0.2651 0.4650 0.0397  0.0513  -0.0439 84  PRO A CB  
184 C CG  . PRO A 23 ? 0.2577 0.3076 0.5304 0.0329  0.0661  -0.0565 84  PRO A CG  
185 C CD  . PRO A 23 ? 0.1983 0.2485 0.4321 0.0377  0.0592  -0.0472 84  PRO A CD  
186 N N   . LYS A 24 ? 0.1948 0.2497 0.3066 0.0237  0.0543  -0.0492 85  LYS A N   
187 C CA  . LYS A 24 ? 0.2032 0.2518 0.2793 0.0070  0.0634  -0.0569 85  LYS A CA  
188 C C   . LYS A 24 ? 0.1644 0.2150 0.2300 0.0090  0.0511  -0.0488 85  LYS A C   
189 O O   . LYS A 24 ? 0.2198 0.2745 0.2843 0.0207  0.0345  -0.0383 85  LYS A O   
190 C CB  . LYS A 24 ? 0.2094 0.2496 0.2442 -0.0023 0.0588  -0.0526 85  LYS A CB  
191 C CG  . LYS A 24 ? 0.2653 0.2975 0.2595 -0.0248 0.0558  -0.0493 85  LYS A CG  
192 C CD  . LYS A 24 ? 0.3536 0.3782 0.3174 -0.0346 0.0445  -0.0400 85  LYS A CD  
193 C CE  . LYS A 24 ? 0.4658 0.4808 0.3872 -0.0670 0.0367  -0.0312 85  LYS A CE  
194 N NZ  . LYS A 24 ? 0.4665 0.4771 0.3920 -0.0628 0.0093  -0.0105 85  LYS A NZ  
195 N N   . ASP A 25 ? 0.1761 0.2246 0.2348 -0.0063 0.0623  -0.0569 86  ASP A N   
196 C CA  . ASP A 25 ? 0.2384 0.2873 0.2904 -0.0066 0.0519  -0.0499 86  ASP A CA  
197 C C   . ASP A 25 ? 0.2303 0.2902 0.3139 0.0124  0.0411  -0.0450 86  ASP A C   
198 O O   . ASP A 25 ? 0.2007 0.2615 0.2764 0.0176  0.0267  -0.0375 86  ASP A O   
199 C CB  . ASP A 25 ? 0.2663 0.3059 0.2872 -0.0116 0.0328  -0.0353 86  ASP A CB  
200 C CG  . ASP A 25 ? 0.3724 0.4006 0.3548 -0.0389 0.0348  -0.0323 86  ASP A CG  
201 O OD1 . ASP A 25 ? 0.3542 0.3824 0.3240 -0.0605 0.0561  -0.0461 86  ASP A OD1 
202 O OD2 . ASP A 25 ? 0.3353 0.3556 0.3033 -0.0425 0.0152  -0.0172 86  ASP A OD2 
203 N N   . SER A 26 ? 0.1854 0.2535 0.3099 0.0191  0.0471  -0.0496 87  SER A N   
204 C CA  . SER A 26 ? 0.2430 0.3224 0.3970 0.0297  0.0321  -0.0403 87  SER A CA  
205 C C   . SER A 26 ? 0.1870 0.2706 0.3243 0.0354  0.0135  -0.0272 87  SER A C   
206 O O   . SER A 26 ? 0.1985 0.2919 0.3413 0.0353  -0.0007 -0.0190 87  SER A O   
207 C CB  . SER A 26 ? 0.3352 0.4175 0.4863 0.0266  0.0299  -0.0415 87  SER A CB  
208 O OG  . SER A 26 ? 0.3905 0.4713 0.5579 0.0168  0.0492  -0.0553 87  SER A OG  
209 N N   . MET A 27 ? 0.1827 0.2603 0.2975 0.0359  0.0146  -0.0268 88  MET A N   
210 C CA  . MET A 27 ? 0.2072 0.2900 0.3046 0.0365  0.0023  -0.0197 88  MET A CA  
211 C C   . MET A 27 ? 0.1888 0.2692 0.2920 0.0380  0.0020  -0.0143 88  MET A C   
212 O O   . MET A 27 ? 0.2160 0.2895 0.3362 0.0394  0.0136  -0.0197 88  MET A O   
213 C CB  . MET A 27 ? 0.1698 0.2488 0.2415 0.0353  0.0029  -0.0265 88  MET A CB  
214 C CG  . MET A 27 ? 0.1671 0.2480 0.2414 0.0334  0.0010  -0.0312 88  MET A CG  
215 S SD  . MET A 27 ? 0.2493 0.3249 0.3223 0.0326  -0.0017 -0.0389 88  MET A SD  
216 C CE  . MET A 27 ? 0.1424 0.2006 0.2052 0.0291  -0.0022 -0.0305 88  MET A CE  
217 N N   . ILE A 28 ? 0.1756 0.2625 0.2650 0.0337  -0.0091 -0.0061 89  ILE A N   
218 C CA  . ILE A 28 ? 0.1506 0.2340 0.2390 0.0334  -0.0102 -0.0004 89  ILE A CA  
219 C C   . ILE A 28 ? 0.1839 0.2665 0.2402 0.0316  -0.0049 -0.0096 89  ILE A C   
220 O O   . ILE A 28 ? 0.1857 0.2771 0.2255 0.0243  -0.0069 -0.0153 89  ILE A O   
221 C CB  . ILE A 28 ? 0.1863 0.2775 0.2843 0.0236  -0.0298 0.0199  89  ILE A CB  
222 C CG1 . ILE A 28 ? 0.2225 0.3156 0.3704 0.0252  -0.0419 0.0331  89  ILE A CG1 
223 C CG2 . ILE A 28 ? 0.1914 0.2771 0.2890 0.0226  -0.0310 0.0265  89  ILE A CG2 
224 C CD1 . ILE A 28 ? 0.2810 0.3647 0.4808 0.0372  -0.0280 0.0247  89  ILE A CD1 
225 N N   . TRP A 29 ? 0.1325 0.2056 0.1861 0.0358  0.0033  -0.0139 90  TRP A N   
226 C CA  . TRP A 29 ? 0.1634 0.2353 0.1988 0.0348  0.0057  -0.0208 90  TRP A CA  
227 C C   . TRP A 29 ? 0.1918 0.2660 0.2212 0.0310  0.0041  -0.0160 90  TRP A C   
228 O O   . TRP A 29 ? 0.2140 0.2836 0.2564 0.0323  0.0029  -0.0073 90  TRP A O   
229 C CB  . TRP A 29 ? 0.1551 0.2149 0.1863 0.0359  0.0113  -0.0250 90  TRP A CB  
230 C CG  . TRP A 29 ? 0.1558 0.2116 0.1879 0.0338  0.0112  -0.0265 90  TRP A CG  
231 C CD1 . TRP A 29 ? 0.1666 0.2222 0.2080 0.0327  0.0166  -0.0273 90  TRP A CD1 
232 C CD2 . TRP A 29 ? 0.1528 0.2038 0.1832 0.0306  0.0037  -0.0261 90  TRP A CD2 
233 N NE1 . TRP A 29 ? 0.1920 0.2431 0.2271 0.0273  0.0148  -0.0279 90  TRP A NE1 
234 C CE2 . TRP A 29 ? 0.1839 0.2309 0.2132 0.0258  0.0045  -0.0248 90  TRP A CE2 
235 C CE3 . TRP A 29 ? 0.1530 0.2025 0.1922 0.0306  -0.0053 -0.0260 90  TRP A CE3 
236 C CZ2 . TRP A 29 ? 0.1986 0.2387 0.2301 0.0195  -0.0064 -0.0193 90  TRP A CZ2 
237 C CZ3 . TRP A 29 ? 0.1845 0.2273 0.2380 0.0265  -0.0176 -0.0208 90  TRP A CZ3 
238 C CH2 . TRP A 29 ? 0.1829 0.2201 0.2294 0.0202  -0.0195 -0.0154 90  TRP A CH2 
239 N N   . ASP A 30 ? 0.1708 0.2522 0.1875 0.0250  0.0053  -0.0236 91  ASP A N   
240 C CA  . ASP A 30 ? 0.1385 0.2218 0.1458 0.0191  0.0061  -0.0214 91  ASP A CA  
241 C C   . ASP A 30 ? 0.1592 0.2333 0.1703 0.0265  0.0113  -0.0272 91  ASP A C   
242 O O   . ASP A 30 ? 0.1906 0.2661 0.2096 0.0279  0.0127  -0.0377 91  ASP A O   
243 C CB  . ASP A 30 ? 0.1513 0.2499 0.1438 0.0025  0.0097  -0.0322 91  ASP A CB  
244 C CG  . ASP A 30 ? 0.2603 0.3694 0.2371 -0.0149 0.0015  -0.0234 91  ASP A CG  
245 O OD1 . ASP A 30 ? 0.2858 0.3899 0.2677 -0.0146 -0.0127 -0.0010 91  ASP A OD1 
246 O OD2 . ASP A 30 ? 0.2562 0.3793 0.2213 -0.0313 0.0087  -0.0399 91  ASP A OD2 
247 N N   . CYS A 31 ? 0.1545 0.2194 0.1666 0.0290  0.0125  -0.0203 92  CYS A N   
248 C CA  . CYS A 31 ? 0.1465 0.2028 0.1560 0.0306  0.0162  -0.0247 92  CYS A CA  
249 C C   . CYS A 31 ? 0.2017 0.2591 0.2067 0.0275  0.0178  -0.0245 92  CYS A C   
250 O O   . CYS A 31 ? 0.1655 0.2262 0.1697 0.0234  0.0164  -0.0174 92  CYS A O   
251 C CB  . CYS A 31 ? 0.2183 0.2638 0.2302 0.0301  0.0225  -0.0247 92  CYS A CB  
252 S SG  . CYS A 31 ? 0.2453 0.2890 0.2585 0.0290  0.0230  -0.0267 92  CYS A SG  
253 N N   . THR A 32 ? 0.1869 0.2412 0.1909 0.0267  0.0175  -0.0294 93  THR A N   
254 C CA  . THR A 32 ? 0.1711 0.2262 0.1727 0.0236  0.0199  -0.0307 93  THR A CA  
255 C C   . THR A 32 ? 0.1981 0.2426 0.1938 0.0202  0.0192  -0.0302 93  THR A C   
256 O O   . THR A 32 ? 0.2141 0.2551 0.2090 0.0164  0.0110  -0.0287 93  THR A O   
257 C CB  . THR A 32 ? 0.1599 0.2274 0.1728 0.0206  0.0203  -0.0410 93  THR A CB  
258 O OG1 . THR A 32 ? 0.1701 0.2495 0.1809 0.0153  0.0243  -0.0464 93  THR A OG1 
259 C CG2 . THR A 32 ? 0.1749 0.2442 0.1845 0.0156  0.0245  -0.0429 93  THR A CG2 
260 N N   . CYS A 33 ? 0.1581 0.1970 0.1494 0.0173  0.0260  -0.0301 94  CYS A N   
261 C CA  . CYS A 33 ? 0.1627 0.1935 0.1428 0.0078  0.0278  -0.0330 94  CYS A CA  
262 C C   . CYS A 33 ? 0.2096 0.2454 0.1935 0.0059  0.0183  -0.0322 94  CYS A C   
263 O O   . CYS A 33 ? 0.2043 0.2464 0.1962 0.0092  0.0215  -0.0344 94  CYS A O   
264 C CB  . CYS A 33 ? 0.1897 0.2135 0.1748 0.0051  0.0412  -0.0377 94  CYS A CB  
265 S SG  . CYS A 33 ? 0.2565 0.2721 0.2222 -0.0137 0.0484  -0.0473 94  CYS A SG  
266 N N   . ILE A 34 ? 0.2295 0.2632 0.2121 -0.0021 0.0044  -0.0273 95  ILE A N   
267 C CA  . ILE A 34 ? 0.2212 0.2597 0.2241 -0.0043 -0.0093 -0.0247 95  ILE A CA  
268 C C   . ILE A 34 ? 0.2235 0.2546 0.2050 -0.0212 -0.0140 -0.0204 95  ILE A C   
269 O O   . ILE A 34 ? 0.1950 0.2301 0.1877 -0.0213 -0.0153 -0.0226 95  ILE A O   
270 C CB  . ILE A 34 ? 0.1960 0.2371 0.2299 -0.0038 -0.0297 -0.0171 95  ILE A CB  
271 C CG1 . ILE A 34 ? 0.1909 0.2417 0.2492 0.0103  -0.0204 -0.0281 95  ILE A CG1 
272 C CG2 . ILE A 34 ? 0.1946 0.2400 0.2676 -0.0074 -0.0481 -0.0126 95  ILE A CG2 
273 C CD1 . ILE A 34 ? 0.2725 0.3249 0.3721 0.0122  -0.0370 -0.0243 95  ILE A CD1 
274 N N   . GLY A 35 ? 0.2154 0.2373 0.1634 -0.0395 -0.0142 -0.0169 96  GLY A N   
275 C CA  . GLY A 35 ? 0.2443 0.2602 0.1624 -0.0642 -0.0154 -0.0166 96  GLY A CA  
276 C C   . GLY A 35 ? 0.3053 0.3200 0.2224 -0.0843 -0.0485 0.0040  96  GLY A C   
277 O O   . GLY A 35 ? 0.3204 0.3291 0.2082 -0.1100 -0.0621 0.0160  96  GLY A O   
278 N N   . ALA A 36 ? 0.4041 0.4481 0.3368 -0.0804 -0.0280 -0.0333 97  ALA A N   
279 C CA  . ALA A 36 ? 0.3711 0.4476 0.3429 -0.0794 -0.0504 -0.0366 97  ALA A CA  
280 C C   . ALA A 36 ? 0.3969 0.4504 0.3376 -0.0887 -0.0643 -0.0241 97  ALA A C   
281 O O   . ALA A 36 ? 0.4207 0.4806 0.3801 -0.0817 -0.0883 -0.0185 97  ALA A O   
282 C CB  . ALA A 36 ? 0.3389 0.4305 0.3539 -0.0561 -0.0642 -0.0359 97  ALA A CB  
283 N N   . GLY A 37 ? 0.3765 0.3981 0.2654 -0.1049 -0.0504 -0.0198 98  GLY A N   
284 C CA  . GLY A 37 ? 0.3993 0.3952 0.2513 -0.1181 -0.0594 -0.0097 98  GLY A CA  
285 C C   . GLY A 37 ? 0.4695 0.4290 0.2952 -0.1091 -0.0615 0.0049  98  GLY A C   
286 O O   . GLY A 37 ? 0.4658 0.4008 0.2578 -0.1214 -0.0684 0.0131  98  GLY A O   
287 N N   . ARG A 38 ? 0.3836 0.3396 0.2219 -0.0908 -0.0543 0.0066  99  ARG A N   
288 C CA  . ARG A 38 ? 0.3859 0.3141 0.2032 -0.0855 -0.0558 0.0173  99  ARG A CA  
289 C C   . ARG A 38 ? 0.3726 0.2911 0.1866 -0.0717 -0.0362 0.0158  99  ARG A C   
290 O O   . ARG A 38 ? 0.3963 0.3051 0.2081 -0.0651 -0.0363 0.0207  99  ARG A O   
291 C CB  . ARG A 38 ? 0.3601 0.2980 0.2039 -0.0786 -0.0815 0.0232  99  ARG A CB  
292 C CG  . ARG A 38 ? 0.4033 0.3059 0.2121 -0.0847 -0.0879 0.0351  99  ARG A CG  
293 C CD  . ARG A 38 ? 0.4721 0.3719 0.2920 -0.0836 -0.1208 0.0425  99  ARG A CD  
294 N NE  . ARG A 38 ? 0.4566 0.3190 0.2426 -0.0899 -0.1234 0.0528  99  ARG A NE  
295 C CZ  . ARG A 38 ? 0.4718 0.3137 0.2532 -0.0934 -0.1442 0.0600  99  ARG A CZ  
296 N NH1 . ARG A 38 ? 0.4365 0.2926 0.2429 -0.0881 -0.1697 0.0602  99  ARG A NH1 
297 N NH2 . ARG A 38 ? 0.4660 0.2743 0.2184 -0.1032 -0.1389 0.0649  99  ARG A NH2 
298 N N   . GLY A 39 ? 0.3725 0.2919 0.1825 -0.0693 -0.0205 0.0084  100 GLY A N   
299 C CA  . GLY A 39 ? 0.4134 0.3239 0.2202 -0.0549 -0.0057 0.0062  100 GLY A CA  
300 C C   . GLY A 39 ? 0.3586 0.2920 0.2041 -0.0400 -0.0106 0.0059  100 GLY A C   
301 O O   . GLY A 39 ? 0.3338 0.2621 0.1789 -0.0295 -0.0033 0.0065  100 GLY A O   
302 N N   . ARG A 40 ? 0.2625 0.2222 0.1425 -0.0391 -0.0226 0.0030  101 ARG A N   
303 C CA  . ARG A 40 ? 0.2200 0.1972 0.1346 -0.0256 -0.0283 0.0022  101 ARG A CA  
304 C C   . ARG A 40 ? 0.2030 0.1851 0.1246 -0.0161 -0.0142 -0.0036 101 ARG A C   
305 O O   . ARG A 40 ? 0.2469 0.2324 0.1648 -0.0203 -0.0057 -0.0109 101 ARG A O   
306 C CB  . ARG A 40 ? 0.2251 0.2303 0.1788 -0.0241 -0.0446 -0.0033 101 ARG A CB  
307 C CG  . ARG A 40 ? 0.2961 0.3138 0.2831 -0.0091 -0.0500 -0.0053 101 ARG A CG  
308 C CD  . ARG A 40 ? 0.3294 0.3744 0.3594 -0.0030 -0.0667 -0.0138 101 ARG A CD  
309 N NE  . ARG A 40 ? 0.4304 0.4732 0.4572 -0.0089 -0.0872 -0.0093 101 ARG A NE  
310 C CZ  . ARG A 40 ? 0.5271 0.5953 0.5929 -0.0025 -0.1072 -0.0173 101 ARG A CZ  
311 N NH1 . ARG A 40 ? 0.5343 0.6320 0.6459 0.0102  -0.1062 -0.0317 101 ARG A NH1 
312 N NH2 . ARG A 40 ? 0.4280 0.4925 0.4880 -0.0082 -0.1290 -0.0122 101 ARG A NH2 
313 N N   . ILE A 41 ? 0.2237 0.2038 0.1512 -0.0060 -0.0123 -0.0006 102 ILE A N   
314 C CA  . ILE A 41 ? 0.2080 0.1933 0.1430 0.0034  -0.0026 -0.0052 102 ILE A CA  
315 C C   . ILE A 41 ? 0.2147 0.2177 0.1826 0.0104  -0.0092 -0.0069 102 ILE A C   
316 O O   . ILE A 41 ? 0.2359 0.2361 0.2099 0.0113  -0.0191 -0.0016 102 ILE A O   
317 C CB  . ILE A 41 ? 0.2474 0.2189 0.1626 0.0095  0.0061  -0.0029 102 ILE A CB  
318 C CG1 . ILE A 41 ? 0.3088 0.2580 0.1901 0.0053  0.0129  -0.0032 102 ILE A CG1 
319 C CG2 . ILE A 41 ? 0.3186 0.2984 0.2451 0.0202  0.0111  -0.0070 102 ILE A CG2 
320 C CD1 . ILE A 41 ? 0.3821 0.3214 0.2493 0.0117  0.0206  -0.0042 102 ILE A CD1 
321 N N   . SER A 42 ? 0.2015 0.2171 0.1852 0.0136  -0.0037 -0.0146 103 SER A N   
322 C CA  . SER A 42 ? 0.2388 0.2680 0.2507 0.0206  -0.0069 -0.0179 103 SER A CA  
323 C C   . SER A 42 ? 0.2135 0.2403 0.2191 0.0254  0.0021  -0.0187 103 SER A C   
324 O O   . SER A 42 ? 0.2058 0.2271 0.1959 0.0236  0.0098  -0.0219 103 SER A O   
325 C CB  . SER A 42 ? 0.1839 0.2341 0.2241 0.0186  -0.0077 -0.0299 103 SER A CB  
326 O OG  . SER A 42 ? 0.2530 0.3125 0.3171 0.0258  -0.0078 -0.0351 103 SER A OG  
327 N N   . CYS A 43 ? 0.1898 0.2175 0.2032 0.0301  -0.0007 -0.0154 104 CYS A N   
328 C CA  . CYS A 43 ? 0.1771 0.2070 0.1870 0.0340  0.0057  -0.0163 104 CYS A CA  
329 C C   . CYS A 43 ? 0.1725 0.2103 0.2021 0.0354  0.0041  -0.0197 104 CYS A C   
330 O O   . CYS A 43 ? 0.1697 0.2043 0.2093 0.0355  -0.0036 -0.0178 104 CYS A O   
331 C CB  . CYS A 43 ? 0.2866 0.3128 0.2832 0.0348  0.0074  -0.0116 104 CYS A CB  
332 S SG  . CYS A 43 ? 0.2935 0.3074 0.2645 0.0360  0.0122  -0.0107 104 CYS A SG  
333 N N   . THR A 44 ? 0.1652 0.2081 0.1958 0.0360  0.0098  -0.0244 105 THR A N   
334 C CA  . THR A 44 ? 0.1640 0.2118 0.2103 0.0358  0.0099  -0.0287 105 THR A CA  
335 C C   . THR A 44 ? 0.2084 0.2599 0.2478 0.0351  0.0137  -0.0292 105 THR A C   
336 O O   . THR A 44 ? 0.1245 0.1752 0.1499 0.0365  0.0154  -0.0292 105 THR A O   
337 C CB  . THR A 44 ? 0.1872 0.2409 0.2496 0.0337  0.0131  -0.0392 105 THR A CB  
338 O OG1 . THR A 44 ? 0.1629 0.2183 0.2392 0.0342  0.0142  -0.0446 105 THR A OG1 
339 C CG2 . THR A 44 ? 0.2006 0.2531 0.2472 0.0271  0.0215  -0.0442 105 THR A CG2 
340 N N   . ILE A 45 ? 0.1278 0.1809 0.1747 0.0330  0.0127  -0.0296 106 ILE A N   
341 C CA  . ILE A 45 ? 0.1680 0.2278 0.2115 0.0300  0.0156  -0.0319 106 ILE A CA  
342 C C   . ILE A 45 ? 0.1993 0.2554 0.2506 0.0256  0.0190  -0.0392 106 ILE A C   
343 O O   . ILE A 45 ? 0.2126 0.2713 0.2605 0.0203  0.0207  -0.0412 106 ILE A O   
344 C CB  . ILE A 45 ? 0.2066 0.2727 0.2483 0.0259  0.0145  -0.0289 106 ILE A CB  
345 C CG1 . ILE A 45 ? 0.2517 0.3024 0.2942 0.0212  0.0112  -0.0266 106 ILE A CG1 
346 C CG2 . ILE A 45 ? 0.1543 0.2302 0.1904 0.0292  0.0146  -0.0263 106 ILE A CG2 
347 C CD1 . ILE A 45 ? 0.2564 0.3077 0.2884 0.0101  0.0124  -0.0250 106 ILE A CD1 
348 N N   . ALA A 46 ? 0.1530 0.2058 0.2166 0.0272  0.0204  -0.0452 107 ALA A N   
349 C CA  . ALA A 46 ? 0.1486 0.1998 0.2240 0.0241  0.0258  -0.0562 107 ALA A CA  
350 C C   . ALA A 46 ? 0.1732 0.2255 0.2350 0.0146  0.0343  -0.0623 107 ALA A C   
351 O O   . ALA A 46 ? 0.1507 0.2001 0.2142 0.0082  0.0403  -0.0705 107 ALA A O   
352 C CB  . ALA A 46 ? 0.1657 0.2208 0.2645 0.0293  0.0255  -0.0653 107 ALA A CB  
353 N N   . ASN A 47 ? 0.1798 0.2308 0.2231 0.0126  0.0339  -0.0583 108 ASN A N   
354 C CA  . ASN A 47 ? 0.2238 0.2663 0.2442 0.0016  0.0391  -0.0630 108 ASN A CA  
355 C C   . ASN A 47 ? 0.2653 0.3029 0.2638 0.0029  0.0303  -0.0543 108 ASN A C   
356 O O   . ASN A 47 ? 0.2292 0.2521 0.1998 -0.0034 0.0280  -0.0540 108 ASN A O   
357 C CB  . ASN A 47 ? 0.2476 0.2839 0.2559 -0.0038 0.0435  -0.0668 108 ASN A CB  
358 C CG  . ASN A 47 ? 0.2506 0.3011 0.2883 -0.0032 0.0499  -0.0774 108 ASN A CG  
359 O OD1 . ASN A 47 ? 0.2964 0.3510 0.3390 0.0005  0.0471  -0.0750 108 ASN A OD1 
360 N ND2 . ASN A 47 ? 0.2050 0.2637 0.2643 -0.0058 0.0572  -0.0900 108 ASN A ND2 
361 N N   . ARG A 48 ? 0.1747 0.2243 0.1852 0.0103  0.0242  -0.0483 109 ARG A N   
362 C CA  . ARG A 48 ? 0.2122 0.2682 0.2134 0.0129  0.0154  -0.0437 109 ARG A CA  
363 C C   . ARG A 48 ? 0.1679 0.2356 0.1802 0.0069  0.0166  -0.0455 109 ARG A C   
364 O O   . ARG A 48 ? 0.1947 0.2615 0.2200 0.0048  0.0220  -0.0472 109 ARG A O   
365 C CB  . ARG A 48 ? 0.2567 0.3217 0.2616 0.0257  0.0087  -0.0380 109 ARG A CB  
366 C CG  . ARG A 48 ? 0.3234 0.3705 0.3073 0.0312  0.0045  -0.0358 109 ARG A CG  
367 C CD  . ARG A 48 ? 0.2995 0.3536 0.2871 0.0451  -0.0011 -0.0323 109 ARG A CD  
368 N NE  . ARG A 48 ? 0.3363 0.3655 0.2966 0.0510  -0.0076 -0.0302 109 ARG A NE  
369 C CZ  . ARG A 48 ? 0.3721 0.3925 0.3172 0.0607  -0.0212 -0.0295 109 ARG A CZ  
370 N NH1 . ARG A 48 ? 0.3053 0.3486 0.2658 0.0656  -0.0293 -0.0318 109 ARG A NH1 
371 N NH2 . ARG A 48 ? 0.4711 0.4582 0.3836 0.0653  -0.0283 -0.0269 109 ARG A NH2 
372 N N   . CYS A 49 ? 0.1896 0.2651 0.1936 0.0038  0.0097  -0.0452 110 CYS A N   
373 C CA  . CYS A 49 ? 0.1498 0.2382 0.1607 -0.0051 0.0107  -0.0474 110 CYS A CA  
374 C C   . CYS A 49 ? 0.1497 0.2665 0.1727 0.0005  0.0032  -0.0461 110 CYS A C   
375 O O   . CYS A 49 ? 0.1977 0.3260 0.2184 0.0073  -0.0082 -0.0462 110 CYS A O   
376 C CB  . CYS A 49 ? 0.1593 0.2385 0.1528 -0.0179 0.0098  -0.0512 110 CYS A CB  
377 S SG  . CYS A 49 ? 0.1937 0.2444 0.1745 -0.0281 0.0231  -0.0585 110 CYS A SG  
378 N N   . HIS A 50 ? 0.1454 0.2724 0.1803 -0.0028 0.0088  -0.0464 111 HIS A N   
379 C CA  . HIS A 50 ? 0.1194 0.2783 0.1675 -0.0029 0.0065  -0.0495 111 HIS A CA  
380 C C   . HIS A 50 ? 0.1832 0.3562 0.2310 -0.0204 0.0084  -0.0543 111 HIS A C   
381 O O   . HIS A 50 ? 0.1356 0.2990 0.1774 -0.0343 0.0165  -0.0547 111 HIS A O   
382 C CB  . HIS A 50 ? 0.1127 0.2718 0.1660 -0.0012 0.0129  -0.0480 111 HIS A CB  
383 C CG  . HIS A 50 ? 0.1620 0.3115 0.2149 0.0149  0.0104  -0.0443 111 HIS A CG  
384 N ND1 . HIS A 50 ? 0.1377 0.2590 0.1822 0.0177  0.0124  -0.0392 111 HIS A ND1 
385 C CD2 . HIS A 50 ? 0.1365 0.3002 0.1961 0.0289  0.0054  -0.0463 111 HIS A CD2 
386 C CE1 . HIS A 50 ? 0.1715 0.2891 0.2139 0.0296  0.0099  -0.0371 111 HIS A CE1 
387 N NE2 . HIS A 50 ? 0.1963 0.3358 0.2457 0.0374  0.0055  -0.0410 111 HIS A NE2 
388 N N   . GLU A 51 ? 0.1654 0.3565 0.2150 -0.0204 -0.0012 -0.0577 112 GLU A N   
389 C CA  . GLU A 51 ? 0.1925 0.4006 0.2413 -0.0385 -0.0012 -0.0631 112 GLU A CA  
390 C C   . GLU A 51 ? 0.2050 0.4627 0.2776 -0.0344 -0.0103 -0.0713 112 GLU A C   
391 O O   . GLU A 51 ? 0.2516 0.5208 0.3341 -0.0147 -0.0237 -0.0717 112 GLU A O   
392 C CB  . GLU A 51 ? 0.1833 0.3691 0.2120 -0.0456 -0.0057 -0.0614 112 GLU A CB  
393 C CG  . GLU A 51 ? 0.2065 0.3984 0.2265 -0.0685 -0.0027 -0.0662 112 GLU A CG  
394 C CD  . GLU A 51 ? 0.2336 0.4707 0.2683 -0.0724 -0.0153 -0.0726 112 GLU A CD  
395 O OE1 . GLU A 51 ? 0.2504 0.5103 0.2901 -0.0910 -0.0095 -0.0791 112 GLU A OE1 
396 O OE2 . GLU A 51 ? 0.2760 0.5245 0.3155 -0.0577 -0.0324 -0.0718 112 GLU A OE2 
397 N N   . GLY A 52 ? 0.1712 0.4577 0.2524 -0.0531 -0.0035 -0.0793 113 GLY A N   
398 C CA  . GLY A 52 ? 0.1628 0.5017 0.2700 -0.0519 -0.0109 -0.0908 113 GLY A CA  
399 C C   . GLY A 52 ? 0.1660 0.5200 0.2927 -0.0305 -0.0113 -0.0951 113 GLY A C   
400 O O   . GLY A 52 ? 0.1623 0.5430 0.3076 -0.0186 -0.0203 -0.1028 113 GLY A O   
401 N N   . GLY A 53 ? 0.1271 0.4623 0.2492 -0.0261 -0.0017 -0.0908 114 GLY A N   
402 C CA  . GLY A 53 ? 0.1372 0.4787 0.2714 -0.0086 -0.0008 -0.0947 114 GLY A CA  
403 C C   . GLY A 53 ? 0.2390 0.5648 0.3746 0.0192  -0.0151 -0.0888 114 GLY A C   
404 O O   . GLY A 53 ? 0.2290 0.5512 0.3699 0.0344  -0.0149 -0.0908 114 GLY A O   
405 N N   . GLN A 54 ? 0.1635 0.4758 0.2887 0.0232  -0.0279 -0.0822 115 GLN A N   
406 C CA  . GLN A 54 ? 0.1832 0.4697 0.2971 0.0457  -0.0427 -0.0756 115 GLN A CA  
407 C C   . GLN A 54 ? 0.1501 0.3863 0.2358 0.0423  -0.0324 -0.0635 115 GLN A C   
408 O O   . GLN A 54 ? 0.1905 0.4153 0.2697 0.0257  -0.0178 -0.0606 115 GLN A O   
409 C CB  . GLN A 54 ? 0.1611 0.4406 0.2627 0.0484  -0.0633 -0.0733 115 GLN A CB  
410 C CG  . GLN A 54 ? 0.2133 0.5292 0.3367 0.0460  -0.0708 -0.0824 115 GLN A CG  
411 C CD  . GLN A 54 ? 0.2359 0.5661 0.3809 0.0672  -0.0764 -0.0899 115 GLN A CD  
412 O OE1 . GLN A 54 ? 0.2766 0.5836 0.4147 0.0852  -0.0791 -0.0869 115 GLN A OE1 
413 N NE2 . GLN A 54 ? 0.2630 0.6315 0.4332 0.0640  -0.0776 -0.1012 115 GLN A NE2 
414 N N   . SER A 55 ? 0.2749 0.3547 0.2687 -0.0266 0.0900  -0.1157 116 SER A N   
415 C CA  . SER A 55 ? 0.2515 0.3120 0.2296 -0.0315 0.0848  -0.1128 116 SER A CA  
416 C C   . SER A 55 ? 0.2854 0.3051 0.2809 -0.0165 0.0793  -0.1084 116 SER A C   
417 O O   . SER A 55 ? 0.3324 0.3424 0.3566 -0.0041 0.0770  -0.1183 116 SER A O   
418 C CB  . SER A 55 ? 0.2959 0.3739 0.2719 -0.0374 0.0857  -0.1333 116 SER A CB  
419 O OG  . SER A 55 ? 0.3128 0.3709 0.2775 -0.0416 0.0796  -0.1315 116 SER A OG  
420 N N   . TYR A 56 ? 0.2014 0.1993 0.1838 -0.0189 0.0740  -0.0878 117 TYR A N   
421 C CA  . TYR A 56 ? 0.2120 0.1782 0.2083 -0.0063 0.0672  -0.0763 117 TYR A CA  
422 C C   . TYR A 56 ? 0.2887 0.2336 0.2778 -0.0100 0.0615  -0.0680 117 TYR A C   
423 O O   . TYR A 56 ? 0.2584 0.2088 0.2292 -0.0234 0.0594  -0.0623 117 TYR A O   
424 C CB  . TYR A 56 ? 0.2121 0.1746 0.2048 -0.0040 0.0633  -0.0581 117 TYR A CB  
425 C CG  . TYR A 56 ? 0.2381 0.2181 0.2436 0.0012  0.0663  -0.0635 117 TYR A CG  
426 C CD1 . TYR A 56 ? 0.2737 0.2500 0.3057 0.0140  0.0650  -0.0676 117 TYR A CD1 
427 C CD2 . TYR A 56 ? 0.2325 0.2341 0.2314 -0.0076 0.0683  -0.0611 117 TYR A CD2 
428 C CE1 . TYR A 56 ? 0.2676 0.2604 0.3174 0.0186  0.0663  -0.0710 117 TYR A CE1 
429 C CE2 . TYR A 56 ? 0.2483 0.2668 0.2633 -0.0029 0.0706  -0.0652 117 TYR A CE2 
430 C CZ  . TYR A 56 ? 0.2590 0.2725 0.2986 0.0105  0.0698  -0.0712 117 TYR A CZ  
431 O OH  . TYR A 56 ? 0.3313 0.3616 0.3924 0.0150  0.0706  -0.0738 117 TYR A OH  
432 N N   . LYS A 57 ? 0.2577 0.1809 0.2661 0.0007  0.0576  -0.0632 118 LYS A N   
433 C CA  . LYS A 57 ? 0.2361 0.1385 0.2439 -0.0012 0.0523  -0.0518 118 LYS A CA  
434 C C   . LYS A 57 ? 0.2772 0.1702 0.2777 0.0006  0.0503  -0.0297 118 LYS A C   
435 O O   . LYS A 57 ? 0.2516 0.1520 0.2507 0.0056  0.0515  -0.0246 118 LYS A O   
436 C CB  . LYS A 57 ? 0.3022 0.1945 0.3412 0.0078  0.0467  -0.0554 118 LYS A CB  
437 C CG  . LYS A 57 ? 0.3493 0.2562 0.4013 0.0071  0.0473  -0.0818 118 LYS A CG  
438 C CD  . LYS A 57 ? 0.4098 0.3074 0.4903 0.0112  0.0384  -0.0837 118 LYS A CD  
439 C CE  . LYS A 57 ? 0.5455 0.4410 0.6644 0.0220  0.0330  -0.0734 118 LYS A CE  
440 N NZ  . LYS A 57 ? 0.6644 0.5604 0.8213 0.0238  0.0264  -0.0850 118 LYS A NZ  
441 N N   . ILE A 58 ? 0.2410 0.1209 0.2388 -0.0042 0.0477  -0.0192 119 ILE A N   
442 C CA  . ILE A 58 ? 0.2140 0.0968 0.2091 -0.0029 0.0465  -0.0042 119 ILE A CA  
443 C C   . ILE A 58 ? 0.2402 0.1228 0.2423 0.0071  0.0489  0.0043  119 ILE A C   
444 O O   . ILE A 58 ? 0.2452 0.1267 0.2644 0.0121  0.0441  0.0097  119 ILE A O   
445 C CB  . ILE A 58 ? 0.2707 0.1569 0.2713 -0.0067 0.0383  0.0043  119 ILE A CB  
446 C CG1 . ILE A 58 ? 0.3067 0.1944 0.3026 -0.0179 0.0342  0.0033  119 ILE A CG1 
447 C CG2 . ILE A 58 ? 0.2709 0.1638 0.2743 -0.0036 0.0407  0.0121  119 ILE A CG2 
448 C CD1 . ILE A 58 ? 0.4068 0.2979 0.4112 -0.0213 0.0220  0.0120  119 ILE A CD1 
449 N N   . GLY A 59 ? 0.2509 0.1437 0.2421 0.0085  0.0524  0.0059  120 GLY A N   
450 C CA  . GLY A 59 ? 0.2299 0.1357 0.2223 0.0148  0.0517  0.0167  120 GLY A CA  
451 C C   . GLY A 59 ? 0.2849 0.2022 0.2815 0.0192  0.0478  0.0136  120 GLY A C   
452 O O   . GLY A 59 ? 0.2648 0.1994 0.2584 0.0215  0.0448  0.0237  120 GLY A O   
453 N N   . ASP A 60 ? 0.2347 0.1476 0.2392 0.0191  0.0477  0.0000  121 ASP A N   
454 C CA  . ASP A 60 ? 0.2349 0.1604 0.2487 0.0232  0.0454  -0.0053 121 ASP A CA  
455 C C   . ASP A 60 ? 0.2311 0.1718 0.2274 0.0202  0.0451  -0.0072 121 ASP A C   
456 O O   . ASP A 60 ? 0.2640 0.2035 0.2466 0.0139  0.0479  -0.0133 121 ASP A O   
457 C CB  . ASP A 60 ? 0.2404 0.1664 0.2639 0.0220  0.0492  -0.0241 121 ASP A CB  
458 C CG  . ASP A 60 ? 0.3199 0.2352 0.3717 0.0265  0.0482  -0.0311 121 ASP A CG  
459 O OD1 . ASP A 60 ? 0.2608 0.1663 0.3329 0.0315  0.0423  -0.0161 121 ASP A OD1 
460 O OD2 . ASP A 60 ? 0.2364 0.1573 0.2931 0.0241  0.0532  -0.0525 121 ASP A OD2 
461 N N   . THR A 61 ? 0.2485 0.2040 0.2519 0.0243  0.0397  -0.0019 122 THR A N   
462 C CA  . THR A 61 ? 0.2917 0.2625 0.2841 0.0213  0.0373  -0.0083 122 THR A CA  
463 C C   . THR A 61 ? 0.2954 0.2746 0.3073 0.0242  0.0353  -0.0137 122 THR A C   
464 O O   . THR A 61 ? 0.2553 0.2332 0.2926 0.0303  0.0340  -0.0106 122 THR A O   
465 C CB  . THR A 61 ? 0.3273 0.3168 0.3069 0.0209  0.0311  0.0018  122 THR A CB  
466 O OG1 . THR A 61 ? 0.3105 0.3101 0.3079 0.0253  0.0226  0.0198  122 THR A OG1 
467 C CG2 . THR A 61 ? 0.2622 0.2509 0.2253 0.0182  0.0360  0.0060  122 THR A CG2 
468 N N   . TRP A 62 ? 0.2496 0.2382 0.2576 0.0199  0.0352  -0.0225 123 TRP A N   
469 C CA  . TRP A 62 ? 0.2167 0.2177 0.2453 0.0220  0.0343  -0.0268 123 TRP A CA  
470 C C   . TRP A 62 ? 0.2264 0.2411 0.2524 0.0175  0.0280  -0.0293 123 TRP A C   
471 O O   . TRP A 62 ? 0.2174 0.2308 0.2283 0.0124  0.0253  -0.0330 123 TRP A O   
472 C CB  . TRP A 62 ? 0.2038 0.2052 0.2408 0.0196  0.0449  -0.0383 123 TRP A CB  
473 C CG  . TRP A 62 ? 0.2256 0.2273 0.2464 0.0087  0.0487  -0.0411 123 TRP A CG  
474 C CD1 . TRP A 62 ? 0.2333 0.2509 0.2597 0.0009  0.0493  -0.0418 123 TRP A CD1 
475 C CD2 . TRP A 62 ? 0.1699 0.1574 0.1750 0.0031  0.0503  -0.0386 123 TRP A CD2 
476 N NE1 . TRP A 62 ? 0.2305 0.2454 0.2479 -0.0099 0.0497  -0.0373 123 TRP A NE1 
477 C CE2 . TRP A 62 ? 0.2099 0.2056 0.2140 -0.0084 0.0502  -0.0362 123 TRP A CE2 
478 C CE3 . TRP A 62 ? 0.2231 0.1930 0.2200 0.0061  0.0505  -0.0352 123 TRP A CE3 
479 C CZ2 . TRP A 62 ? 0.2050 0.1913 0.2026 -0.0172 0.0492  -0.0302 123 TRP A CZ2 
480 C CZ3 . TRP A 62 ? 0.2464 0.2062 0.2336 -0.0017 0.0513  -0.0323 123 TRP A CZ3 
481 C CH2 . TRP A 62 ? 0.1857 0.1533 0.1742 -0.0131 0.0501  -0.0297 123 TRP A CH2 
482 N N   . ARG A 63 ? 0.1788 0.2071 0.2262 0.0197  0.0251  -0.0298 124 ARG A N   
483 C CA  . ARG A 63 ? 0.1689 0.2108 0.2210 0.0152  0.0172  -0.0324 124 ARG A CA  
484 C C   . ARG A 63 ? 0.1693 0.2214 0.2405 0.0112  0.0240  -0.0369 124 ARG A C   
485 O O   . ARG A 63 ? 0.2558 0.3139 0.3421 0.0145  0.0332  -0.0395 124 ARG A O   
486 C CB  . ARG A 63 ? 0.2083 0.2642 0.2711 0.0192  0.0042  -0.0239 124 ARG A CB  
487 C CG  . ARG A 63 ? 0.3130 0.3682 0.3586 0.0212  -0.0016 -0.0126 124 ARG A CG  
488 C CD  . ARG A 63 ? 0.4773 0.5545 0.5225 0.0193  -0.0179 -0.0024 124 ARG A CD  
489 N NE  . ARG A 63 ? 0.5478 0.6343 0.5652 0.0162  -0.0224 0.0078  124 ARG A NE  
490 C CZ  . ARG A 63 ? 0.4681 0.5825 0.4731 0.0108  -0.0371 0.0184  124 ARG A CZ  
491 N NH1 . ARG A 63 ? 0.3272 0.4576 0.3479 0.0087  -0.0502 0.0196  124 ARG A NH1 
492 N NH2 . ARG A 63 ? 0.5297 0.6607 0.5067 0.0061  -0.0389 0.0290  124 ARG A NH2 
493 N N   . ARG A 64 ? 0.1761 0.2332 0.2510 0.0031  0.0195  -0.0386 125 ARG A N   
494 C CA  . ARG A 64 ? 0.2036 0.2768 0.2989 -0.0036 0.0247  -0.0365 125 ARG A CA  
495 C C   . ARG A 64 ? 0.1825 0.2641 0.2977 -0.0089 0.0117  -0.0357 125 ARG A C   
496 O O   . ARG A 64 ? 0.1571 0.2294 0.2665 -0.0101 0.0013  -0.0419 125 ARG A O   
497 C CB  . ARG A 64 ? 0.2531 0.3245 0.3383 -0.0129 0.0336  -0.0332 125 ARG A CB  
498 C CG  . ARG A 64 ? 0.3270 0.3826 0.4074 -0.0191 0.0260  -0.0313 125 ARG A CG  
499 C CD  . ARG A 64 ? 0.3939 0.4597 0.4885 -0.0336 0.0266  -0.0186 125 ARG A CD  
500 N NE  . ARG A 64 ? 0.4932 0.5834 0.6158 -0.0401 0.0239  -0.0103 125 ARG A NE  
501 C CZ  . ARG A 64 ? 0.6312 0.7499 0.7584 -0.0492 0.0331  0.0008  125 ARG A CZ  
502 N NH1 . ARG A 64 ? 0.6517 0.7780 0.7542 -0.0533 0.0448  0.0013  125 ARG A NH1 
503 N NH2 . ARG A 64 ? 0.6087 0.7524 0.7653 -0.0554 0.0306  0.0105  125 ARG A NH2 
504 N N   . PRO A 65 ? 0.2285 0.3306 0.3713 -0.0124 0.0125  -0.0304 126 PRO A N   
505 C CA  . PRO A 65 ? 0.2044 0.3138 0.3734 -0.0171 -0.0026 -0.0298 126 PRO A CA  
506 C C   . PRO A 65 ? 0.2338 0.3378 0.4171 -0.0281 -0.0089 -0.0274 126 PRO A C   
507 O O   . PRO A 65 ? 0.1616 0.2665 0.3422 -0.0355 -0.0004 -0.0174 126 PRO A O   
508 C CB  . PRO A 65 ? 0.1880 0.3231 0.3873 -0.0181 0.0022  -0.0219 126 PRO A CB  
509 C CG  . PRO A 65 ? 0.2413 0.3875 0.4299 -0.0191 0.0228  -0.0197 126 PRO A CG  
510 C CD  . PRO A 65 ? 0.1884 0.3116 0.3428 -0.0125 0.0275  -0.0277 126 PRO A CD  
511 N N   . HIS A 66 ? 0.1807 0.3954 0.3395 -0.0261 0.0896  -0.0066 127 HIS A N   
512 C CA  . HIS A 66 ? 0.2094 0.3945 0.3483 -0.0437 0.0667  0.0148  127 HIS A CA  
513 C C   . HIS A 66 ? 0.2811 0.4997 0.4399 -0.0660 0.0850  0.0483  127 HIS A C   
514 O O   . HIS A 66 ? 0.2403 0.4963 0.4555 -0.0719 0.0990  0.0555  127 HIS A O   
515 C CB  . HIS A 66 ? 0.1669 0.3126 0.3249 -0.0511 0.0290  0.0144  127 HIS A CB  
516 C CG  . HIS A 66 ? 0.2053 0.3186 0.3499 -0.0673 0.0023  0.0327  127 HIS A CG  
517 N ND1 . HIS A 66 ? 0.2177 0.3408 0.3865 -0.0902 -0.0044 0.0682  127 HIS A ND1 
518 C CD2 . HIS A 66 ? 0.2041 0.2742 0.3198 -0.0642 -0.0209 0.0189  127 HIS A CD2 
519 C CE1 . HIS A 66 ? 0.2534 0.3379 0.4027 -0.1002 -0.0322 0.0781  127 HIS A CE1 
520 N NE2 . HIS A 66 ? 0.2343 0.2868 0.3556 -0.0840 -0.0445 0.0476  127 HIS A NE2 
521 N N   . GLU A 67 ? 0.3695 0.5701 0.4823 -0.0798 0.0838  0.0671  128 GLU A N   
522 C CA  . GLU A 67 ? 0.5782 0.8033 0.6885 -0.1050 0.1115  0.0959  128 GLU A CA  
523 C C   . GLU A 67 ? 0.4787 0.7293 0.6614 -0.1235 0.1120  0.1151  128 GLU A C   
524 O O   . GLU A 67 ? 0.4303 0.7102 0.6435 -0.1302 0.1441  0.1119  128 GLU A O   
525 C CB  . GLU A 67 ? 0.7569 0.9358 0.7992 -0.1224 0.0937  0.1192  128 GLU A CB  
526 C CG  . GLU A 67 ? 0.9167 1.0517 0.9007 -0.1026 0.0675  0.0995  128 GLU A CG  
527 C CD  . GLU A 67 ? 1.0234 1.1764 0.9687 -0.0845 0.0976  0.0753  128 GLU A CD  
528 O OE1 . GLU A 67 ? 1.0703 1.2725 1.0370 -0.0843 0.1408  0.0696  128 GLU A OE1 
529 O OE2 . GLU A 67 ? 1.0386 1.1560 0.9380 -0.0696 0.0761  0.0590  128 GLU A OE2 
530 N N   . THR A 68 ? 0.4099 0.6305 0.6149 -0.1265 0.0715  0.1220  129 THR A N   
531 C CA  . THR A 68 ? 0.4015 0.6308 0.6607 -0.1473 0.0633  0.1441  129 THR A CA  
532 C C   . THR A 68 ? 0.2599 0.4741 0.5610 -0.1343 0.0296  0.1291  129 THR A C   
533 O O   . THR A 68 ? 0.3295 0.5522 0.6718 -0.1367 0.0259  0.1296  129 THR A O   
534 C CB  . THR A 68 ? 0.4887 0.6808 0.7127 -0.1718 0.0448  0.1751  129 THR A CB  
535 O OG1 . THR A 68 ? 0.4843 0.6263 0.6639 -0.1603 0.0079  0.1658  129 THR A OG1 
536 C CG2 . THR A 68 ? 0.4922 0.6884 0.6645 -0.1900 0.0811  0.1910  129 THR A CG2 
537 N N   . GLY A 69 ? 0.2507 0.4373 0.5334 -0.1212 0.0064  0.1118  130 GLY A N   
538 C CA  . GLY A 69 ? 0.3221 0.4772 0.6166 -0.1106 -0.0235 0.0942  130 GLY A CA  
539 C C   . GLY A 69 ? 0.4215 0.5950 0.7485 -0.0977 -0.0189 0.0799  130 GLY A C   
540 O O   . GLY A 69 ? 0.3861 0.5302 0.7183 -0.0947 -0.0444 0.0758  130 GLY A O   
541 N N   . GLY A 70 ? 0.3086 0.5249 0.6511 -0.0888 0.0123  0.0716  131 GLY A N   
542 C CA  . GLY A 70 ? 0.2238 0.4543 0.5993 -0.0756 0.0118  0.0571  131 GLY A CA  
543 C C   . GLY A 70 ? 0.2829 0.4861 0.6375 -0.0587 -0.0020 0.0341  131 GLY A C   
544 O O   . GLY A 70 ? 0.3851 0.5855 0.7624 -0.0487 -0.0128 0.0250  131 GLY A O   
545 N N   . TYR A 71 ? 0.1347 0.3121 0.4480 -0.0566 -0.0035 0.0224  132 TYR A N   
546 C CA  . TYR A 71 ? 0.1213 0.2597 0.3915 -0.0406 -0.0090 -0.0082 132 TYR A CA  
547 C C   . TYR A 71 ? 0.1286 0.2809 0.3582 -0.0239 0.0236  -0.0274 132 TYR A C   
548 O O   . TYR A 71 ? 0.1436 0.3279 0.3706 -0.0264 0.0452  -0.0155 132 TYR A O   
549 C CB  . TYR A 71 ? 0.1683 0.2396 0.3975 -0.0508 -0.0386 -0.0191 132 TYR A CB  
550 C CG  . TYR A 71 ? 0.2037 0.2617 0.4131 -0.0607 -0.0411 -0.0139 132 TYR A CG  
551 C CD1 . TYR A 71 ? 0.2130 0.2673 0.4342 -0.0742 -0.0565 0.0121  132 TYR A CD1 
552 C CD2 . TYR A 71 ? 0.1848 0.2288 0.3517 -0.0501 -0.0269 -0.0366 132 TYR A CD2 
553 C CE1 . TYR A 71 ? 0.2255 0.2637 0.4275 -0.0801 -0.0620 0.0170  132 TYR A CE1 
554 C CE2 . TYR A 71 ? 0.1448 0.1729 0.3016 -0.0580 -0.0374 -0.0324 132 TYR A CE2 
555 C CZ  . TYR A 71 ? 0.1685 0.1937 0.3454 -0.0746 -0.0568 -0.0039 132 TYR A CZ  
556 O OH  . TYR A 71 ? 0.2199 0.2251 0.3819 -0.0783 -0.0684 0.0009  132 TYR A OH  
557 N N   . MET A 72 ? 0.2044 0.1872 0.2184 -0.0060 0.0017  0.0338  133 MET A N   
558 C CA  . MET A 72 ? 0.2528 0.2210 0.2769 -0.0037 0.0012  0.0351  133 MET A CA  
559 C C   . MET A 72 ? 0.2609 0.2529 0.2717 -0.0070 0.0083  0.0236  133 MET A C   
560 O O   . MET A 72 ? 0.1765 0.2049 0.1760 -0.0162 0.0119  0.0164  133 MET A O   
561 C CB  . MET A 72 ? 0.2128 0.1787 0.2625 -0.0158 -0.0126 0.0617  133 MET A CB  
562 C CG  . MET A 72 ? 0.2119 0.1654 0.2830 -0.0115 -0.0200 0.0620  133 MET A CG  
563 S SD  . MET A 72 ? 0.2857 0.2215 0.3568 0.0042  -0.0105 0.0304  133 MET A SD  
564 C CE  . MET A 72 ? 0.2799 0.2185 0.3779 0.0019  -0.0133 0.0281  133 MET A CE  
565 N N   . LEU A 73 ? 0.1773 0.1536 0.1933 -0.0003 0.0108  0.0176  134 LEU A N   
566 C CA  . LEU A 73 ? 0.1867 0.1814 0.1966 -0.0033 0.0157  0.0088  134 LEU A CA  
567 C C   . LEU A 73 ? 0.1892 0.1869 0.2068 -0.0140 0.0094  0.0264  134 LEU A C   
568 O O   . LEU A 73 ? 0.2299 0.2045 0.2679 -0.0123 0.0027  0.0367  134 LEU A O   
569 C CB  . LEU A 73 ? 0.2094 0.1869 0.2228 0.0101  0.0208  -0.0069 134 LEU A CB  
570 C CG  . LEU A 73 ? 0.2314 0.2008 0.2493 0.0204  0.0221  -0.0175 134 LEU A CG  
571 C CD1 . LEU A 73 ? 0.2739 0.2340 0.2971 0.0258  0.0193  -0.0189 134 LEU A CD1 
572 C CD2 . LEU A 73 ? 0.1730 0.1696 0.1979 0.0186  0.0251  -0.0335 134 LEU A CD2 
573 N N   . GLU A 74 ? 0.1860 0.2154 0.1949 -0.0257 0.0113  0.0271  135 GLU A N   
574 C CA  . GLU A 74 ? 0.1545 0.1862 0.1728 -0.0349 0.0055  0.0425  135 GLU A CA  
575 C C   . GLU A 74 ? 0.1854 0.2118 0.1993 -0.0254 0.0144  0.0226  135 GLU A C   
576 O O   . GLU A 74 ? 0.1602 0.2069 0.1653 -0.0235 0.0224  0.0028  135 GLU A O   
577 C CB  . GLU A 74 ? 0.1920 0.2715 0.2037 -0.0603 -0.0013 0.0639  135 GLU A CB  
578 C CG  . GLU A 74 ? 0.2698 0.3529 0.2951 -0.0704 -0.0086 0.0820  135 GLU A CG  
579 C CD  . GLU A 74 ? 0.5021 0.6382 0.5185 -0.0962 -0.0186 0.1034  135 GLU A CD  
580 O OE1 . GLU A 74 ? 0.5523 0.6965 0.5804 -0.1042 -0.0366 0.1270  135 GLU A OE1 
581 O OE2 . GLU A 74 ? 0.5941 0.7639 0.5933 -0.1037 -0.0115 0.0898  135 GLU A OE2 
582 N N   . CYS A 75 ? 0.1919 0.1941 0.2202 -0.0200 0.0120  0.0251  136 CYS A N   
583 C CA  . CYS A 75 ? 0.1943 0.1914 0.2198 -0.0124 0.0187  0.0097  136 CYS A CA  
584 C C   . CYS A 75 ? 0.2088 0.2118 0.2437 -0.0212 0.0150  0.0197  136 CYS A C   
585 O O   . CYS A 75 ? 0.1649 0.1636 0.2215 -0.0294 0.0049  0.0385  136 CYS A O   
586 C CB  . CYS A 75 ? 0.2025 0.1755 0.2345 -0.0005 0.0209  -0.0012 136 CYS A CB  
587 S SG  . CYS A 75 ? 0.2679 0.2343 0.2923 0.0086  0.0230  -0.0088 136 CYS A SG  
588 N N   . VAL A 76 ? 0.1301 0.1432 0.1568 -0.0200 0.0209  0.0088  137 VAL A N   
589 C CA  . VAL A 76 ? 0.1236 0.1439 0.1580 -0.0282 0.0181  0.0170  137 VAL A CA  
590 C C   . VAL A 76 ? 0.1695 0.1781 0.2047 -0.0185 0.0238  0.0013  137 VAL A C   
591 O O   . VAL A 76 ? 0.1623 0.1739 0.1887 -0.0114 0.0291  -0.0125 137 VAL A O   
592 C CB  . VAL A 76 ? 0.1319 0.1924 0.1530 -0.0437 0.0194  0.0215  137 VAL A CB  
593 C CG1 . VAL A 76 ? 0.1754 0.2434 0.2060 -0.0536 0.0150  0.0341  137 VAL A CG1 
594 C CG2 . VAL A 76 ? 0.2860 0.3741 0.3017 -0.0594 0.0135  0.0383  137 VAL A CG2 
595 N N   . CYS A 77 ? 0.1759 0.1742 0.2290 -0.0197 0.0207  0.0038  138 CYS A N   
596 C CA  . CYS A 77 ? 0.1411 0.1365 0.1939 -0.0143 0.0258  -0.0105 138 CYS A CA  
597 C C   . CYS A 77 ? 0.1292 0.1395 0.1740 -0.0188 0.0280  -0.0100 138 CYS A C   
598 O O   . CYS A 77 ? 0.1808 0.1984 0.2348 -0.0281 0.0237  0.0019  138 CYS A O   
599 C CB  . CYS A 77 ? 0.1433 0.1292 0.2256 -0.0145 0.0234  -0.0174 138 CYS A CB  
600 S SG  . CYS A 77 ? 0.1647 0.1612 0.2438 -0.0132 0.0303  -0.0366 138 CYS A SG  
601 N N   . LEU A 78 ? 0.1301 0.1465 0.1647 -0.0136 0.0325  -0.0208 139 LEU A N   
602 C CA  . LEU A 78 ? 0.1700 0.2026 0.2028 -0.0169 0.0349  -0.0254 139 LEU A CA  
603 C C   . LEU A 78 ? 0.2210 0.2493 0.2583 -0.0150 0.0355  -0.0293 139 LEU A C   
604 O O   . LEU A 78 ? 0.2243 0.2619 0.2630 -0.0196 0.0366  -0.0294 139 LEU A O   
605 C CB  . LEU A 78 ? 0.1240 0.1698 0.1604 -0.0128 0.0371  -0.0382 139 LEU A CB  
606 C CG  . LEU A 78 ? 0.1797 0.2404 0.2137 -0.0159 0.0386  -0.0425 139 LEU A CG  
607 C CD1 . LEU A 78 ? 0.1903 0.2696 0.2457 -0.0118 0.0409  -0.0652 139 LEU A CD1 
608 C CD2 . LEU A 78 ? 0.2047 0.2909 0.2273 -0.0318 0.0391  -0.0325 139 LEU A CD2 
609 N N   . GLY A 79 ? 0.1720 0.1935 0.2107 -0.0111 0.0345  -0.0322 140 GLY A N   
610 C CA  . GLY A 79 ? 0.2031 0.2315 0.2444 -0.0134 0.0346  -0.0360 140 GLY A CA  
611 C C   . GLY A 79 ? 0.1841 0.2210 0.2297 -0.0121 0.0312  -0.0344 140 GLY A C   
612 O O   . GLY A 79 ? 0.1449 0.1868 0.1959 -0.0123 0.0252  -0.0284 140 GLY A O   
613 N N   . ASN A 80 ? 0.1896 0.2315 0.2398 -0.0124 0.0331  -0.0383 141 ASN A N   
614 C CA  . ASN A 80 ? 0.2110 0.2614 0.2795 -0.0106 0.0288  -0.0410 141 ASN A CA  
615 C C   . ASN A 80 ? 0.2343 0.2905 0.3086 -0.0144 0.0215  -0.0312 141 ASN A C   
616 O O   . ASN A 80 ? 0.1970 0.2583 0.2973 -0.0139 0.0112  -0.0243 141 ASN A O   
617 C CB  . ASN A 80 ? 0.2276 0.2796 0.3182 -0.0052 0.0249  -0.0468 141 ASN A CB  
618 C CG  . ASN A 80 ? 0.2771 0.3396 0.3627 -0.0063 0.0328  -0.0604 141 ASN A CG  
619 O OD1 . ASN A 80 ? 0.2961 0.3714 0.3702 -0.0128 0.0388  -0.0642 141 ASN A OD1 
620 N ND2 . ASN A 80 ? 0.2755 0.3394 0.3700 -0.0030 0.0321  -0.0660 141 ASN A ND2 
621 N N   . GLY A 81 ? 0.1890 0.2502 0.2470 -0.0206 0.0252  -0.0309 142 GLY A N   
622 C CA  . GLY A 81 ? 0.1321 0.2138 0.1900 -0.0302 0.0195  -0.0231 142 GLY A CA  
623 C C   . GLY A 81 ? 0.1761 0.2724 0.2357 -0.0372 0.0103  -0.0084 142 GLY A C   
624 O O   . GLY A 81 ? 0.1683 0.2930 0.2299 -0.0507 0.0017  0.0053  142 GLY A O   
625 N N   . LYS A 82 ? 0.1388 0.2219 0.1974 -0.0312 0.0109  -0.0086 143 LYS A N   
626 C CA  . LYS A 82 ? 0.1667 0.2630 0.2314 -0.0380 0.0001  0.0088  143 LYS A CA  
627 C C   . LYS A 82 ? 0.1412 0.2369 0.1881 -0.0383 0.0074  0.0005  143 LYS A C   
628 O O   . LYS A 82 ? 0.1620 0.2676 0.2122 -0.0435 -0.0007 0.0142  143 LYS A O   
629 C CB  . LYS A 82 ? 0.2114 0.2920 0.3109 -0.0294 -0.0119 0.0194  143 LYS A CB  
630 C CG  . LYS A 82 ? 0.3458 0.4253 0.4810 -0.0269 -0.0210 0.0228  143 LYS A CG  
631 C CD  . LYS A 82 ? 0.3804 0.4440 0.5594 -0.0145 -0.0265 0.0139  143 LYS A CD  
632 C CE  . LYS A 82 ? 0.4252 0.4903 0.6534 -0.0105 -0.0342 0.0066  143 LYS A CE  
633 N NZ  . LYS A 82 ? 0.3937 0.4502 0.6699 0.0006  -0.0366 -0.0142 143 LYS A NZ  
634 N N   . GLY A 83 ? 0.1518 0.2363 0.1878 -0.0334 0.0201  -0.0201 144 GLY A N   
635 C CA  . GLY A 83 ? 0.1073 0.1899 0.1374 -0.0329 0.0257  -0.0303 144 GLY A CA  
636 C C   . GLY A 83 ? 0.1584 0.2155 0.1910 -0.0220 0.0230  -0.0231 144 GLY A C   
637 O O   . GLY A 83 ? 0.1739 0.2324 0.2030 -0.0228 0.0232  -0.0234 144 GLY A O   
638 N N   . GLU A 84 ? 0.1452 0.1852 0.1856 -0.0134 0.0216  -0.0206 145 GLU A N   
639 C CA  . GLU A 84 ? 0.1663 0.1941 0.2165 -0.0057 0.0183  -0.0178 145 GLU A CA  
640 C C   . GLU A 84 ? 0.1346 0.1494 0.1759 -0.0011 0.0255  -0.0256 145 GLU A C   
641 O O   . GLU A 84 ? 0.1590 0.1727 0.1956 -0.0030 0.0300  -0.0293 145 GLU A O   
642 C CB  . GLU A 84 ? 0.1978 0.2277 0.2724 -0.0022 0.0130  -0.0184 145 GLU A CB  
643 C CG  . GLU A 84 ? 0.3284 0.3544 0.4262 0.0051  0.0109  -0.0265 145 GLU A CG  
644 C CD  . GLU A 84 ? 0.4449 0.4786 0.5871 0.0078  0.0029  -0.0326 145 GLU A CD  
645 O OE1 . GLU A 84 ? 0.2567 0.2980 0.4005 0.0068  0.0077  -0.0433 145 GLU A OE1 
646 O OE2 . GLU A 84 ? 0.5099 0.5431 0.6933 0.0104  -0.0100 -0.0266 145 GLU A OE2 
647 N N   . TRP A 85 ? 0.1327 0.1412 0.1748 0.0029  0.0241  -0.0244 146 TRP A N   
648 C CA  . TRP A 85 ? 0.1553 0.1579 0.1903 0.0040  0.0283  -0.0273 146 TRP A CA  
649 C C   . TRP A 85 ? 0.1982 0.2053 0.2426 0.0080  0.0273  -0.0328 146 TRP A C   
650 O O   . TRP A 85 ? 0.1496 0.1580 0.2147 0.0123  0.0218  -0.0346 146 TRP A O   
651 C CB  . TRP A 85 ? 0.1437 0.1367 0.1734 0.0030  0.0290  -0.0248 146 TRP A CB  
652 C CG  . TRP A 85 ? 0.1925 0.1838 0.2215 0.0054  0.0264  -0.0231 146 TRP A CG  
653 C CD1 . TRP A 85 ? 0.2330 0.2178 0.2623 0.0097  0.0250  -0.0213 146 TRP A CD1 
654 C CD2 . TRP A 85 ? 0.1438 0.1477 0.1720 0.0003  0.0240  -0.0213 146 TRP A CD2 
655 N NE1 . TRP A 85 ? 0.1888 0.1762 0.2191 0.0092  0.0215  -0.0173 146 TRP A NE1 
656 C CE2 . TRP A 85 ? 0.2535 0.2565 0.2820 0.0015  0.0205  -0.0159 146 TRP A CE2 
657 C CE3 . TRP A 85 ? 0.1439 0.1672 0.1707 -0.0084 0.0245  -0.0237 146 TRP A CE3 
658 C CZ2 . TRP A 85 ? 0.2443 0.2683 0.2706 -0.0077 0.0162  -0.0094 146 TRP A CZ2 
659 C CZ3 . TRP A 85 ? 0.1763 0.2256 0.1994 -0.0191 0.0211  -0.0193 146 TRP A CZ3 
660 C CH2 . TRP A 85 ? 0.2568 0.3078 0.2793 -0.0197 0.0166  -0.0106 146 TRP A CH2 
661 N N   . THR A 86 ? 0.1475 0.1618 0.1834 0.0044  0.0309  -0.0348 147 THR A N   
662 C CA  A THR A 86 ? 0.1545 0.1830 0.1995 0.0055  0.0321  -0.0462 147 THR A CA  
663 C CA  B THR A 86 ? 0.1659 0.1952 0.2103 0.0051  0.0323  -0.0462 147 THR A CA  
664 C C   . THR A 86 ? 0.1804 0.2035 0.2117 0.0033  0.0318  -0.0376 147 THR A C   
665 O O   . THR A 86 ? 0.2028 0.2183 0.2232 -0.0020 0.0301  -0.0233 147 THR A O   
666 C CB  A THR A 86 ? 0.1932 0.2566 0.2433 -0.0031 0.0375  -0.0622 147 THR A CB  
667 C CB  B THR A 86 ? 0.1963 0.2618 0.2424 -0.0048 0.0379  -0.0607 147 THR A CB  
668 O OG1 A THR A 86 ? 0.1720 0.2596 0.2377 -0.0038 0.0403  -0.0826 147 THR A OG1 
669 O OG1 B THR A 86 ? 0.2249 0.2998 0.2493 -0.0177 0.0380  -0.0437 147 THR A OG1 
670 C CG2 A THR A 86 ? 0.1895 0.2676 0.2165 -0.0173 0.0388  -0.0476 147 THR A CG2 
671 C CG2 B THR A 86 ? 0.1951 0.2702 0.2615 -0.0029 0.0388  -0.0746 147 THR A CG2 
672 N N   . CYS A 87 ? 0.1624 0.1896 0.2033 0.0076  0.0317  -0.0468 148 CYS A N   
673 C CA  . CYS A 87 ? 0.1252 0.1488 0.1548 0.0059  0.0310  -0.0395 148 CYS A CA  
674 C C   . CYS A 87 ? 0.1294 0.1838 0.1686 0.0023  0.0346  -0.0585 148 CYS A C   
675 O O   . CYS A 87 ? 0.1470 0.2117 0.2125 0.0065  0.0342  -0.0779 148 CYS A O   
676 C CB  . CYS A 87 ? 0.1777 0.1733 0.2100 0.0154  0.0270  -0.0325 148 CYS A CB  
677 S SG  . CYS A 87 ? 0.2764 0.2515 0.3014 0.0155  0.0252  -0.0207 148 CYS A SG  
678 N N   . LYS A 88 ? 0.1063 0.1761 0.1299 -0.0073 0.0349  -0.0510 149 LYS A N   
679 C CA  . LYS A 88 ? 0.1082 0.2184 0.1387 -0.0146 0.0396  -0.0722 149 LYS A CA  
680 C C   . LYS A 88 ? 0.1398 0.2455 0.1546 -0.0188 0.0359  -0.0553 149 LYS A C   
681 O O   . LYS A 88 ? 0.1169 0.2008 0.1184 -0.0221 0.0292  -0.0266 149 LYS A O   
682 C CB  . LYS A 88 ? 0.1726 0.3357 0.1958 -0.0346 0.0423  -0.0810 149 LYS A CB  
683 C CG  . LYS A 88 ? 0.1849 0.3695 0.1801 -0.0554 0.0388  -0.0480 149 LYS A CG  
684 C CD  . LYS A 88 ? 0.2915 0.5268 0.2780 -0.0774 0.0344  -0.0513 149 LYS A CD  
685 C CE  . LYS A 88 ? 0.3834 0.6274 0.3532 -0.0960 0.0227  -0.0082 149 LYS A CE  
686 N NZ  . LYS A 88 ? 0.4618 0.7610 0.4216 -0.1190 0.0141  -0.0094 149 LYS A NZ  
687 N N   . PRO A 89 ? 0.1266 0.2549 0.1512 -0.0191 0.0393  -0.0753 150 PRO A N   
688 C CA  . PRO A 89 ? 0.1539 0.2799 0.1636 -0.0240 0.0353  -0.0584 150 PRO A CA  
689 C C   . PRO A 89 ? 0.2202 0.3928 0.2079 -0.0510 0.0319  -0.0374 150 PRO A C   
690 O O   . PRO A 89 ? 0.1853 0.4070 0.1701 -0.0677 0.0331  -0.0492 150 PRO A O   
691 C CB  . PRO A 89 ? 0.1613 0.3006 0.1926 -0.0183 0.0376  -0.0870 150 PRO A CB  
692 C CG  . PRO A 89 ? 0.1326 0.2964 0.1879 -0.0235 0.0356  -0.1114 150 PRO A CG  
693 C CD  . PRO A 89 ? 0.1126 0.2526 0.1685 -0.0163 0.0362  -0.1035 150 PRO A CD  
694 N N   . ILE A 90 ? 0.2105 0.3627 0.1898 -0.0555 0.0214  -0.0036 151 ILE A N   
695 C CA  . ILE A 90 ? 0.2085 0.4060 0.1761 -0.0844 0.0116  0.0272  151 ILE A CA  
696 C C   . ILE A 90 ? 0.3002 0.4936 0.2671 -0.0875 0.0043  0.0432  151 ILE A C   
697 O O   . ILE A 90 ? 0.2282 0.3804 0.2017 -0.0659 0.0079  0.0291  151 ILE A O   
698 C CB  . ILE A 90 ? 0.2136 0.3914 0.1896 -0.0922 -0.0019 0.0651  151 ILE A CB  
699 C CG1 . ILE A 90 ? 0.2431 0.3485 0.2408 -0.0692 -0.0081 0.0747  151 ILE A CG1 
700 C CG2 . ILE A 90 ? 0.1961 0.3877 0.1691 -0.0938 0.0045  0.0520  151 ILE A CG2 
701 C CD1 . ILE A 90 ? 0.3357 0.4252 0.3611 -0.0779 -0.0264 0.1104  151 ILE A CD1 
702 O OXT . ILE A 90 ? 0.3158 0.5389 0.2816 -0.1071 -0.0115 0.0680  151 ILE A OXT 
706 N N   . SER B 2  ? 0.2636 0.3285 0.4498 0.0233  -0.0344 -0.0668 175 SER B N   
707 C CA  . SER B 2  ? 0.3173 0.3772 0.4734 0.0227  -0.0452 -0.0518 175 SER B CA  
708 C C   . SER B 2  ? 0.3819 0.4253 0.5028 0.0254  -0.0598 -0.0403 175 SER B C   
709 O O   . SER B 2  ? 0.3946 0.4296 0.5068 0.0249  -0.0568 -0.0372 175 SER B O   
710 C CB  . SER B 2  ? 0.3760 0.4330 0.5168 0.0142  -0.0281 -0.0396 175 SER B CB  
711 O OG  . SER B 2  ? 0.3875 0.4447 0.5079 0.0127  -0.0372 -0.0294 175 SER B OG  
712 N N   . ILE B 3  ? 0.3005 0.3361 0.3998 0.0277  -0.0737 -0.0353 176 ILE B N   
713 C CA  . ILE B 3  ? 0.3145 0.3291 0.3741 0.0255  -0.0802 -0.0235 176 ILE B CA  
714 C C   . ILE B 3  ? 0.2660 0.2836 0.3103 0.0146  -0.0705 -0.0121 176 ILE B C   
715 O O   . ILE B 3  ? 0.3093 0.3278 0.3480 0.0132  -0.0737 -0.0107 176 ILE B O   
716 C CB  . ILE B 3  ? 0.2841 0.2772 0.3202 0.0355  -0.0997 -0.0269 176 ILE B CB  
717 C CG1 . ILE B 3  ? 0.3711 0.3622 0.4231 0.0504  -0.1138 -0.0423 176 ILE B CG1 
718 C CG2 . ILE B 3  ? 0.3603 0.3245 0.3504 0.0295  -0.0995 -0.0152 176 ILE B CG2 
719 C CD1 . ILE B 3  ? 0.4734 0.4542 0.5168 0.0506  -0.1121 -0.0401 176 ILE B CD1 
720 N N   . SER B 4  ? 0.2547 0.2746 0.2938 0.0085  -0.0597 -0.0062 177 SER B N   
721 C CA  . SER B 4  ? 0.3359 0.3627 0.3659 0.0011  -0.0524 -0.0004 177 SER B CA  
722 C C   . SER B 4  ? 0.3238 0.3394 0.3283 -0.0062 -0.0548 0.0031  177 SER B C   
723 O O   . SER B 4  ? 0.3373 0.3586 0.3364 -0.0126 -0.0519 0.0038  177 SER B O   
724 C CB  . SER B 4  ? 0.3611 0.3930 0.3952 0.0016  -0.0415 0.0007  177 SER B CB  
725 O OG  . SER B 4  ? 0.3910 0.4256 0.4447 0.0059  -0.0336 -0.0040 177 SER B OG  
726 N N   . TYR B 5  ? 0.2469 0.2455 0.2363 -0.0061 -0.0581 0.0034  178 TYR B N   
727 C CA  . TYR B 5  ? 0.2456 0.2263 0.2081 -0.0150 -0.0561 0.0045  178 TYR B CA  
728 C C   . TYR B 5  ? 0.2869 0.2365 0.2249 -0.0097 -0.0644 0.0049  178 TYR B C   
729 O O   . TYR B 5  ? 0.3078 0.2565 0.2556 0.0011  -0.0724 0.0027  178 TYR B O   
730 C CB  . TYR B 5  ? 0.2843 0.2717 0.2472 -0.0211 -0.0487 0.0029  178 TYR B CB  
731 C CG  . TYR B 5  ? 0.2975 0.3102 0.2787 -0.0202 -0.0446 0.0005  178 TYR B CG  
732 C CD1 . TYR B 5  ? 0.3164 0.3413 0.2991 -0.0276 -0.0408 -0.0049 178 TYR B CD1 
733 C CD2 . TYR B 5  ? 0.2632 0.2833 0.2568 -0.0111 -0.0438 0.0017  178 TYR B CD2 
734 C CE1 . TYR B 5  ? 0.3106 0.3549 0.3052 -0.0226 -0.0406 -0.0089 178 TYR B CE1 
735 C CE2 . TYR B 5  ? 0.3028 0.3354 0.3015 -0.0071 -0.0406 -0.0004 178 TYR B CE2 
736 C CZ  . TYR B 5  ? 0.3126 0.3576 0.3110 -0.0114 -0.0411 -0.0057 178 TYR B CZ  
737 O OH  . TYR B 5  ? 0.3344 0.3885 0.3334 -0.0035 -0.0413 -0.0096 178 TYR B OH  
738 N N   . THR B 6  ? 0.3382 0.2592 0.2422 -0.0168 -0.0615 0.0059  179 THR B N   
739 C CA  . THR B 6  ? 0.3287 0.2087 0.1965 -0.0089 -0.0700 0.0064  179 THR B CA  
740 C C   . THR B 6  ? 0.3538 0.2087 0.1956 -0.0157 -0.0625 0.0072  179 THR B C   
741 O O   . THR B 6  ? 0.4211 0.2313 0.2201 -0.0111 -0.0661 0.0081  179 THR B O   
742 C CB  . THR B 6  ? 0.3966 0.2446 0.2287 -0.0091 -0.0715 0.0073  179 THR B CB  
743 O OG1 . THR B 6  ? 0.4532 0.3037 0.2799 -0.0278 -0.0539 0.0072  179 THR B OG1 
744 C CG2 . THR B 6  ? 0.3934 0.2594 0.2471 0.0031  -0.0846 0.0049  179 THR B CG2 
745 N N   . ASP B 7  ? 0.3297 0.2093 0.1934 -0.0252 -0.0525 0.0058  180 ASP B N   
746 C CA  . ASP B 7  ? 0.3501 0.2101 0.1952 -0.0312 -0.0457 0.0050  180 ASP B CA  
747 C C   . ASP B 7  ? 0.3176 0.2100 0.1952 -0.0307 -0.0445 0.0033  180 ASP B C   
748 O O   . ASP B 7  ? 0.3518 0.2775 0.2609 -0.0271 -0.0461 0.0028  180 ASP B O   
749 C CB  . ASP B 7  ? 0.4732 0.3120 0.2932 -0.0500 -0.0277 0.0005  180 ASP B CB  
750 C CG  . ASP B 7  ? 0.5999 0.4759 0.4510 -0.0620 -0.0181 -0.0066 180 ASP B CG  
751 O OD1 . ASP B 7  ? 0.5271 0.4430 0.4149 -0.0572 -0.0228 -0.0084 180 ASP B OD1 
752 O OD2 . ASP B 7  ? 0.8084 0.6698 0.6440 -0.0754 -0.0053 -0.0117 180 ASP B OD2 
753 N N   . GLU B 8  ? 0.3331 0.2102 0.1976 -0.0331 -0.0412 0.0026  181 GLU B N   
754 C CA  . GLU B 8  ? 0.3340 0.2369 0.2232 -0.0333 -0.0390 0.0001  181 GLU B CA  
755 C C   . GLU B 8  ? 0.3840 0.2690 0.2552 -0.0442 -0.0291 -0.0044 181 GLU B C   
756 O O   . GLU B 8  ? 0.4085 0.2548 0.2441 -0.0496 -0.0241 -0.0036 181 GLU B O   
757 C CB  . GLU B 8  ? 0.3714 0.2828 0.2767 -0.0185 -0.0492 0.0039  181 GLU B CB  
758 C CG  . GLU B 8  ? 0.4803 0.3621 0.3648 -0.0094 -0.0583 0.0059  181 GLU B CG  
759 C CD  . GLU B 8  ? 0.5683 0.4643 0.4780 0.0038  -0.0664 0.0045  181 GLU B CD  
760 O OE1 . GLU B 8  ? 0.4704 0.3937 0.4087 0.0045  -0.0618 0.0039  181 GLU B OE1 
761 O OE2 . GLU B 8  ? 0.5767 0.4537 0.4758 0.0140  -0.0765 0.0026  181 GLU B OE2 
762 N N   . ILE B 9  ? 0.3115 0.2218 0.2046 -0.0470 -0.0257 -0.0106 182 ILE B N   
763 C CA  A ILE B 9  ? 0.3837 0.2851 0.2691 -0.0575 -0.0162 -0.0183 182 ILE B CA  
764 C CA  B ILE B 9  ? 0.4040 0.3064 0.2902 -0.0575 -0.0162 -0.0185 182 ILE B CA  
765 C C   . ILE B 9  ? 0.4150 0.3241 0.3097 -0.0474 -0.0230 -0.0155 182 ILE B C   
766 O O   . ILE B 9  ? 0.3955 0.3277 0.3111 -0.0365 -0.0302 -0.0135 182 ILE B O   
767 C CB  A ILE B 9  ? 0.4607 0.3882 0.3672 -0.0701 -0.0064 -0.0346 182 ILE B CB  
768 C CB  B ILE B 9  ? 0.4536 0.3839 0.3625 -0.0689 -0.0074 -0.0346 182 ILE B CB  
769 C CG1 A ILE B 9  ? 0.5140 0.4263 0.4071 -0.0853 0.0066  -0.0404 182 ILE B CG1 
770 C CG1 B ILE B 9  ? 0.4882 0.4136 0.3916 -0.0806 0.0018  -0.0395 182 ILE B CG1 
771 C CG2 A ILE B 9  ? 0.4799 0.4099 0.3913 -0.0776 0.0008  -0.0466 182 ILE B CG2 
772 C CG2 B ILE B 9  ? 0.4943 0.4202 0.4024 -0.0802 0.0031  -0.0471 182 ILE B CG2 
773 C CD1 A ILE B 9  ? 0.5178 0.4447 0.4204 -0.0798 0.0001  -0.0357 182 ILE B CD1 
774 C CD1 B ILE B 9  ? 0.5793 0.4604 0.4461 -0.0957 0.0175  -0.0408 182 ILE B CD1 
775 N N   . GLU B 10 ? 0.3945 0.2786 0.2692 -0.0511 -0.0193 -0.0152 183 GLU B N   
776 C CA  . GLU B 10 ? 0.4033 0.2934 0.2859 -0.0432 -0.0241 -0.0138 183 GLU B CA  
777 C C   . GLU B 10 ? 0.3846 0.2685 0.2618 -0.0556 -0.0135 -0.0241 183 GLU B C   
778 O O   . GLU B 10 ? 0.4005 0.2590 0.2558 -0.0696 -0.0011 -0.0289 183 GLU B O   
779 C CB  . GLU B 10 ? 0.4095 0.2761 0.2763 -0.0317 -0.0330 -0.0036 183 GLU B CB  
780 C CG  . GLU B 10 ? 0.5540 0.4299 0.4332 -0.0196 -0.0429 0.0019  183 GLU B CG  
781 C CD  . GLU B 10 ? 0.6702 0.5267 0.5400 -0.0071 -0.0535 0.0055  183 GLU B CD  
782 O OE1 . GLU B 10 ? 0.6960 0.5300 0.5466 -0.0066 -0.0539 0.0059  183 GLU B OE1 
783 O OE2 . GLU B 10 ? 0.5859 0.4507 0.4700 0.0028  -0.0617 0.0056  183 GLU B OE2 
784 N N   . GLU B 11 ? 0.3338 0.2377 0.2288 -0.0506 -0.0167 -0.0289 184 GLU B N   
785 C CA  . GLU B 11 ? 0.3461 0.2445 0.2381 -0.0606 -0.0081 -0.0397 184 GLU B CA  
786 C C   . GLU B 11 ? 0.3359 0.2405 0.2341 -0.0485 -0.0165 -0.0362 184 GLU B C   
787 O O   . GLU B 11 ? 0.3192 0.2317 0.2239 -0.0338 -0.0263 -0.0267 184 GLU B O   
788 C CB  . GLU B 11 ? 0.3734 0.2979 0.2886 -0.0724 0.0000  -0.0610 184 GLU B CB  
789 C CG  . GLU B 11 ? 0.4241 0.3866 0.3677 -0.0594 -0.0120 -0.0678 184 GLU B CG  
790 C CD  . GLU B 11 ? 0.5622 0.5518 0.5308 -0.0694 -0.0064 -0.0925 184 GLU B CD  
791 O OE1 . GLU B 11 ? 0.5837 0.5622 0.5489 -0.0892 0.0101  -0.1020 184 GLU B OE1 
792 O OE2 . GLU B 11 ? 0.5543 0.5735 0.5443 -0.0568 -0.0181 -0.1040 184 GLU B OE2 
793 N N   . GLU B 12 ? 0.3487 0.2478 0.2442 -0.0554 -0.0105 -0.0448 185 GLU B N   
794 C CA  . GLU B 12 ? 0.3432 0.2443 0.2409 -0.0446 -0.0174 -0.0416 185 GLU B CA  
795 C C   . GLU B 12 ? 0.4031 0.3321 0.3207 -0.0298 -0.0278 -0.0448 185 GLU B C   
796 O O   . GLU B 12 ? 0.3119 0.2641 0.2461 -0.0304 -0.0292 -0.0587 185 GLU B O   
797 C CB  . GLU B 12 ? 0.3722 0.2668 0.2675 -0.0561 -0.0084 -0.0542 185 GLU B CB  
798 C CG  . GLU B 12 ? 0.5097 0.3629 0.3724 -0.0665 0.0018  -0.0474 185 GLU B CG  
799 C CD  . GLU B 12 ? 0.6166 0.4611 0.4768 -0.0825 0.0164  -0.0631 185 GLU B CD  
800 O OE1 . GLU B 12 ? 0.5168 0.3911 0.4044 -0.0815 0.0141  -0.0782 185 GLU B OE1 
801 O OE2 . GLU B 12 ? 0.7205 0.5250 0.5484 -0.0953 0.0305  -0.0615 185 GLU B OE2 
802 N N   . ASP B 13 ? 0.3618 0.2846 0.2746 -0.0157 -0.0343 -0.0335 186 ASP B N   
803 C CA  . ASP B 13 ? 0.3419 0.2770 0.2604 -0.0001 -0.0415 -0.0353 186 ASP B CA  
804 C C   . ASP B 13 ? 0.3115 0.2591 0.2361 0.0025  -0.0452 -0.0521 186 ASP B C   
805 O O   . ASP B 13 ? 0.3200 0.2629 0.2445 -0.0066 -0.0410 -0.0577 186 ASP B O   
806 C CB  . ASP B 13 ? 0.4066 0.3255 0.3159 0.0111  -0.0421 -0.0220 186 ASP B CB  
807 C CG  . ASP B 13 ? 0.5332 0.4451 0.4439 0.0111  -0.0400 -0.0109 186 ASP B CG  
808 O OD1 . ASP B 13 ? 0.4765 0.3967 0.3927 0.0071  -0.0400 -0.0114 186 ASP B OD1 
809 O OD2 . ASP B 13 ? 0.6202 0.5198 0.5292 0.0158  -0.0386 -0.0038 186 ASP B OD2 
810 N N   . TYR B 14 ? 0.3104 0.2711 0.2385 0.0165  -0.0539 -0.0614 187 TYR B N   
811 C CA  . TYR B 14 ? 0.3269 0.3013 0.2619 0.0239  -0.0621 -0.0818 187 TYR B CA  
812 C C   . TYR B 14 ? 0.3288 0.2868 0.2509 0.0294  -0.0626 -0.0767 187 TYR B C   
813 O O   . TYR B 14 ? 0.3353 0.3026 0.2656 0.0293  -0.0662 -0.0932 187 TYR B O   
814 C CB  . TYR B 14 ? 0.3279 0.3104 0.2587 0.0446  -0.0751 -0.0917 187 TYR B CB  
815 C CG  . TYR B 14 ? 0.3723 0.3277 0.2725 0.0659  -0.0798 -0.0798 187 TYR B CG  
816 C CD1 . TYR B 14 ? 0.4053 0.3395 0.2884 0.0692  -0.0723 -0.0600 187 TYR B CD1 
817 C CD2 . TYR B 14 ? 0.4081 0.3563 0.2951 0.0822  -0.0899 -0.0905 187 TYR B CD2 
818 C CE1 . TYR B 14 ? 0.4166 0.3195 0.2685 0.0862  -0.0709 -0.0510 187 TYR B CE1 
819 C CE2 . TYR B 14 ? 0.4233 0.3378 0.2743 0.1015  -0.0911 -0.0798 187 TYR B CE2 
820 C CZ  . TYR B 14 ? 0.4372 0.3275 0.2698 0.1023  -0.0797 -0.0599 187 TYR B CZ  
821 O OH  . TYR B 14 ? 0.4387 0.2897 0.2329 0.1189  -0.0757 -0.0512 187 TYR B OH  
822 N N   . ASP B 15 ? 0.3327 0.2675 0.2378 0.0338  -0.0583 -0.0562 188 ASP B N   
823 C CA  . ASP B 15 ? 0.4195 0.3372 0.3123 0.0384  -0.0573 -0.0503 188 ASP B CA  
824 C C   . ASP B 15 ? 0.4629 0.3683 0.3559 0.0245  -0.0484 -0.0375 188 ASP B C   
825 O O   . ASP B 15 ? 0.4895 0.3786 0.3729 0.0283  -0.0464 -0.0293 188 ASP B O   
826 C CB  . ASP B 15 ? 0.3542 0.2506 0.2246 0.0572  -0.0584 -0.0414 188 ASP B CB  
827 C CG  . ASP B 15 ? 0.5618 0.4475 0.4295 0.0558  -0.0499 -0.0266 188 ASP B CG  
828 O OD1 . ASP B 15 ? 0.3984 0.2960 0.2812 0.0438  -0.0473 -0.0239 188 ASP B OD1 
829 O OD2 . ASP B 15 ? 0.5602 0.4233 0.4097 0.0666  -0.0444 -0.0193 188 ASP B OD2 
# 
